data_1KJ7
# 
_entry.id   1KJ7 
# 
_audit_conform.dict_name       mmcif_pdbx.dic 
_audit_conform.dict_version    5.376 
_audit_conform.dict_location   http://mmcif.pdb.org/dictionaries/ascii/mmcif_pdbx.dic 
# 
loop_
_database_2.database_id 
_database_2.database_code 
_database_2.pdbx_database_accession 
_database_2.pdbx_DOI 
PDB   1KJ7         pdb_00001kj7 10.2210/pdb1kj7/pdb 
RCSB  RCSB015009   ?            ?                   
WWPDB D_1000015009 ?            ?                   
# 
loop_
_pdbx_database_related.db_name 
_pdbx_database_related.db_id 
_pdbx_database_related.details 
_pdbx_database_related.content_type 
PDB 1F7A 'HOW DOES A SYMMETRIC DIMER RECOGNIZE AN ASYMMETRIC SUBSTRATE? A SUBSTRATE COMPLEX OF HIV-1 PROTEASE' unspecified 
PDB 1KJ4 
;SUBSTRATE SHAPE DETERMINES SPECIFICITY OF RECOGNITION RECOGNITION FOR HIV-1 PROTEASE: ANALYSIS OF CRYSTAL STRUCTURES OF SIX SUBSTRATE COMPLEXES
;
unspecified 
PDB 1KJF 
;SUBSTRATE SHAPE DETERMINES SPECIFICITY OF RECOGNITION RECOGNITION FOR HIV-1 PROTEASE: ANALYSIS OF CRYSTAL STRUCTURES OF SIX SUBSTRATE COMPLEXES
;
unspecified 
PDB 1KJG 
;SUBSTRATE SHAPE DETERMINES SPECIFICITY OF RECOGNITION RECOGNITION FOR HIV-1 PROTEASE: ANALYSIS OF CRYSTAL STRUCTURES OF SIX SUBSTRATE COMPLEXES
;
unspecified 
PDB 1KJH 
;SUBSTRATE SHAPE DETERMINES SPECIFICITY OF RECOGNITION RECOGNITION FOR HIV-1 PROTEASE: ANALYSIS OF CRYSTAL STRUCTURES OF SIX SUBSTRATE COMPLEXES
;
unspecified 
# 
_pdbx_database_status.status_code                     REL 
_pdbx_database_status.entry_id                        1KJ7 
_pdbx_database_status.recvd_initial_deposition_date   2001-12-04 
_pdbx_database_status.deposit_site                    RCSB 
_pdbx_database_status.process_site                    RCSB 
_pdbx_database_status.SG_entry                        . 
_pdbx_database_status.pdb_format_compatible           Y 
_pdbx_database_status.status_code_mr                  ? 
_pdbx_database_status.status_code_sf                  ? 
_pdbx_database_status.status_code_cs                  ? 
_pdbx_database_status.status_code_nmr_data            ? 
_pdbx_database_status.methods_development_category    ? 
# 
_audit_author.name           'Schiffer, C.A.' 
_audit_author.pdbx_ordinal   1 
# 
_citation.id                        primary 
_citation.title                     
;Substrate shape determines specificity of recognition for HIV-1 protease: analysis of crystal structures of six substrate complexes.
;
_citation.journal_abbrev            Structure 
_citation.journal_volume            10 
_citation.page_first                369 
_citation.page_last                 381 
_citation.year                      2002 
_citation.journal_id_ASTM           STRUE6 
_citation.country                   UK 
_citation.journal_id_ISSN           0969-2126 
_citation.journal_id_CSD            2005 
_citation.book_publisher            ? 
_citation.pdbx_database_id_PubMed   12005435 
_citation.pdbx_database_id_DOI      '10.1016/S0969-2126(02)00720-7' 
# 
loop_
_citation_author.citation_id 
_citation_author.name 
_citation_author.ordinal 
_citation_author.identifier_ORCID 
primary 'Prabu-Jeyabalan, M.' 1 ? 
primary 'Nalivaika, E.'       2 ? 
primary 'Schiffer, C.A.'      3 ? 
# 
_cell.entry_id           1KJ7 
_cell.length_a           51.511 
_cell.length_b           59.426 
_cell.length_c           61.735 
_cell.angle_alpha        90.00 
_cell.angle_beta         90.00 
_cell.angle_gamma        90.00 
_cell.Z_PDB              8 
_cell.pdbx_unique_axis   ? 
# 
_symmetry.entry_id                         1KJ7 
_symmetry.space_group_name_H-M             'P 21 21 21' 
_symmetry.pdbx_full_space_group_name_H-M   ? 
_symmetry.cell_setting                     ? 
_symmetry.Int_Tables_number                19 
# 
loop_
_entity.id 
_entity.type 
_entity.src_method 
_entity.pdbx_description 
_entity.formula_weight 
_entity.pdbx_number_of_molecules 
_entity.pdbx_ec 
_entity.pdbx_mutation 
_entity.pdbx_fragment 
_entity.details 
1 polymer     man 'POL POLYPROTEIN' 10800.777 2  3.4.23.16 D25N,Q7K 'HIV-1 PROTEASE, RESIDUES 57-155'                     ? 
2 polymer     syn 'gag polyprotein' 1119.338  1  ?         ?        'P2-NUCLEOCAPSID SUBSTRATE PEPTIDE, RESIDUES 372-381' ? 
3 non-polymer syn 'ACETATE ION'     59.044    5  ?         ?        ?                                                     ? 
4 water       nat water             18.015    73 ?         ?        ?                                                     ? 
# 
loop_
_entity_poly.entity_id 
_entity_poly.type 
_entity_poly.nstd_linkage 
_entity_poly.nstd_monomer 
_entity_poly.pdbx_seq_one_letter_code 
_entity_poly.pdbx_seq_one_letter_code_can 
_entity_poly.pdbx_strand_id 
_entity_poly.pdbx_target_identifier 
1 'polypeptide(L)' no no 
;PQITLWKRPLVTIRIGGQLKEALLNTGADDTVLEEMNLPGKWKPKMIGGIGGFIKVRQYDQIPVEICGHKAIGTVLVGPT
PVNIIGRNLLTQIGCTLNF
;
;PQITLWKRPLVTIRIGGQLKEALLNTGADDTVLEEMNLPGKWKPKMIGGIGGFIKVRQYDQIPVEICGHKAIGTVLVGPT
PVNIIGRNLLTQIGCTLNF
;
A,B ? 
2 'polypeptide(L)' no no PATIMMQRGN                                                                                             
PATIMMQRGN                                                                                             P   ? 
# 
loop_
_entity_poly_seq.entity_id 
_entity_poly_seq.num 
_entity_poly_seq.mon_id 
_entity_poly_seq.hetero 
1 1  PRO n 
1 2  GLN n 
1 3  ILE n 
1 4  THR n 
1 5  LEU n 
1 6  TRP n 
1 7  LYS n 
1 8  ARG n 
1 9  PRO n 
1 10 LEU n 
1 11 VAL n 
1 12 THR n 
1 13 ILE n 
1 14 ARG n 
1 15 ILE n 
1 16 GLY n 
1 17 GLY n 
1 18 GLN n 
1 19 LEU n 
1 20 LYS n 
1 21 GLU n 
1 22 ALA n 
1 23 LEU n 
1 24 LEU n 
1 25 ASN n 
1 26 THR n 
1 27 GLY n 
1 28 ALA n 
1 29 ASP n 
1 30 ASP n 
1 31 THR n 
1 32 VAL n 
1 33 LEU n 
1 34 GLU n 
1 35 GLU n 
1 36 MET n 
1 37 ASN n 
1 38 LEU n 
1 39 PRO n 
1 40 GLY n 
1 41 LYS n 
1 42 TRP n 
1 43 LYS n 
1 44 PRO n 
1 45 LYS n 
1 46 MET n 
1 47 ILE n 
1 48 GLY n 
1 49 GLY n 
1 50 ILE n 
1 51 GLY n 
1 52 GLY n 
1 53 PHE n 
1 54 ILE n 
1 55 LYS n 
1 56 VAL n 
1 57 ARG n 
1 58 GLN n 
1 59 TYR n 
1 60 ASP n 
1 61 GLN n 
1 62 ILE n 
1 63 PRO n 
1 64 VAL n 
1 65 GLU n 
1 66 ILE n 
1 67 CYS n 
1 68 GLY n 
1 69 HIS n 
1 70 LYS n 
1 71 ALA n 
1 72 ILE n 
1 73 GLY n 
1 74 THR n 
1 75 VAL n 
1 76 LEU n 
1 77 VAL n 
1 78 GLY n 
1 79 PRO n 
1 80 THR n 
1 81 PRO n 
1 82 VAL n 
1 83 ASN n 
1 84 ILE n 
1 85 ILE n 
1 86 GLY n 
1 87 ARG n 
1 88 ASN n 
1 89 LEU n 
1 90 LEU n 
1 91 THR n 
1 92 GLN n 
1 93 ILE n 
1 94 GLY n 
1 95 CYS n 
1 96 THR n 
1 97 LEU n 
1 98 ASN n 
1 99 PHE n 
2 1  PRO n 
2 2  ALA n 
2 3  THR n 
2 4  ILE n 
2 5  MET n 
2 6  MET n 
2 7  GLN n 
2 8  ARG n 
2 9  GLY n 
2 10 ASN n 
# 
_entity_src_gen.entity_id                          1 
_entity_src_gen.pdbx_src_id                        1 
_entity_src_gen.pdbx_alt_source_flag               sample 
_entity_src_gen.pdbx_seq_type                      ? 
_entity_src_gen.pdbx_beg_seq_num                   ? 
_entity_src_gen.pdbx_end_seq_num                   ? 
_entity_src_gen.gene_src_common_name               ? 
_entity_src_gen.gene_src_genus                     Lentivirus 
_entity_src_gen.pdbx_gene_src_gene                 POL 
_entity_src_gen.gene_src_species                   ? 
_entity_src_gen.gene_src_strain                    ? 
_entity_src_gen.gene_src_tissue                    ? 
_entity_src_gen.gene_src_tissue_fraction           ? 
_entity_src_gen.gene_src_details                   ? 
_entity_src_gen.pdbx_gene_src_fragment             ? 
_entity_src_gen.pdbx_gene_src_scientific_name      'Human immunodeficiency virus 1' 
_entity_src_gen.pdbx_gene_src_ncbi_taxonomy_id     11676 
_entity_src_gen.pdbx_gene_src_variant              ? 
_entity_src_gen.pdbx_gene_src_cell_line            ? 
_entity_src_gen.pdbx_gene_src_atcc                 ? 
_entity_src_gen.pdbx_gene_src_organ                ? 
_entity_src_gen.pdbx_gene_src_organelle            ? 
_entity_src_gen.pdbx_gene_src_cell                 ? 
_entity_src_gen.pdbx_gene_src_cellular_location    ? 
_entity_src_gen.host_org_common_name               ? 
_entity_src_gen.pdbx_host_org_scientific_name      'Escherichia coli' 
_entity_src_gen.pdbx_host_org_ncbi_taxonomy_id     562 
_entity_src_gen.host_org_genus                     Escherichia 
_entity_src_gen.pdbx_host_org_gene                 ? 
_entity_src_gen.pdbx_host_org_organ                ? 
_entity_src_gen.host_org_species                   ? 
_entity_src_gen.pdbx_host_org_tissue               ? 
_entity_src_gen.pdbx_host_org_tissue_fraction      ? 
_entity_src_gen.pdbx_host_org_strain               ? 
_entity_src_gen.pdbx_host_org_variant              ? 
_entity_src_gen.pdbx_host_org_cell_line            ? 
_entity_src_gen.pdbx_host_org_atcc                 ? 
_entity_src_gen.pdbx_host_org_culture_collection   ? 
_entity_src_gen.pdbx_host_org_cell                 ? 
_entity_src_gen.pdbx_host_org_organelle            ? 
_entity_src_gen.pdbx_host_org_cellular_location    ? 
_entity_src_gen.pdbx_host_org_vector_type          ? 
_entity_src_gen.pdbx_host_org_vector               ? 
_entity_src_gen.host_org_details                   ? 
_entity_src_gen.expression_system_id               ? 
_entity_src_gen.plasmid_name                       ? 
_entity_src_gen.plasmid_details                    ? 
_entity_src_gen.pdbx_description                   ? 
# 
loop_
_struct_ref.id 
_struct_ref.db_name 
_struct_ref.db_code 
_struct_ref.entity_id 
_struct_ref.pdbx_seq_one_letter_code 
_struct_ref.pdbx_align_begin 
_struct_ref.pdbx_db_accession 
_struct_ref.pdbx_db_isoform 
1 UNP POL_HV1A2 1 
;FFREDLAFLQGKAREFSSEQTRANSPTRRELQVWGGENNSLSEAGADRQGTVSFNFPQITLWQRPLVTIRIGGQLKEALL
DTGADDTVLEEMNLPGKWKPKMIGGIGGFIKVRQYDQIPVEICGHKAIGTVLVGPTPVNIIGRNLLTQIGCTLNFPISPI
ETVPVKLKPGMDGPKVKQWPLTEEKIKALVEICTEMEKEGKISKIGPENPYNTPVFAIKKKDSTKWRKLVDFRELNKRTQ
DFWEVQLGIPHPAGLKKKKSVTVLDVGDAYFSVPLDKDFRKYTAFTIPSINNETPGIRYQYNVLPQGWKGSPAIFQSSMT
KILEPFRKQNPDIVIYQYMDDLYVGSDLEIGQHRTKIEELRQHLLRWGFTTPDKKHQKEPPFLWMGYELHPDKWTVQPIM
LPEKDSWTVNDIQKLVGKLNWASQIYAGIKVKQLCKLLRGTKALTEVIPLTEEAELELAENREILKEPVHEVYYDPSKDL
VAEIQKQGQGQWTYQIYQEPFKNLKTGKYARMRGAHTNDVKQLTEAVQKVSTESIVIWGKIPKFKLPIQKETWEAWWMEY
WQATWIPEWEFVNTPPLVKLWYQLEKEPIVGAETFYVDGAANRETKLGKAGYVTDRGRQKVVSIADTTNQKTELQAIHLA
LQDSGLEVNIVTDSQYALGIIQAQPDKSESELVSQIIEQLIKKEKVYLAWVPAHKGIGGNEQVDKLVSAGIRKVLFLNGI
DKAQEEHEKYHSNWRAMASDFNLPPVVAKEIVASCDKCQLKGEAMHGQVDCSPGIWQLDCTHLEGKIILVAVHVASGYIE
AEVIPAETGQETAYFLLKLAGRWPVKTIHTDNGSNFTSTTVKAACWWAGIKQEFGIPYNPQSQGVVESMNNELKKIIGQV
RDQAEHLKTAVQMAVFIHNFKRKGGIGGYSAGERIVDIIATDIQTKELQKQITKIQNFRVYYRDNKDPLWKGPAKLLWKG
EGAVVIQDNSDIKVVPRRKAKIIRDYGKQMAGDDCVASRQDED
;
1   P03369 ? 
2 UNP POL_HV1JR 2 PATIMMQRGN 372 P20875 ? 
# 
loop_
_struct_ref_seq.align_id 
_struct_ref_seq.ref_id 
_struct_ref_seq.pdbx_PDB_id_code 
_struct_ref_seq.pdbx_strand_id 
_struct_ref_seq.seq_align_beg 
_struct_ref_seq.pdbx_seq_align_beg_ins_code 
_struct_ref_seq.seq_align_end 
_struct_ref_seq.pdbx_seq_align_end_ins_code 
_struct_ref_seq.pdbx_db_accession 
_struct_ref_seq.db_align_beg 
_struct_ref_seq.pdbx_db_align_beg_ins_code 
_struct_ref_seq.db_align_end 
_struct_ref_seq.pdbx_db_align_end_ins_code 
_struct_ref_seq.pdbx_auth_seq_align_beg 
_struct_ref_seq.pdbx_auth_seq_align_end 
1 1 1KJ7 A 1 ? 99 ? P03369 57  ? 155 ? 1 99 
2 1 1KJ7 B 1 ? 99 ? P03369 57  ? 155 ? 1 99 
3 2 1KJ7 P 1 ? 10 ? P20875 372 ? 381 ? 1 10 
# 
loop_
_struct_ref_seq_dif.align_id 
_struct_ref_seq_dif.pdbx_pdb_id_code 
_struct_ref_seq_dif.mon_id 
_struct_ref_seq_dif.pdbx_pdb_strand_id 
_struct_ref_seq_dif.seq_num 
_struct_ref_seq_dif.pdbx_pdb_ins_code 
_struct_ref_seq_dif.pdbx_seq_db_name 
_struct_ref_seq_dif.pdbx_seq_db_accession_code 
_struct_ref_seq_dif.db_mon_id 
_struct_ref_seq_dif.pdbx_seq_db_seq_num 
_struct_ref_seq_dif.details 
_struct_ref_seq_dif.pdbx_auth_seq_num 
_struct_ref_seq_dif.pdbx_ordinal 
1 1KJ7 LYS A 7  ? UNP P03369 GLN 63 'engineered mutation' 7  1 
1 1KJ7 ASN A 25 ? UNP P03369 ASP 81 'engineered mutation' 25 2 
2 1KJ7 LYS B 7  ? UNP P03369 GLN 63 'engineered mutation' 7  3 
2 1KJ7 ASN B 25 ? UNP P03369 ASP 81 'engineered mutation' 25 4 
# 
loop_
_chem_comp.id 
_chem_comp.type 
_chem_comp.mon_nstd_flag 
_chem_comp.name 
_chem_comp.pdbx_synonyms 
_chem_comp.formula 
_chem_comp.formula_weight 
ACT non-polymer         . 'ACETATE ION'   ? 'C2 H3 O2 -1'    59.044  
ALA 'L-peptide linking' y ALANINE         ? 'C3 H7 N O2'     89.093  
ARG 'L-peptide linking' y ARGININE        ? 'C6 H15 N4 O2 1' 175.209 
ASN 'L-peptide linking' y ASPARAGINE      ? 'C4 H8 N2 O3'    132.118 
ASP 'L-peptide linking' y 'ASPARTIC ACID' ? 'C4 H7 N O4'     133.103 
CYS 'L-peptide linking' y CYSTEINE        ? 'C3 H7 N O2 S'   121.158 
GLN 'L-peptide linking' y GLUTAMINE       ? 'C5 H10 N2 O3'   146.144 
GLU 'L-peptide linking' y 'GLUTAMIC ACID' ? 'C5 H9 N O4'     147.129 
GLY 'peptide linking'   y GLYCINE         ? 'C2 H5 N O2'     75.067  
HIS 'L-peptide linking' y HISTIDINE       ? 'C6 H10 N3 O2 1' 156.162 
HOH non-polymer         . WATER           ? 'H2 O'           18.015  
ILE 'L-peptide linking' y ISOLEUCINE      ? 'C6 H13 N O2'    131.173 
LEU 'L-peptide linking' y LEUCINE         ? 'C6 H13 N O2'    131.173 
LYS 'L-peptide linking' y LYSINE          ? 'C6 H15 N2 O2 1' 147.195 
MET 'L-peptide linking' y METHIONINE      ? 'C5 H11 N O2 S'  149.211 
PHE 'L-peptide linking' y PHENYLALANINE   ? 'C9 H11 N O2'    165.189 
PRO 'L-peptide linking' y PROLINE         ? 'C5 H9 N O2'     115.130 
THR 'L-peptide linking' y THREONINE       ? 'C4 H9 N O3'     119.119 
TRP 'L-peptide linking' y TRYPTOPHAN      ? 'C11 H12 N2 O2'  204.225 
TYR 'L-peptide linking' y TYROSINE        ? 'C9 H11 N O3'    181.189 
VAL 'L-peptide linking' y VALINE          ? 'C5 H11 N O2'    117.146 
# 
_exptl.entry_id          1KJ7 
_exptl.method            'X-RAY DIFFRACTION' 
_exptl.crystals_number   1 
# 
_exptl_crystal.id                    1 
_exptl_crystal.density_meas          ? 
_exptl_crystal.density_Matthews      2.08 
_exptl_crystal.density_percent_sol   40.81 
_exptl_crystal.description           ? 
# 
_diffrn.id                     1 
_diffrn.ambient_temp           298.0 
_diffrn.ambient_temp_details   ? 
_diffrn.crystal_id             1 
# 
_diffrn_detector.diffrn_id              1 
_diffrn_detector.detector               'IMAGE PLATE' 
_diffrn_detector.type                   RIGAKU 
_diffrn_detector.pdbx_collection_date   2000-01-24 
_diffrn_detector.details                MIRRORS 
# 
_diffrn_radiation.diffrn_id                        1 
_diffrn_radiation.wavelength_id                    1 
_diffrn_radiation.pdbx_monochromatic_or_laue_m_l   M 
_diffrn_radiation.monochromator                    'YALE MIRRORS' 
_diffrn_radiation.pdbx_diffrn_protocol             'SINGLE WAVELENGTH' 
_diffrn_radiation.pdbx_scattering_type             x-ray 
# 
_diffrn_radiation_wavelength.id           1 
_diffrn_radiation_wavelength.wavelength   1.5418 
_diffrn_radiation_wavelength.wt           1.0 
# 
_diffrn_source.diffrn_id                   1 
_diffrn_source.source                      'ROTATING ANODE' 
_diffrn_source.type                        RIGAKU 
_diffrn_source.pdbx_synchrotron_site       ? 
_diffrn_source.pdbx_synchrotron_beamline   ? 
_diffrn_source.pdbx_wavelength             1.5418 
_diffrn_source.pdbx_wavelength_list        1.5418 
# 
_reflns.entry_id                     1KJ7 
_reflns.observed_criterion_sigma_I   0 
_reflns.observed_criterion_sigma_F   0 
_reflns.d_resolution_low             32.93 
_reflns.d_resolution_high            2.0 
_reflns.number_obs                   12913 
_reflns.number_all                   12913 
_reflns.percent_possible_obs         96.7 
_reflns.pdbx_Rmerge_I_obs            0.0470000 
_reflns.pdbx_Rsym_value              ? 
_reflns.pdbx_netI_over_sigmaI        9.7 
_reflns.B_iso_Wilson_estimate        23.5 
_reflns.pdbx_redundancy              5.000 
_reflns.R_free_details               ? 
_reflns.limit_h_max                  ? 
_reflns.limit_h_min                  ? 
_reflns.limit_k_max                  ? 
_reflns.limit_k_min                  ? 
_reflns.limit_l_max                  ? 
_reflns.limit_l_min                  ? 
_reflns.observed_criterion_F_max     ? 
_reflns.observed_criterion_F_min     ? 
_reflns.pdbx_diffrn_id               1 
_reflns.pdbx_ordinal                 1 
# 
_refine.entry_id                                 1KJ7 
_refine.ls_number_reflns_obs                     12452 
_refine.ls_number_reflns_all                     12913 
_refine.pdbx_ls_sigma_I                          ? 
_refine.pdbx_ls_sigma_F                          0.0 
_refine.pdbx_data_cutoff_high_absF               242009.13 
_refine.pdbx_data_cutoff_low_absF                0.000000 
_refine.ls_d_res_low                             32.93 
_refine.ls_d_res_high                            2.00 
_refine.ls_percent_reflns_obs                    93.4 
_refine.ls_R_factor_obs                          0.2060000 
_refine.ls_R_factor_all                          ? 
_refine.ls_R_factor_R_work                       0.2060000 
_refine.ls_R_factor_R_free                       0.2490000 
_refine.ls_R_factor_R_free_error                 0.007 
_refine.ls_R_factor_R_free_error_details         ? 
_refine.ls_percent_reflns_R_free                 10.3 
_refine.ls_number_reflns_R_free                  1287 
_refine.ls_number_parameters                     ? 
_refine.ls_number_restraints                     ? 
_refine.occupancy_min                            ? 
_refine.occupancy_max                            ? 
_refine.B_iso_mean                               31.6 
_refine.aniso_B[1][1]                            -4.69 
_refine.aniso_B[2][2]                            -0.85 
_refine.aniso_B[3][3]                            5.54 
_refine.aniso_B[1][2]                            0.00 
_refine.aniso_B[1][3]                            0.00 
_refine.aniso_B[2][3]                            0.00 
_refine.solvent_model_details                    'FLAT MODEL' 
_refine.solvent_model_param_ksol                 0.359898 
_refine.solvent_model_param_bsol                 76.3328 
_refine.pdbx_ls_cross_valid_method               THROUGHOUT 
_refine.details                                  ? 
_refine.pdbx_starting_model                      'PDB ENTRY 1F7A' 
_refine.pdbx_method_to_determine_struct          'FOURIER SYNTHESIS' 
_refine.pdbx_isotropic_thermal_model             RESTRAINED 
_refine.pdbx_stereochemistry_target_values       'ENGH & HUBER' 
_refine.pdbx_stereochem_target_val_spec_case     ? 
_refine.pdbx_R_Free_selection_details            RANDOM 
_refine.pdbx_overall_ESU_R_Free                  ? 
_refine.overall_SU_B                             ? 
_refine.ls_redundancy_reflns_obs                 ? 
_refine.B_iso_min                                ? 
_refine.B_iso_max                                ? 
_refine.correlation_coeff_Fo_to_Fc               ? 
_refine.overall_SU_R_Cruickshank_DPI             ? 
_refine.overall_SU_R_free                        ? 
_refine.overall_SU_ML                            ? 
_refine.pdbx_overall_ESU_R                       ? 
_refine.pdbx_data_cutoff_high_rms_absF           ? 
_refine.correlation_coeff_Fo_to_Fc_free          ? 
_refine.pdbx_solvent_vdw_probe_radii             ? 
_refine.pdbx_solvent_ion_probe_radii             ? 
_refine.pdbx_solvent_shrinkage_radii             ? 
_refine.pdbx_refine_id                           'X-RAY DIFFRACTION' 
_refine.pdbx_diffrn_id                           1 
_refine.pdbx_TLS_residual_ADP_flag               ? 
_refine.pdbx_overall_phase_error                 ? 
_refine.pdbx_overall_SU_R_free_Cruickshank_DPI   ? 
_refine.pdbx_overall_SU_R_Blow_DPI               ? 
_refine.pdbx_overall_SU_R_free_Blow_DPI          ? 
# 
_refine_analyze.entry_id                        1KJ7 
_refine_analyze.Luzzati_coordinate_error_obs    0.25 
_refine_analyze.Luzzati_sigma_a_obs             0.25 
_refine_analyze.Luzzati_d_res_low_obs           5.00 
_refine_analyze.Luzzati_coordinate_error_free   0.32 
_refine_analyze.Luzzati_sigma_a_free            0.32 
_refine_analyze.Luzzati_d_res_low_free          ? 
_refine_analyze.number_disordered_residues      ? 
_refine_analyze.occupancy_sum_hydrogen          ? 
_refine_analyze.occupancy_sum_non_hydrogen      ? 
_refine_analyze.pdbx_Luzzati_d_res_high_obs     ? 
_refine_analyze.pdbx_refine_id                  'X-RAY DIFFRACTION' 
# 
_refine_hist.pdbx_refine_id                   'X-RAY DIFFRACTION' 
_refine_hist.cycle_id                         LAST 
_refine_hist.pdbx_number_atoms_protein        1554 
_refine_hist.pdbx_number_atoms_nucleic_acid   0 
_refine_hist.pdbx_number_atoms_ligand         20 
_refine_hist.number_atoms_solvent             73 
_refine_hist.number_atoms_total               1647 
_refine_hist.d_res_high                       2.00 
_refine_hist.d_res_low                        32.93 
# 
loop_
_refine_ls_restr.type 
_refine_ls_restr.dev_ideal 
_refine_ls_restr.dev_ideal_target 
_refine_ls_restr.weight 
_refine_ls_restr.number 
_refine_ls_restr.pdbx_refine_id 
_refine_ls_restr.pdbx_restraint_function 
c_bond_d           0.006 ? ? ? 'X-RAY DIFFRACTION' ? 
c_angle_deg        1.3   ? ? ? 'X-RAY DIFFRACTION' ? 
c_dihedral_angle_d 26.5  ? ? ? 'X-RAY DIFFRACTION' ? 
c_improper_angle_d 1.53  ? ? ? 'X-RAY DIFFRACTION' ? 
# 
_refine_ls_shell.pdbx_total_number_of_bins_used   6 
_refine_ls_shell.d_res_high                       2.00 
_refine_ls_shell.d_res_low                        2.13 
_refine_ls_shell.number_reflns_R_work             1631 
_refine_ls_shell.R_factor_R_work                  0.3010000 
_refine_ls_shell.percent_reflns_obs               82.8 
_refine_ls_shell.R_factor_R_free                  0.3760000 
_refine_ls_shell.R_factor_R_free_error            0.028 
_refine_ls_shell.percent_reflns_R_free            9.7 
_refine_ls_shell.number_reflns_R_free             175 
_refine_ls_shell.number_reflns_obs                ? 
_refine_ls_shell.redundancy_reflns_obs            ? 
_refine_ls_shell.number_reflns_all                ? 
_refine_ls_shell.pdbx_refine_id                   'X-RAY DIFFRACTION' 
_refine_ls_shell.R_factor_all                     ? 
# 
loop_
_pdbx_xplor_file.serial_no 
_pdbx_xplor_file.param_file 
_pdbx_xplor_file.topol_file 
_pdbx_xplor_file.pdbx_refine_id 
1 PROTEIN_REP.PARAM PROTEIN.TOP 'X-RAY DIFFRACTION' 
2 WATER_REP.PARAM   WATER.TOP   'X-RAY DIFFRACTION' 
3 ION.PARAM         ION.TOP     'X-RAY DIFFRACTION' 
4 ACE.PARAM         ACE.TOP     'X-RAY DIFFRACTION' 
# 
_struct.entry_id                  1KJ7 
_struct.title                     
;SUBSTRATE SHAPE DETERMINES SPECIFICITY OF RECOGNITION RECOGNITION FOR HIV-1 PROTEASE: ANALYSIS OF CRYSTAL STRUCTURES OF SIX SUBSTRATE COMPLEXES
;
_struct.pdbx_model_details        ? 
_struct.pdbx_CASP_flag            ? 
_struct.pdbx_model_type_details   ? 
# 
_struct_keywords.entry_id        1KJ7 
_struct_keywords.pdbx_keywords   HYDROLASE 
_struct_keywords.text            'p2-Nucleocapsid, SUBSTRATE RECOGNITION, HYDROLASE' 
# 
loop_
_struct_asym.id 
_struct_asym.pdbx_blank_PDB_chainid_flag 
_struct_asym.pdbx_modified 
_struct_asym.entity_id 
_struct_asym.details 
A N N 1 ? 
B N N 1 ? 
C N N 2 ? 
D N N 3 ? 
E N N 3 ? 
F N N 3 ? 
G N N 3 ? 
H N N 3 ? 
I N N 4 ? 
J N N 4 ? 
K N N 4 ? 
# 
loop_
_struct_conf.conf_type_id 
_struct_conf.id 
_struct_conf.pdbx_PDB_helix_id 
_struct_conf.beg_label_comp_id 
_struct_conf.beg_label_asym_id 
_struct_conf.beg_label_seq_id 
_struct_conf.pdbx_beg_PDB_ins_code 
_struct_conf.end_label_comp_id 
_struct_conf.end_label_asym_id 
_struct_conf.end_label_seq_id 
_struct_conf.pdbx_end_PDB_ins_code 
_struct_conf.beg_auth_comp_id 
_struct_conf.beg_auth_asym_id 
_struct_conf.beg_auth_seq_id 
_struct_conf.end_auth_comp_id 
_struct_conf.end_auth_asym_id 
_struct_conf.end_auth_seq_id 
_struct_conf.pdbx_PDB_helix_class 
_struct_conf.details 
_struct_conf.pdbx_PDB_helix_length 
HELX_P HELX_P1 1 GLY A 86 ? THR A 91 ? GLY A 86 THR A 91 1 ? 6 
HELX_P HELX_P2 2 GLN A 92 ? GLY A 94 ? GLN A 92 GLY A 94 5 ? 3 
HELX_P HELX_P3 3 GLY B 86 ? THR B 91 ? GLY B 86 THR B 91 1 ? 6 
# 
_struct_conf_type.id          HELX_P 
_struct_conf_type.criteria    ? 
_struct_conf_type.reference   ? 
# 
loop_
_struct_sheet.id 
_struct_sheet.type 
_struct_sheet.number_strands 
_struct_sheet.details 
A ? 4 ? 
B ? 8 ? 
C ? 9 ? 
# 
loop_
_struct_sheet_order.sheet_id 
_struct_sheet_order.range_id_1 
_struct_sheet_order.range_id_2 
_struct_sheet_order.offset 
_struct_sheet_order.sense 
A 1 2 ? anti-parallel 
A 2 3 ? anti-parallel 
A 3 4 ? anti-parallel 
B 1 2 ? anti-parallel 
B 2 3 ? anti-parallel 
B 3 4 ? anti-parallel 
B 4 5 ? parallel      
B 5 6 ? anti-parallel 
B 6 7 ? parallel      
B 7 8 ? anti-parallel 
C 1 2 ? anti-parallel 
C 2 3 ? anti-parallel 
C 3 4 ? anti-parallel 
C 4 5 ? anti-parallel 
C 5 6 ? parallel      
C 6 7 ? anti-parallel 
C 7 8 ? parallel      
C 8 9 ? anti-parallel 
# 
loop_
_struct_sheet_range.sheet_id 
_struct_sheet_range.id 
_struct_sheet_range.beg_label_comp_id 
_struct_sheet_range.beg_label_asym_id 
_struct_sheet_range.beg_label_seq_id 
_struct_sheet_range.pdbx_beg_PDB_ins_code 
_struct_sheet_range.end_label_comp_id 
_struct_sheet_range.end_label_asym_id 
_struct_sheet_range.end_label_seq_id 
_struct_sheet_range.pdbx_end_PDB_ins_code 
_struct_sheet_range.beg_auth_comp_id 
_struct_sheet_range.beg_auth_asym_id 
_struct_sheet_range.beg_auth_seq_id 
_struct_sheet_range.end_auth_comp_id 
_struct_sheet_range.end_auth_asym_id 
_struct_sheet_range.end_auth_seq_id 
A 1 GLN A 2  ? ILE A 3  ? GLN A 2  ILE A 3  
A 2 THR B 96 ? ASN B 98 ? THR B 96 ASN B 98 
A 3 THR A 96 ? ASN A 98 ? THR A 96 ASN A 98 
A 4 GLN B 2  ? THR B 4  ? GLN B 2  THR B 4  
B 1 LYS A 43 ? GLY A 49 ? LYS A 43 GLY A 49 
B 2 GLY A 52 ? ILE A 66 ? GLY A 52 ILE A 66 
B 3 LEU A 10 ? ILE A 15 ? LEU A 10 ILE A 15 
B 4 GLN A 18 ? LEU A 24 ? GLN A 18 LEU A 24 
B 5 ILE A 84 ? ILE A 85 ? ILE A 84 ILE A 85 
B 6 VAL A 32 ? LEU A 33 ? VAL A 32 LEU A 33 
B 7 HIS A 69 ? VAL A 77 ? HIS A 69 VAL A 77 
B 8 GLY A 52 ? ILE A 66 ? GLY A 52 ILE A 66 
C 1 GLN C 7  ? ARG C 8  ? GLN P 7  ARG P 8  
C 2 LYS B 43 ? GLY B 49 ? LYS B 43 GLY B 49 
C 3 GLY B 52 ? ILE B 66 ? GLY B 52 ILE B 66 
C 4 LEU B 10 ? ILE B 15 ? LEU B 10 ILE B 15 
C 5 GLN B 18 ? LEU B 24 ? GLN B 18 LEU B 24 
C 6 ILE B 84 ? ILE B 85 ? ILE B 84 ILE B 85 
C 7 VAL B 32 ? LEU B 33 ? VAL B 32 LEU B 33 
C 8 HIS B 69 ? VAL B 77 ? HIS B 69 VAL B 77 
C 9 GLY B 52 ? ILE B 66 ? GLY B 52 ILE B 66 
# 
loop_
_pdbx_struct_sheet_hbond.sheet_id 
_pdbx_struct_sheet_hbond.range_id_1 
_pdbx_struct_sheet_hbond.range_id_2 
_pdbx_struct_sheet_hbond.range_1_label_atom_id 
_pdbx_struct_sheet_hbond.range_1_label_comp_id 
_pdbx_struct_sheet_hbond.range_1_label_asym_id 
_pdbx_struct_sheet_hbond.range_1_label_seq_id 
_pdbx_struct_sheet_hbond.range_1_PDB_ins_code 
_pdbx_struct_sheet_hbond.range_1_auth_atom_id 
_pdbx_struct_sheet_hbond.range_1_auth_comp_id 
_pdbx_struct_sheet_hbond.range_1_auth_asym_id 
_pdbx_struct_sheet_hbond.range_1_auth_seq_id 
_pdbx_struct_sheet_hbond.range_2_label_atom_id 
_pdbx_struct_sheet_hbond.range_2_label_comp_id 
_pdbx_struct_sheet_hbond.range_2_label_asym_id 
_pdbx_struct_sheet_hbond.range_2_label_seq_id 
_pdbx_struct_sheet_hbond.range_2_PDB_ins_code 
_pdbx_struct_sheet_hbond.range_2_auth_atom_id 
_pdbx_struct_sheet_hbond.range_2_auth_comp_id 
_pdbx_struct_sheet_hbond.range_2_auth_asym_id 
_pdbx_struct_sheet_hbond.range_2_auth_seq_id 
A 1 2 N ILE A 3  ? N ILE A 3  O LEU B 97 ? O LEU B 97 
A 2 3 O ASN B 98 ? O ASN B 98 N THR A 96 ? N THR A 96 
A 3 4 O LEU A 97 ? O LEU A 97 N ILE B 3  ? N ILE B 3  
B 1 2 N GLY A 49 ? N GLY A 49 O GLY A 52 ? O GLY A 52 
B 2 3 O GLU A 65 ? O GLU A 65 N ARG A 14 ? N ARG A 14 
B 3 4 N ILE A 15 ? N ILE A 15 O GLN A 18 ? O GLN A 18 
B 4 5 O LEU A 23 ? O LEU A 23 N ILE A 85 ? N ILE A 85 
B 5 6 N ILE A 84 ? N ILE A 84 O VAL A 32 ? O VAL A 32 
B 6 7 N LEU A 33 ? N LEU A 33 O LEU A 76 ? O LEU A 76 
B 7 8 O VAL A 77 ? O VAL A 77 N ARG A 57 ? N ARG A 57 
C 1 2 N ARG C 8  ? N ARG P 8  O GLY B 48 ? O GLY B 48 
C 2 3 N GLY B 49 ? N GLY B 49 O GLY B 52 ? O GLY B 52 
C 3 4 N GLU B 65 ? N GLU B 65 O ARG B 14 ? O ARG B 14 
C 4 5 N ILE B 15 ? N ILE B 15 O GLN B 18 ? O GLN B 18 
C 5 6 O LEU B 23 ? O LEU B 23 N ILE B 85 ? N ILE B 85 
C 6 7 N ILE B 84 ? N ILE B 84 O VAL B 32 ? O VAL B 32 
C 7 8 N LEU B 33 ? N LEU B 33 O LEU B 76 ? O LEU B 76 
C 8 9 O VAL B 77 ? O VAL B 77 N ARG B 57 ? N ARG B 57 
# 
loop_
_struct_site.id 
_struct_site.pdbx_evidence_code 
_struct_site.pdbx_auth_asym_id 
_struct_site.pdbx_auth_comp_id 
_struct_site.pdbx_auth_seq_id 
_struct_site.pdbx_auth_ins_code 
_struct_site.pdbx_num_residues 
_struct_site.details 
AC1 Software B ACT 501 ? 1 'BINDING SITE FOR RESIDUE ACT B 501' 
AC2 Software B ACT 503 ? 4 'BINDING SITE FOR RESIDUE ACT B 503' 
AC3 Software B ACT 504 ? 3 'BINDING SITE FOR RESIDUE ACT B 504' 
AC4 Software B ACT 505 ? 4 'BINDING SITE FOR RESIDUE ACT B 505' 
AC5 Software A ACT 506 ? 3 'BINDING SITE FOR RESIDUE ACT A 506' 
# 
loop_
_struct_site_gen.id 
_struct_site_gen.site_id 
_struct_site_gen.pdbx_num_res 
_struct_site_gen.label_comp_id 
_struct_site_gen.label_asym_id 
_struct_site_gen.label_seq_id 
_struct_site_gen.pdbx_auth_ins_code 
_struct_site_gen.auth_comp_id 
_struct_site_gen.auth_asym_id 
_struct_site_gen.auth_seq_id 
_struct_site_gen.label_atom_id 
_struct_site_gen.label_alt_id 
_struct_site_gen.symmetry 
_struct_site_gen.details 
1  AC1 1 ARG B 8  ? ARG B 8   . ? 1_555 ? 
2  AC2 4 GLY A 16 ? GLY A 16  . ? 1_455 ? 
3  AC2 4 ARG B 14 ? ARG B 14  . ? 1_555 ? 
4  AC2 4 GLY B 16 ? GLY B 16  . ? 1_555 ? 
5  AC2 4 HOH J .  ? HOH B 538 . ? 1_555 ? 
6  AC3 3 PRO A 1  ? PRO A 1   . ? 4_456 ? 
7  AC3 3 HIS B 69 ? HIS B 69  . ? 1_555 ? 
8  AC3 3 LYS B 70 ? LYS B 70  . ? 1_555 ? 
9  AC4 4 GLY B 73 ? GLY B 73  . ? 1_555 ? 
10 AC4 4 THR B 74 ? THR B 74  . ? 1_555 ? 
11 AC4 4 ASN B 88 ? ASN B 88  . ? 1_555 ? 
12 AC4 4 HOH J .  ? HOH B 537 . ? 1_555 ? 
13 AC5 3 LYS A 7  ? LYS A 7   . ? 1_555 ? 
14 AC5 3 ARG A 8  ? ARG A 8   . ? 1_555 ? 
15 AC5 3 ARG B 87 ? ARG B 87  . ? 1_555 ? 
# 
_atom_sites.entry_id                    1KJ7 
_atom_sites.fract_transf_matrix[1][1]   -0.00142114 
_atom_sites.fract_transf_matrix[1][2]   -0.00940785 
_atom_sites.fract_transf_matrix[1][3]   0.01692150 
_atom_sites.fract_transf_matrix[2][1]   0.00978652 
_atom_sites.fract_transf_matrix[2][2]   0.01159923 
_atom_sites.fract_transf_matrix[2][3]   0.00727074 
_atom_sites.fract_transf_matrix[3][1]   -0.01312365 
_atom_sites.fract_transf_matrix[3][2]   0.00872347 
_atom_sites.fract_transf_matrix[3][3]   0.00374781 
_atom_sites.fract_transf_vector[1]      0.100654 
_atom_sites.fract_transf_vector[2]      0.017339 
_atom_sites.fract_transf_vector[3]      0.286882 
# 
loop_
_atom_type.symbol 
C 
N 
O 
S 
# 
loop_
_atom_site.group_PDB 
_atom_site.id 
_atom_site.type_symbol 
_atom_site.label_atom_id 
_atom_site.label_alt_id 
_atom_site.label_comp_id 
_atom_site.label_asym_id 
_atom_site.label_entity_id 
_atom_site.label_seq_id 
_atom_site.pdbx_PDB_ins_code 
_atom_site.Cartn_x 
_atom_site.Cartn_y 
_atom_site.Cartn_z 
_atom_site.occupancy 
_atom_site.B_iso_or_equiv 
_atom_site.pdbx_formal_charge 
_atom_site.auth_seq_id 
_atom_site.auth_comp_id 
_atom_site.auth_asym_id 
_atom_site.auth_atom_id 
_atom_site.pdbx_PDB_model_num 
ATOM   1    N N   . PRO A 1 1  ? -2.017  11.739  15.443  1.00 38.07  ? 1   PRO A N   1 
ATOM   2    C CA  . PRO A 1 1  ? -0.910  12.540  14.871  1.00 37.70  ? 1   PRO A CA  1 
ATOM   3    C C   . PRO A 1 1  ? -0.983  12.666  13.351  1.00 36.76  ? 1   PRO A C   1 
ATOM   4    O O   . PRO A 1 1  ? -1.856  12.087  12.706  1.00 36.64  ? 1   PRO A O   1 
ATOM   5    C CB  . PRO A 1 1  ? 0.384   11.851  15.278  1.00 38.19  ? 1   PRO A CB  1 
ATOM   6    C CG  . PRO A 1 1  ? -0.085  10.411  15.444  1.00 38.56  ? 1   PRO A CG  1 
ATOM   7    C CD  . PRO A 1 1  ? -1.470  10.540  16.102  1.00 38.26  ? 1   PRO A CD  1 
ATOM   8    N N   . GLN A 1 2  ? -0.064  13.445  12.789  1.00 35.62  ? 2   GLN A N   1 
ATOM   9    C CA  . GLN A 1 2  ? 0.004   13.632  11.344  1.00 34.97  ? 2   GLN A CA  1 
ATOM   10   C C   . GLN A 1 2  ? 1.308   13.008  10.868  1.00 32.84  ? 2   GLN A C   1 
ATOM   11   O O   . GLN A 1 2  ? 2.388   13.429  11.279  1.00 32.44  ? 2   GLN A O   1 
ATOM   12   C CB  . GLN A 1 2  ? -0.004  15.114  10.970  1.00 35.72  ? 2   GLN A CB  1 
ATOM   13   C CG  . GLN A 1 2  ? 0.130   15.327  9.472   1.00 38.77  ? 2   GLN A CG  1 
ATOM   14   C CD  . GLN A 1 2  ? 0.109   16.785  9.074   1.00 41.52  ? 2   GLN A CD  1 
ATOM   15   O OE1 . GLN A 1 2  ? 1.063   17.523  9.321   1.00 42.88  ? 2   GLN A OE1 1 
ATOM   16   N NE2 . GLN A 1 2  ? -0.984  17.211  8.452   1.00 40.73  ? 2   GLN A NE2 1 
ATOM   17   N N   . ILE A 1 3  ? 1.206   12.005  10.004  1.00 30.23  ? 3   ILE A N   1 
ATOM   18   C CA  . ILE A 1 3  ? 2.388   11.327  9.498   1.00 27.74  ? 3   ILE A CA  1 
ATOM   19   C C   . ILE A 1 3  ? 2.700   11.712  8.053   1.00 26.09  ? 3   ILE A C   1 
ATOM   20   O O   . ILE A 1 3  ? 1.867   11.554  7.163   1.00 25.45  ? 3   ILE A O   1 
ATOM   21   C CB  . ILE A 1 3  ? 2.215   9.798   9.616   1.00 27.64  ? 3   ILE A CB  1 
ATOM   22   C CG1 . ILE A 1 3  ? 1.833   9.445   11.058  1.00 28.41  ? 3   ILE A CG1 1 
ATOM   23   C CG2 . ILE A 1 3  ? 3.507   9.088   9.231   1.00 27.90  ? 3   ILE A CG2 1 
ATOM   24   C CD1 . ILE A 1 3  ? 1.682   7.969   11.325  1.00 29.84  ? 3   ILE A CD1 1 
ATOM   25   N N   . THR A 1 4  ? 3.901   12.242  7.835   1.00 24.10  ? 4   THR A N   1 
ATOM   26   C CA  . THR A 1 4  ? 4.330   12.639  6.500   1.00 22.49  ? 4   THR A CA  1 
ATOM   27   C C   . THR A 1 4  ? 4.829   11.389  5.779   1.00 20.94  ? 4   THR A C   1 
ATOM   28   O O   . THR A 1 4  ? 5.065   10.360  6.415   1.00 21.43  ? 4   THR A O   1 
ATOM   29   C CB  . THR A 1 4  ? 5.447   13.700  6.562   1.00 25.17  ? 4   THR A CB  1 
ATOM   30   O OG1 . THR A 1 4  ? 6.592   13.160  7.230   1.00 26.62  ? 4   THR A OG1 1 
ATOM   31   C CG2 . THR A 1 4  ? 4.959   14.933  7.315   1.00 26.25  ? 4   THR A CG2 1 
ATOM   32   N N   . LEU A 1 5  ? 5.003   11.473  4.462   1.00 18.96  ? 5   LEU A N   1 
ATOM   33   C CA  . LEU A 1 5  ? 5.417   10.301  3.688   1.00 18.62  ? 5   LEU A CA  1 
ATOM   34   C C   . LEU A 1 5  ? 6.790   10.381  3.028   1.00 18.32  ? 5   LEU A C   1 
ATOM   35   O O   . LEU A 1 5  ? 7.029   9.736   2.007   1.00 16.70  ? 5   LEU A O   1 
ATOM   36   C CB  . LEU A 1 5  ? 4.349   9.999   2.630   1.00 17.71  ? 5   LEU A CB  1 
ATOM   37   C CG  . LEU A 1 5  ? 2.933   9.833   3.199   1.00 20.42  ? 5   LEU A CG  1 
ATOM   38   C CD1 . LEU A 1 5  ? 1.914   9.810   2.070   1.00 19.88  ? 5   LEU A CD1 1 
ATOM   39   C CD2 . LEU A 1 5  ? 2.856   8.563   4.038   1.00 20.00  ? 5   LEU A CD2 1 
ATOM   40   N N   . TRP A 1 6  ? 7.692   11.168  3.610   1.00 18.92  ? 6   TRP A N   1 
ATOM   41   C CA  . TRP A 1 6  ? 9.035   11.306  3.058   1.00 20.68  ? 6   TRP A CA  1 
ATOM   42   C C   . TRP A 1 6  ? 9.677   9.937   3.197   1.00 20.80  ? 6   TRP A C   1 
ATOM   43   O O   . TRP A 1 6  ? 10.498  9.519   2.385   1.00 20.10  ? 6   TRP A O   1 
ATOM   44   C CB  . TRP A 1 6  ? 9.834   12.335  3.853   1.00 20.26  ? 6   TRP A CB  1 
ATOM   45   C CG  . TRP A 1 6  ? 9.264   13.715  3.787   1.00 20.65  ? 6   TRP A CG  1 
ATOM   46   C CD1 . TRP A 1 6  ? 8.691   14.420  4.814   1.00 20.80  ? 6   TRP A CD1 1 
ATOM   47   C CD2 . TRP A 1 6  ? 9.271   14.593  2.652   1.00 21.23  ? 6   TRP A CD2 1 
ATOM   48   N NE1 . TRP A 1 6  ? 8.351   15.682  4.388   1.00 22.86  ? 6   TRP A NE1 1 
ATOM   49   C CE2 . TRP A 1 6  ? 8.696   15.814  3.068   1.00 21.22  ? 6   TRP A CE2 1 
ATOM   50   C CE3 . TRP A 1 6  ? 9.712   14.467  1.329   1.00 22.31  ? 6   TRP A CE3 1 
ATOM   51   C CZ2 . TRP A 1 6  ? 8.553   16.905  2.203   1.00 23.09  ? 6   TRP A CZ2 1 
ATOM   52   C CZ3 . TRP A 1 6  ? 9.571   15.559  0.467   1.00 21.69  ? 6   TRP A CZ3 1 
ATOM   53   C CH2 . TRP A 1 6  ? 8.998   16.760  0.911   1.00 22.21  ? 6   TRP A CH2 1 
ATOM   54   N N   . LYS A 1 7  ? 9.283   9.240   4.254   1.00 19.52  ? 7   LYS A N   1 
ATOM   55   C CA  . LYS A 1 7  ? 9.784   7.905   4.501   1.00 19.86  ? 7   LYS A CA  1 
ATOM   56   C C   . LYS A 1 7  ? 8.603   6.940   4.722   1.00 20.27  ? 7   LYS A C   1 
ATOM   57   O O   . LYS A 1 7  ? 7.449   7.368   4.870   1.00 19.28  ? 7   LYS A O   1 
ATOM   58   C CB  . LYS A 1 7  ? 10.746  7.905   5.711   1.00 22.45  ? 7   LYS A CB  1 
ATOM   59   N N   . ARG A 1 8  ? 8.887   5.639   4.695   1.00 20.38  ? 8   ARG A N   1 
ATOM   60   C CA  . ARG A 1 8  ? 7.846   4.640   4.889   1.00 22.15  ? 8   ARG A CA  1 
ATOM   61   C C   . ARG A 1 8  ? 7.180   4.915   6.224   1.00 22.34  ? 8   ARG A C   1 
ATOM   62   O O   . ARG A 1 8  ? 7.857   5.177   7.215   1.00 21.16  ? 8   ARG A O   1 
ATOM   63   C CB  . ARG A 1 8  ? 8.442   3.230   4.880   1.00 24.44  ? 8   ARG A CB  1 
ATOM   64   C CG  . ARG A 1 8  ? 8.998   2.824   3.539   1.00 27.85  ? 8   ARG A CG  1 
ATOM   65   C CD  . ARG A 1 8  ? 9.639   1.461   3.592   1.00 33.64  ? 8   ARG A CD  1 
ATOM   66   N NE  . ARG A 1 8  ? 10.173  1.151   2.274   1.00 39.59  ? 8   ARG A NE  1 
ATOM   67   C CZ  . ARG A 1 8  ? 11.130  0.264   2.029   1.00 44.19  ? 8   ARG A CZ  1 
ATOM   68   N NH1 . ARG A 1 8  ? 11.679  -0.440  3.018   1.00 45.63  ? 8   ARG A NH1 1 
ATOM   69   N NH2 . ARG A 1 8  ? 11.577  0.130   0.788   1.00 43.23  ? 8   ARG A NH2 1 
ATOM   70   N N   . PRO A 1 9  ? 5.840   4.906   6.256   1.00 23.32  ? 9   PRO A N   1 
ATOM   71   C CA  . PRO A 1 9  ? 5.136   5.163   7.512   1.00 24.08  ? 9   PRO A CA  1 
ATOM   72   C C   . PRO A 1 9  ? 5.109   3.922   8.403   1.00 25.64  ? 9   PRO A C   1 
ATOM   73   O O   . PRO A 1 9  ? 4.107   3.208   8.474   1.00 25.21  ? 9   PRO A O   1 
ATOM   74   C CB  . PRO A 1 9  ? 3.752   5.595   7.044   1.00 22.12  ? 9   PRO A CB  1 
ATOM   75   C CG  . PRO A 1 9  ? 3.566   4.765   5.805   1.00 23.06  ? 9   PRO A CG  1 
ATOM   76   C CD  . PRO A 1 9  ? 4.900   4.890   5.121   1.00 22.19  ? 9   PRO A CD  1 
ATOM   77   N N   . LEU A 1 10 ? 6.232   3.666   9.063   1.00 26.34  ? 10  LEU A N   1 
ATOM   78   C CA  . LEU A 1 10 ? 6.363   2.534   9.967   1.00 29.34  ? 10  LEU A CA  1 
ATOM   79   C C   . LEU A 1 10 ? 6.013   2.994   11.376  1.00 30.48  ? 10  LEU A C   1 
ATOM   80   O O   . LEU A 1 10 ? 6.528   4.009   11.843  1.00 31.23  ? 10  LEU A O   1 
ATOM   81   C CB  . LEU A 1 10 ? 7.795   2.015   9.965   1.00 30.37  ? 10  LEU A CB  1 
ATOM   82   C CG  . LEU A 1 10 ? 8.342   1.412   8.676   1.00 33.45  ? 10  LEU A CG  1 
ATOM   83   C CD1 . LEU A 1 10 ? 9.824   1.097   8.865   1.00 34.16  ? 10  LEU A CD1 1 
ATOM   84   C CD2 . LEU A 1 10 ? 7.562   0.154   8.318   1.00 34.33  ? 10  LEU A CD2 1 
ATOM   85   N N   . VAL A 1 11 ? 5.133   2.259   12.051  1.00 30.40  ? 11  VAL A N   1 
ATOM   86   C CA  . VAL A 1 11 ? 4.755   2.616   13.409  1.00 30.99  ? 11  VAL A CA  1 
ATOM   87   C C   . VAL A 1 11 ? 4.826   1.398   14.320  1.00 32.76  ? 11  VAL A C   1 
ATOM   88   O O   . VAL A 1 11 ? 5.111   0.285   13.871  1.00 33.15  ? 11  VAL A O   1 
ATOM   89   C CB  . VAL A 1 11 ? 3.328   3.208   13.473  1.00 31.68  ? 11  VAL A CB  1 
ATOM   90   C CG1 . VAL A 1 11 ? 3.223   4.404   12.535  1.00 33.68  ? 11  VAL A CG1 1 
ATOM   91   C CG2 . VAL A 1 11 ? 2.296   2.145   13.125  1.00 30.48  ? 11  VAL A CG2 1 
ATOM   92   N N   . THR A 1 12 ? 4.567   1.618   15.602  1.00 33.05  ? 12  THR A N   1 
ATOM   93   C CA  . THR A 1 12 ? 4.610   0.544   16.579  1.00 34.97  ? 12  THR A CA  1 
ATOM   94   C C   . THR A 1 12 ? 3.229   -0.010  16.867  1.00 34.28  ? 12  THR A C   1 
ATOM   95   O O   . THR A 1 12 ? 2.281   0.739   17.103  1.00 34.58  ? 12  THR A O   1 
ATOM   96   C CB  . THR A 1 12 ? 5.221   1.021   17.915  1.00 35.91  ? 12  THR A CB  1 
ATOM   97   O OG1 . THR A 1 12 ? 6.606   1.332   17.725  1.00 37.74  ? 12  THR A OG1 1 
ATOM   98   C CG2 . THR A 1 12 ? 5.091   -0.064  18.976  1.00 37.55  ? 12  THR A CG2 1 
ATOM   99   N N   . ILE A 1 13 ? 3.123   -1.330  16.846  1.00 35.33  ? 13  ILE A N   1 
ATOM   100  C CA  . ILE A 1 13 ? 1.859   -1.989  17.135  1.00 37.03  ? 13  ILE A CA  1 
ATOM   101  C C   . ILE A 1 13 ? 2.076   -3.014  18.249  1.00 37.18  ? 13  ILE A C   1 
ATOM   102  O O   . ILE A 1 13 ? 3.160   -3.586  18.380  1.00 35.96  ? 13  ILE A O   1 
ATOM   103  C CB  . ILE A 1 13 ? 1.300   -2.699  15.893  1.00 36.27  ? 13  ILE A CB  1 
ATOM   104  C CG1 . ILE A 1 13 ? 2.246   -3.822  15.463  1.00 37.03  ? 13  ILE A CG1 1 
ATOM   105  C CG2 . ILE A 1 13 ? 1.124   -1.691  14.770  1.00 37.16  ? 13  ILE A CG2 1 
ATOM   106  C CD1 . ILE A 1 13 ? 1.700   -4.684  14.345  1.00 38.40  ? 13  ILE A CD1 1 
ATOM   107  N N   . ARG A 1 14 ? 1.047   -3.233  19.057  1.00 37.56  ? 14  ARG A N   1 
ATOM   108  C CA  . ARG A 1 14 ? 1.146   -4.191  20.150  1.00 39.63  ? 14  ARG A CA  1 
ATOM   109  C C   . ARG A 1 14 ? 0.185   -5.352  19.934  1.00 39.37  ? 14  ARG A C   1 
ATOM   110  O O   . ARG A 1 14 ? -1.017  -5.150  19.767  1.00 37.88  ? 14  ARG A O   1 
ATOM   111  C CB  . ARG A 1 14 ? 0.850   -3.502  21.480  1.00 39.79  ? 14  ARG A CB  1 
ATOM   112  N N   . ILE A 1 15 ? 0.728   -6.567  19.930  1.00 40.87  ? 15  ILE A N   1 
ATOM   113  C CA  . ILE A 1 15 ? -0.085  -7.765  19.740  1.00 43.61  ? 15  ILE A CA  1 
ATOM   114  C C   . ILE A 1 15 ? 0.301   -8.832  20.752  1.00 44.49  ? 15  ILE A C   1 
ATOM   115  O O   . ILE A 1 15 ? 1.413   -9.360  20.713  1.00 44.65  ? 15  ILE A O   1 
ATOM   116  C CB  . ILE A 1 15 ? 0.103   -8.370  18.339  1.00 44.30  ? 15  ILE A CB  1 
ATOM   117  C CG1 . ILE A 1 15 ? -0.056  -7.287  17.276  1.00 45.03  ? 15  ILE A CG1 1 
ATOM   118  C CG2 . ILE A 1 15 ? -0.928  -9.471  18.112  1.00 44.90  ? 15  ILE A CG2 1 
ATOM   119  C CD1 . ILE A 1 15 ? 0.360   -7.739  15.902  1.00 46.39  ? 15  ILE A CD1 1 
ATOM   120  N N   . GLY A 1 16 ? -0.624  -9.141  21.658  1.00 45.91  ? 16  GLY A N   1 
ATOM   121  C CA  . GLY A 1 16 ? -0.383  -10.153 22.672  1.00 47.20  ? 16  GLY A CA  1 
ATOM   122  C C   . GLY A 1 16 ? 0.942   -10.025 23.399  1.00 48.78  ? 16  GLY A C   1 
ATOM   123  O O   . GLY A 1 16 ? 1.678   -11.006 23.537  1.00 49.25  ? 16  GLY A O   1 
ATOM   124  N N   . GLY A 1 17 ? 1.246   -8.821  23.872  1.00 48.46  ? 17  GLY A N   1 
ATOM   125  C CA  . GLY A 1 17 ? 2.494   -8.615  24.580  1.00 50.10  ? 17  GLY A CA  1 
ATOM   126  C C   . GLY A 1 17 ? 3.668   -8.479  23.635  1.00 50.98  ? 17  GLY A C   1 
ATOM   127  O O   . GLY A 1 17 ? 4.782   -8.175  24.060  1.00 52.38  ? 17  GLY A O   1 
ATOM   128  N N   . GLN A 1 18 ? 3.419   -8.715  22.350  1.00 50.98  ? 18  GLN A N   1 
ATOM   129  C CA  . GLN A 1 18 ? 4.452   -8.608  21.329  1.00 50.80  ? 18  GLN A CA  1 
ATOM   130  C C   . GLN A 1 18 ? 4.424   -7.204  20.741  1.00 49.56  ? 18  GLN A C   1 
ATOM   131  O O   . GLN A 1 18 ? 3.362   -6.687  20.394  1.00 49.73  ? 18  GLN A O   1 
ATOM   132  C CB  . GLN A 1 18 ? 4.207   -9.627  20.211  1.00 52.92  ? 18  GLN A CB  1 
ATOM   133  C CG  . GLN A 1 18 ? 4.270   -11.072 20.655  1.00 55.12  ? 18  GLN A CG  1 
ATOM   134  C CD  . GLN A 1 18 ? 5.675   -11.494 21.030  1.00 57.31  ? 18  GLN A CD  1 
ATOM   135  O OE1 . GLN A 1 18 ? 6.567   -11.536 20.182  1.00 58.31  ? 18  GLN A OE1 1 
ATOM   136  N NE2 . GLN A 1 18 ? 5.882   -11.804 22.307  1.00 58.03  ? 18  GLN A NE2 1 
ATOM   137  N N   . LEU A 1 19 ? 5.594   -6.588  20.635  1.00 48.80  ? 19  LEU A N   1 
ATOM   138  C CA  . LEU A 1 19 ? 5.704   -5.246  20.078  1.00 47.82  ? 19  LEU A CA  1 
ATOM   139  C C   . LEU A 1 19 ? 6.447   -5.359  18.754  1.00 46.72  ? 19  LEU A C   1 
ATOM   140  O O   . LEU A 1 19 ? 7.557   -5.885  18.703  1.00 47.30  ? 19  LEU A O   1 
ATOM   141  C CB  . LEU A 1 19 ? 6.460   -4.338  21.036  1.00 48.97  ? 19  LEU A CB  1 
ATOM   142  N N   . LYS A 1 20 ? 5.828   -4.871  17.685  1.00 44.91  ? 20  LYS A N   1 
ATOM   143  C CA  . LYS A 1 20 ? 6.438   -4.940  16.366  1.00 42.16  ? 20  LYS A CA  1 
ATOM   144  C C   . LYS A 1 20 ? 6.281   -3.638  15.590  1.00 40.56  ? 20  LYS A C   1 
ATOM   145  O O   . LYS A 1 20 ? 5.518   -2.747  15.977  1.00 39.90  ? 20  LYS A O   1 
ATOM   146  C CB  . LYS A 1 20 ? 5.828   -6.099  15.574  1.00 42.09  ? 20  LYS A CB  1 
ATOM   147  N N   . GLU A 1 21 ? 7.022   -3.538  14.492  1.00 38.02  ? 21  GLU A N   1 
ATOM   148  C CA  . GLU A 1 21 ? 6.981   -2.368  13.632  1.00 36.31  ? 21  GLU A CA  1 
ATOM   149  C C   . GLU A 1 21 ? 6.121   -2.728  12.423  1.00 34.50  ? 21  GLU A C   1 
ATOM   150  O O   . GLU A 1 21 ? 6.332   -3.770  11.799  1.00 33.51  ? 21  GLU A O   1 
ATOM   151  C CB  . GLU A 1 21 ? 8.397   -1.993  13.191  1.00 37.13  ? 21  GLU A CB  1 
ATOM   152  N N   . ALA A 1 22 ? 5.157   -1.870  12.096  1.00 31.94  ? 22  ALA A N   1 
ATOM   153  C CA  . ALA A 1 22 ? 4.266   -2.129  10.972  1.00 30.03  ? 22  ALA A CA  1 
ATOM   154  C C   . ALA A 1 22 ? 4.087   -0.946  10.030  1.00 28.93  ? 22  ALA A C   1 
ATOM   155  O O   . ALA A 1 22 ? 4.125   0.217   10.441  1.00 28.43  ? 22  ALA A O   1 
ATOM   156  C CB  . ALA A 1 22 ? 2.910   -2.577  11.485  1.00 29.29  ? 22  ALA A CB  1 
ATOM   157  N N   . LEU A 1 23 ? 3.871   -1.270  8.760   1.00 26.96  ? 23  LEU A N   1 
ATOM   158  C CA  . LEU A 1 23 ? 3.670   -0.281  7.715   1.00 25.36  ? 23  LEU A CA  1 
ATOM   159  C C   . LEU A 1 23 ? 2.195   0.112   7.575   1.00 24.26  ? 23  LEU A C   1 
ATOM   160  O O   . LEU A 1 23 ? 1.338   -0.743  7.339   1.00 24.89  ? 23  LEU A O   1 
ATOM   161  C CB  . LEU A 1 23 ? 4.174   -0.853  6.386   1.00 25.14  ? 23  LEU A CB  1 
ATOM   162  C CG  . LEU A 1 23 ? 4.050   0.007   5.126   1.00 25.25  ? 23  LEU A CG  1 
ATOM   163  C CD1 . LEU A 1 23 ? 4.908   1.245   5.269   1.00 22.91  ? 23  LEU A CD1 1 
ATOM   164  C CD2 . LEU A 1 23 ? 4.494   -0.809  3.914   1.00 24.38  ? 23  LEU A CD2 1 
ATOM   165  N N   . LEU A 1 24 ? 1.906   1.399   7.742   1.00 22.67  ? 24  LEU A N   1 
ATOM   166  C CA  . LEU A 1 24 ? 0.548   1.916   7.585   1.00 21.99  ? 24  LEU A CA  1 
ATOM   167  C C   . LEU A 1 24 ? 0.332   1.888   6.077   1.00 21.27  ? 24  LEU A C   1 
ATOM   168  O O   . LEU A 1 24 ? 0.910   2.691   5.345   1.00 21.70  ? 24  LEU A O   1 
ATOM   169  C CB  . LEU A 1 24 ? 0.466   3.346   8.124   1.00 24.11  ? 24  LEU A CB  1 
ATOM   170  C CG  . LEU A 1 24 ? -0.096  3.497   9.546   1.00 25.84  ? 24  LEU A CG  1 
ATOM   171  C CD1 . LEU A 1 24 ? 0.284   2.309   10.422  1.00 24.83  ? 24  LEU A CD1 1 
ATOM   172  C CD2 . LEU A 1 24 ? 0.406   4.803   10.136  1.00 27.01  ? 24  LEU A CD2 1 
ATOM   173  N N   . ASN A 1 25 ? -0.512  0.967   5.621   1.00 19.15  ? 25  ASN A N   1 
ATOM   174  C CA  . ASN A 1 25 ? -0.714  0.767   4.190   1.00 18.20  ? 25  ASN A CA  1 
ATOM   175  C C   . ASN A 1 25 ? -2.139  0.960   3.666   1.00 17.29  ? 25  ASN A C   1 
ATOM   176  O O   . ASN A 1 25 ? -2.976  0.070   3.775   1.00 18.65  ? 25  ASN A O   1 
ATOM   177  C CB  . ASN A 1 25 ? -0.198  -0.646  3.853   1.00 17.83  ? 25  ASN A CB  1 
ATOM   178  C CG  . ASN A 1 25 ? -0.066  -0.897  2.366   1.00 18.45  ? 25  ASN A CG  1 
ATOM   179  O OD1 . ASN A 1 25 ? 0.483   -1.921  1.945   1.00 23.40  ? 25  ASN A OD1 1 
ATOM   180  N ND2 . ASN A 1 25 ? -0.565  0.025   1.563   1.00 14.43  ? 25  ASN A ND2 1 
ATOM   181  N N   . THR A 1 26 ? -2.398  2.121   3.073   1.00 16.25  ? 26  THR A N   1 
ATOM   182  C CA  . THR A 1 26 ? -3.713  2.415   2.520   1.00 16.18  ? 26  THR A CA  1 
ATOM   183  C C   . THR A 1 26 ? -3.953  1.581   1.263   1.00 16.75  ? 26  THR A C   1 
ATOM   184  O O   . THR A 1 26 ? -5.087  1.452   0.801   1.00 16.68  ? 26  THR A O   1 
ATOM   185  C CB  . THR A 1 26 ? -3.859  3.915   2.161   1.00 16.29  ? 26  THR A CB  1 
ATOM   186  O OG1 . THR A 1 26 ? -2.854  4.290   1.208   1.00 14.25  ? 26  THR A OG1 1 
ATOM   187  C CG2 . THR A 1 26 ? -3.716  4.779   3.417   1.00 13.57  ? 26  THR A CG2 1 
ATOM   188  N N   . GLY A 1 27 ? -2.880  1.008   0.724   1.00 15.44  ? 27  GLY A N   1 
ATOM   189  C CA  . GLY A 1 27 ? -2.999  0.183   -0.468  1.00 16.04  ? 27  GLY A CA  1 
ATOM   190  C C   . GLY A 1 27 ? -3.279  -1.284  -0.170  1.00 17.29  ? 27  GLY A C   1 
ATOM   191  O O   . GLY A 1 27 ? -3.229  -2.122  -1.074  1.00 18.16  ? 27  GLY A O   1 
ATOM   192  N N   . ALA A 1 28 ? -3.566  -1.599  1.091   1.00 15.23  ? 28  ALA A N   1 
ATOM   193  C CA  . ALA A 1 28 ? -3.868  -2.972  1.497   1.00 18.22  ? 28  ALA A CA  1 
ATOM   194  C C   . ALA A 1 28 ? -5.267  -3.044  2.111   1.00 19.67  ? 28  ALA A C   1 
ATOM   195  O O   . ALA A 1 28 ? -5.603  -2.242  2.990   1.00 18.99  ? 28  ALA A O   1 
ATOM   196  C CB  . ALA A 1 28 ? -2.837  -3.463  2.510   1.00 14.65  ? 28  ALA A CB  1 
ATOM   197  N N   . ASP A 1 29 ? -6.077  -3.996  1.650   1.00 20.95  ? 29  ASP A N   1 
ATOM   198  C CA  . ASP A 1 29 ? -7.432  -4.164  2.178   1.00 24.07  ? 29  ASP A CA  1 
ATOM   199  C C   . ASP A 1 29 ? -7.380  -4.762  3.581   1.00 24.44  ? 29  ASP A C   1 
ATOM   200  O O   . ASP A 1 29 ? -8.161  -4.395  4.457   1.00 24.60  ? 29  ASP A O   1 
ATOM   201  C CB  . ASP A 1 29 ? -8.269  -5.115  1.306   1.00 24.37  ? 29  ASP A CB  1 
ATOM   202  C CG  . ASP A 1 29 ? -8.357  -4.675  -0.139  1.00 26.58  ? 29  ASP A CG  1 
ATOM   203  O OD1 . ASP A 1 29 ? -8.546  -3.469  -0.394  1.00 25.73  ? 29  ASP A OD1 1 
ATOM   204  O OD2 . ASP A 1 29 ? -8.247  -5.551  -1.022  1.00 29.88  ? 29  ASP A OD2 1 
ATOM   205  N N   . ASP A 1 30 ? -6.455  -5.696  3.774   1.00 24.43  ? 30  ASP A N   1 
ATOM   206  C CA  . ASP A 1 30 ? -6.313  -6.388  5.046   1.00 25.40  ? 30  ASP A CA  1 
ATOM   207  C C   . ASP A 1 30 ? -4.988  -6.127  5.730   1.00 24.59  ? 30  ASP A C   1 
ATOM   208  O O   . ASP A 1 30 ? -4.096  -5.488  5.176   1.00 24.10  ? 30  ASP A O   1 
ATOM   209  C CB  . ASP A 1 30 ? -6.452  -7.894  4.832   1.00 29.26  ? 30  ASP A CB  1 
ATOM   210  C CG  . ASP A 1 30 ? -7.729  -8.263  4.121   1.00 33.10  ? 30  ASP A CG  1 
ATOM   211  O OD1 . ASP A 1 30 ? -8.818  -8.008  4.670   1.00 36.79  ? 30  ASP A OD1 1 
ATOM   212  O OD2 . ASP A 1 30 ? -7.638  -8.808  3.005   1.00 36.98  ? 30  ASP A OD2 1 
ATOM   213  N N   . THR A 1 31 ? -4.875  -6.657  6.942   1.00 23.24  ? 31  THR A N   1 
ATOM   214  C CA  . THR A 1 31 ? -3.679  -6.532  7.755   1.00 23.98  ? 31  THR A CA  1 
ATOM   215  C C   . THR A 1 31 ? -2.955  -7.866  7.670   1.00 25.42  ? 31  THR A C   1 
ATOM   216  O O   . THR A 1 31 ? -3.551  -8.924  7.890   1.00 26.38  ? 31  THR A O   1 
ATOM   217  C CB  . THR A 1 31 ? -4.043  -6.233  9.220   1.00 22.86  ? 31  THR A CB  1 
ATOM   218  O OG1 . THR A 1 31 ? -4.652  -4.937  9.301   1.00 21.09  ? 31  THR A OG1 1 
ATOM   219  C CG2 . THR A 1 31 ? -2.815  -6.277  10.098  1.00 22.46  ? 31  THR A CG2 1 
ATOM   220  N N   . VAL A 1 32 ? -1.673  -7.810  7.333   1.00 25.60  ? 32  VAL A N   1 
ATOM   221  C CA  . VAL A 1 32 ? -0.868  -9.010  7.191   1.00 26.39  ? 32  VAL A CA  1 
ATOM   222  C C   . VAL A 1 32 ? 0.384   -8.884  8.031   1.00 27.98  ? 32  VAL A C   1 
ATOM   223  O O   . VAL A 1 32 ? 1.234   -8.032  7.768   1.00 27.84  ? 32  VAL A O   1 
ATOM   224  C CB  . VAL A 1 32 ? -0.444  -9.224  5.727   1.00 25.07  ? 32  VAL A CB  1 
ATOM   225  C CG1 . VAL A 1 32 ? 0.175   -10.616 5.558   1.00 23.22  ? 32  VAL A CG1 1 
ATOM   226  C CG2 . VAL A 1 32 ? -1.645  -9.036  4.811   1.00 26.88  ? 32  VAL A CG2 1 
ATOM   227  N N   . LEU A 1 33 ? 0.496   -9.735  9.040   1.00 29.49  ? 33  LEU A N   1 
ATOM   228  C CA  . LEU A 1 33 ? 1.662   -9.715  9.912   1.00 32.13  ? 33  LEU A CA  1 
ATOM   229  C C   . LEU A 1 33 ? 2.549   -10.903 9.578   1.00 33.83  ? 33  LEU A C   1 
ATOM   230  O O   . LEU A 1 33 ? 2.075   -11.926 9.073   1.00 32.82  ? 33  LEU A O   1 
ATOM   231  C CB  . LEU A 1 33 ? 1.212   -9.774  11.367  1.00 34.21  ? 33  LEU A CB  1 
ATOM   232  C CG  . LEU A 1 33 ? 0.216   -8.665  11.710  1.00 36.79  ? 33  LEU A CG  1 
ATOM   233  C CD1 . LEU A 1 33 ? -0.419  -8.935  13.058  1.00 38.52  ? 33  LEU A CD1 1 
ATOM   234  C CD2 . LEU A 1 33 ? 0.930   -7.321  11.700  1.00 39.05  ? 33  LEU A CD2 1 
ATOM   235  N N   . GLU A 1 34 ? 3.843   -10.773 9.843   1.00 35.70  ? 34  GLU A N   1 
ATOM   236  C CA  . GLU A 1 34 ? 4.752   -11.865 9.548   1.00 38.32  ? 34  GLU A CA  1 
ATOM   237  C C   . GLU A 1 34 ? 4.432   -13.053 10.444  1.00 38.37  ? 34  GLU A C   1 
ATOM   238  O O   . GLU A 1 34 ? 3.624   -12.943 11.374  1.00 37.80  ? 34  GLU A O   1 
ATOM   239  C CB  . GLU A 1 34 ? 6.206   -11.440 9.738   1.00 40.82  ? 34  GLU A CB  1 
ATOM   240  C CG  . GLU A 1 34 ? 7.181   -12.469 9.177   1.00 47.74  ? 34  GLU A CG  1 
ATOM   241  C CD  . GLU A 1 34 ? 8.626   -12.019 9.219   1.00 51.26  ? 34  GLU A CD  1 
ATOM   242  O OE1 . GLU A 1 34 ? 9.500   -12.843 8.878   1.00 53.99  ? 34  GLU A OE1 1 
ATOM   243  O OE2 . GLU A 1 34 ? 8.895   -10.851 9.582   1.00 53.76  ? 34  GLU A OE2 1 
ATOM   244  N N   . GLU A 1 35 ? 5.059   -14.187 10.154  1.00 38.51  ? 35  GLU A N   1 
ATOM   245  C CA  . GLU A 1 35 ? 4.838   -15.407 10.915  1.00 40.11  ? 35  GLU A CA  1 
ATOM   246  C C   . GLU A 1 35 ? 4.890   -15.190 12.426  1.00 40.63  ? 35  GLU A C   1 
ATOM   247  O O   . GLU A 1 35 ? 5.824   -14.579 12.954  1.00 40.20  ? 35  GLU A O   1 
ATOM   248  C CB  . GLU A 1 35 ? 5.851   -16.466 10.503  1.00 40.32  ? 35  GLU A CB  1 
ATOM   249  N N   . MET A 1 36 ? 3.864   -15.686 13.106  1.00 41.09  ? 36  MET A N   1 
ATOM   250  C CA  . MET A 1 36 ? 3.761   -15.598 14.558  1.00 42.55  ? 36  MET A CA  1 
ATOM   251  C C   . MET A 1 36 ? 2.588   -16.465 14.980  1.00 42.73  ? 36  MET A C   1 
ATOM   252  O O   . MET A 1 36 ? 1.618   -16.621 14.237  1.00 41.91  ? 36  MET A O   1 
ATOM   253  C CB  . MET A 1 36 ? 3.525   -14.160 15.013  1.00 42.38  ? 36  MET A CB  1 
ATOM   254  C CG  . MET A 1 36 ? 2.102   -13.677 14.867  1.00 42.80  ? 36  MET A CG  1 
ATOM   255  S SD  . MET A 1 36 ? 1.916   -12.006 15.519  1.00 45.53  ? 36  MET A SD  1 
ATOM   256  C CE  . MET A 1 36 ? 1.967   -12.313 17.277  1.00 45.27  ? 36  MET A CE  1 
ATOM   257  N N   . ASN A 1 37 ? 2.678   -17.041 16.169  1.00 43.93  ? 37  ASN A N   1 
ATOM   258  C CA  . ASN A 1 37 ? 1.604   -17.893 16.640  1.00 44.53  ? 37  ASN A CA  1 
ATOM   259  C C   . ASN A 1 37 ? 0.544   -17.101 17.374  1.00 43.76  ? 37  ASN A C   1 
ATOM   260  O O   . ASN A 1 37 ? 0.838   -16.284 18.241  1.00 45.73  ? 37  ASN A O   1 
ATOM   261  C CB  . ASN A 1 37 ? 2.152   -19.004 17.535  1.00 46.45  ? 37  ASN A CB  1 
ATOM   262  C CG  . ASN A 1 37 ? 3.006   -19.992 16.769  1.00 50.40  ? 37  ASN A CG  1 
ATOM   263  O OD1 . ASN A 1 37 ? 4.142   -19.691 16.392  1.00 51.14  ? 37  ASN A OD1 1 
ATOM   264  N ND2 . ASN A 1 37 ? 2.454   -21.177 16.516  1.00 52.76  ? 37  ASN A ND2 1 
ATOM   265  N N   . LEU A 1 38 ? -0.699  -17.335 16.987  1.00 42.07  ? 38  LEU A N   1 
ATOM   266  C CA  . LEU A 1 38 ? -1.824  -16.675 17.612  1.00 40.61  ? 38  LEU A CA  1 
ATOM   267  C C   . LEU A 1 38 ? -2.776  -17.777 18.030  1.00 39.94  ? 38  LEU A C   1 
ATOM   268  O O   . LEU A 1 38 ? -2.876  -18.809 17.373  1.00 37.64  ? 38  LEU A O   1 
ATOM   269  C CB  . LEU A 1 38 ? -2.516  -15.726 16.628  1.00 39.40  ? 38  LEU A CB  1 
ATOM   270  C CG  . LEU A 1 38 ? -1.757  -14.464 16.207  1.00 39.10  ? 38  LEU A CG  1 
ATOM   271  C CD1 . LEU A 1 38 ? -2.590  -13.686 15.195  1.00 39.32  ? 38  LEU A CD1 1 
ATOM   272  C CD2 . LEU A 1 38 ? -1.461  -13.604 17.429  1.00 39.22  ? 38  LEU A CD2 1 
ATOM   273  N N   . PRO A 1 39 ? -3.473  -17.581 19.148  1.00 40.24  ? 39  PRO A N   1 
ATOM   274  C CA  . PRO A 1 39 ? -4.412  -18.597 19.614  1.00 40.58  ? 39  PRO A CA  1 
ATOM   275  C C   . PRO A 1 39 ? -5.697  -18.499 18.806  1.00 40.97  ? 39  PRO A C   1 
ATOM   276  O O   . PRO A 1 39 ? -5.950  -17.485 18.155  1.00 40.85  ? 39  PRO A O   1 
ATOM   277  C CB  . PRO A 1 39 ? -4.618  -18.214 21.072  1.00 40.88  ? 39  PRO A CB  1 
ATOM   278  C CG  . PRO A 1 39 ? -4.592  -16.724 20.998  1.00 40.75  ? 39  PRO A CG  1 
ATOM   279  C CD  . PRO A 1 39 ? -3.409  -16.451 20.092  1.00 41.39  ? 39  PRO A CD  1 
ATOM   280  N N   . GLY A 1 40 ? -6.500  -19.553 18.844  1.00 41.16  ? 40  GLY A N   1 
ATOM   281  C CA  . GLY A 1 40 ? -7.757  -19.532 18.125  1.00 42.19  ? 40  GLY A CA  1 
ATOM   282  C C   . GLY A 1 40 ? -7.730  -20.252 16.797  1.00 43.36  ? 40  GLY A C   1 
ATOM   283  O O   . GLY A 1 40 ? -6.667  -20.641 16.302  1.00 43.63  ? 40  GLY A O   1 
ATOM   284  N N   . LYS A 1 41 ? -8.915  -20.438 16.226  1.00 44.03  ? 41  LYS A N   1 
ATOM   285  C CA  . LYS A 1 41 ? -9.050  -21.107 14.945  1.00 44.66  ? 41  LYS A CA  1 
ATOM   286  C C   . LYS A 1 41 ? -8.666  -20.127 13.842  1.00 44.70  ? 41  LYS A C   1 
ATOM   287  O O   . LYS A 1 41 ? -8.664  -18.914 14.050  1.00 45.02  ? 41  LYS A O   1 
ATOM   288  C CB  . LYS A 1 41 ? -10.487 -21.584 14.750  1.00 44.23  ? 41  LYS A CB  1 
ATOM   289  N N   . TRP A 1 42 ? -8.338  -20.663 12.675  1.00 44.66  ? 42  TRP A N   1 
ATOM   290  C CA  . TRP A 1 42 ? -7.954  -19.845 11.535  1.00 45.55  ? 42  TRP A CA  1 
ATOM   291  C C   . TRP A 1 42 ? -8.311  -20.537 10.225  1.00 45.12  ? 42  TRP A C   1 
ATOM   292  O O   . TRP A 1 42 ? -8.231  -21.764 10.121  1.00 45.72  ? 42  TRP A O   1 
ATOM   293  C CB  . TRP A 1 42 ? -6.452  -19.570 11.569  1.00 46.54  ? 42  TRP A CB  1 
ATOM   294  C CG  . TRP A 1 42 ? -5.621  -20.806 11.726  1.00 48.81  ? 42  TRP A CG  1 
ATOM   295  C CD1 . TRP A 1 42 ? -5.102  -21.302 12.887  1.00 50.12  ? 42  TRP A CD1 1 
ATOM   296  C CD2 . TRP A 1 42 ? -5.208  -21.701 10.687  1.00 50.21  ? 42  TRP A CD2 1 
ATOM   297  N NE1 . TRP A 1 42 ? -4.388  -22.448 12.636  1.00 50.12  ? 42  TRP A NE1 1 
ATOM   298  C CE2 . TRP A 1 42 ? -4.436  -22.717 11.295  1.00 50.70  ? 42  TRP A CE2 1 
ATOM   299  C CE3 . TRP A 1 42 ? -5.412  -21.744 9.301   1.00 51.02  ? 42  TRP A CE3 1 
ATOM   300  C CZ2 . TRP A 1 42 ? -3.868  -23.764 10.563  1.00 51.50  ? 42  TRP A CZ2 1 
ATOM   301  C CZ3 . TRP A 1 42 ? -4.847  -22.787 8.573   1.00 51.30  ? 42  TRP A CZ3 1 
ATOM   302  C CH2 . TRP A 1 42 ? -4.084  -23.782 9.208   1.00 52.33  ? 42  TRP A CH2 1 
ATOM   303  N N   . LYS A 1 43 ? -8.707  -19.747 9.229   1.00 42.80  ? 43  LYS A N   1 
ATOM   304  C CA  . LYS A 1 43 ? -9.057  -20.285 7.919   1.00 41.11  ? 43  LYS A CA  1 
ATOM   305  C C   . LYS A 1 43 ? -7.930  -19.978 6.927   1.00 40.20  ? 43  LYS A C   1 
ATOM   306  O O   . LYS A 1 43 ? -7.329  -18.901 6.966   1.00 39.70  ? 43  LYS A O   1 
ATOM   307  C CB  . LYS A 1 43 ? -10.374 -19.670 7.438   1.00 40.61  ? 43  LYS A CB  1 
ATOM   308  N N   . PRO A 1 44 ? -7.612  -20.935 6.037   1.00 38.98  ? 44  PRO A N   1 
ATOM   309  C CA  . PRO A 1 44 ? -6.551  -20.756 5.037   1.00 36.82  ? 44  PRO A CA  1 
ATOM   310  C C   . PRO A 1 44 ? -7.019  -19.742 3.999   1.00 34.62  ? 44  PRO A C   1 
ATOM   311  O O   . PRO A 1 44 ? -8.198  -19.708 3.645   1.00 33.55  ? 44  PRO A O   1 
ATOM   312  C CB  . PRO A 1 44 ? -6.397  -22.152 4.432   1.00 39.10  ? 44  PRO A CB  1 
ATOM   313  C CG  . PRO A 1 44 ? -6.935  -23.069 5.508   1.00 39.12  ? 44  PRO A CG  1 
ATOM   314  C CD  . PRO A 1 44 ? -8.136  -22.308 5.995   1.00 39.30  ? 44  PRO A CD  1 
ATOM   315  N N   . LYS A 1 45 ? -6.100  -18.926 3.500   1.00 32.53  ? 45  LYS A N   1 
ATOM   316  C CA  . LYS A 1 45 ? -6.480  -17.915 2.531   1.00 31.87  ? 45  LYS A CA  1 
ATOM   317  C C   . LYS A 1 45 ? -5.336  -17.548 1.600   1.00 30.04  ? 45  LYS A C   1 
ATOM   318  O O   . LYS A 1 45 ? -4.163  -17.664 1.955   1.00 28.11  ? 45  LYS A O   1 
ATOM   319  C CB  . LYS A 1 45 ? -6.966  -16.668 3.276   1.00 35.28  ? 45  LYS A CB  1 
ATOM   320  C CG  . LYS A 1 45 ? -7.792  -15.716 2.449   1.00 37.90  ? 45  LYS A CG  1 
ATOM   321  C CD  . LYS A 1 45 ? -8.314  -14.585 3.311   1.00 41.80  ? 45  LYS A CD  1 
ATOM   322  C CE  . LYS A 1 45 ? -9.261  -13.690 2.529   1.00 45.09  ? 45  LYS A CE  1 
ATOM   323  N NZ  . LYS A 1 45 ? -9.751  -12.555 3.359   1.00 47.52  ? 45  LYS A NZ  1 
ATOM   324  N N   . MET A 1 46 ? -5.699  -17.108 0.400   1.00 27.93  ? 46  MET A N   1 
ATOM   325  C CA  . MET A 1 46 ? -4.729  -16.699 -0.609  1.00 28.02  ? 46  MET A CA  1 
ATOM   326  C C   . MET A 1 46 ? -4.887  -15.200 -0.829  1.00 25.82  ? 46  MET A C   1 
ATOM   327  O O   . MET A 1 46 ? -5.981  -14.742 -1.146  1.00 27.18  ? 46  MET A O   1 
ATOM   328  C CB  . MET A 1 46 ? -5.003  -17.431 -1.927  1.00 28.77  ? 46  MET A CB  1 
ATOM   329  C CG  . MET A 1 46 ? -4.743  -18.926 -1.894  1.00 32.02  ? 46  MET A CG  1 
ATOM   330  S SD  . MET A 1 46 ? -2.990  -19.271 -1.857  1.00 34.92  ? 46  MET A SD  1 
ATOM   331  C CE  . MET A 1 46 ? -2.599  -19.162 -3.620  1.00 34.27  ? 46  MET A CE  1 
ATOM   332  N N   . ILE A 1 47 ? -3.815  -14.437 -0.650  1.00 23.76  ? 47  ILE A N   1 
ATOM   333  C CA  . ILE A 1 47 ? -3.892  -12.993 -0.876  1.00 24.66  ? 47  ILE A CA  1 
ATOM   334  C C   . ILE A 1 47 ? -2.919  -12.615 -1.979  1.00 23.31  ? 47  ILE A C   1 
ATOM   335  O O   . ILE A 1 47 ? -1.863  -13.237 -2.128  1.00 22.21  ? 47  ILE A O   1 
ATOM   336  C CB  . ILE A 1 47 ? -3.563  -12.179 0.393   1.00 25.56  ? 47  ILE A CB  1 
ATOM   337  C CG1 . ILE A 1 47 ? -2.146  -12.482 0.864   1.00 26.87  ? 47  ILE A CG1 1 
ATOM   338  C CG2 . ILE A 1 47 ? -4.564  -12.511 1.484   1.00 29.38  ? 47  ILE A CG2 1 
ATOM   339  C CD1 . ILE A 1 47 ? -1.703  -11.634 2.028   1.00 29.30  ? 47  ILE A CD1 1 
ATOM   340  N N   . GLY A 1 48 ? -3.272  -11.594 -2.754  1.00 21.63  ? 48  GLY A N   1 
ATOM   341  C CA  . GLY A 1 48 ? -2.418  -11.208 -3.854  1.00 22.68  ? 48  GLY A CA  1 
ATOM   342  C C   . GLY A 1 48 ? -1.963  -9.770  -3.911  1.00 23.04  ? 48  GLY A C   1 
ATOM   343  O O   . GLY A 1 48 ? -2.445  -8.903  -3.187  1.00 23.32  ? 48  GLY A O   1 
ATOM   344  N N   . GLY A 1 49 ? -1.010  -9.531  -4.799  1.00 23.90  ? 49  GLY A N   1 
ATOM   345  C CA  . GLY A 1 49 ? -0.467  -8.204  -4.986  1.00 21.81  ? 49  GLY A CA  1 
ATOM   346  C C   . GLY A 1 49 ? 0.510   -8.235  -6.137  1.00 22.17  ? 49  GLY A C   1 
ATOM   347  O O   . GLY A 1 49 ? 0.411   -9.081  -7.026  1.00 21.61  ? 49  GLY A O   1 
ATOM   348  N N   1 ILE A 1 50 ? 1.481   -7.332  -6.088  0.50 20.95  ? 50  ILE A N   1 
ATOM   349  N N   2 ILE A 1 50 ? 1.443   -7.290  -6.140  0.50 22.94  ? 50  ILE A N   1 
ATOM   350  C CA  1 ILE A 1 50 ? 2.518   -7.269  -7.098  0.50 20.78  ? 50  ILE A CA  1 
ATOM   351  C CA  2 ILE A 1 50 ? 2.440   -7.145  -7.200  0.50 24.50  ? 50  ILE A CA  1 
ATOM   352  C C   1 ILE A 1 50 ? 3.316   -8.565  -6.976  0.50 20.12  ? 50  ILE A C   1 
ATOM   353  C C   2 ILE A 1 50 ? 3.023   -8.409  -7.846  0.50 24.54  ? 50  ILE A C   1 
ATOM   354  O O   1 ILE A 1 50 ? 3.695   -8.974  -5.876  0.50 18.55  ? 50  ILE A O   1 
ATOM   355  O O   2 ILE A 1 50 ? 2.814   -8.639  -9.035  0.50 25.83  ? 50  ILE A O   1 
ATOM   356  C CB  1 ILE A 1 50 ? 3.450   -6.060  -6.857  0.50 21.53  ? 50  ILE A CB  1 
ATOM   357  C CB  2 ILE A 1 50 ? 3.614   -6.246  -6.714  0.50 25.85  ? 50  ILE A CB  1 
ATOM   358  C CG1 1 ILE A 1 50 ? 2.701   -4.764  -7.174  0.50 22.21  ? 50  ILE A CG1 1 
ATOM   359  C CG1 2 ILE A 1 50 ? 3.141   -4.792  -6.605  0.50 27.96  ? 50  ILE A CG1 1 
ATOM   360  C CG2 1 ILE A 1 50 ? 4.714   -6.187  -7.690  0.50 21.43  ? 50  ILE A CG2 1 
ATOM   361  C CG2 2 ILE A 1 50 ? 4.801   -6.348  -7.663  0.50 25.81  ? 50  ILE A CG2 1 
ATOM   362  C CD1 1 ILE A 1 50 ? 2.208   -4.679  -8.596  0.50 25.13  ? 50  ILE A CD1 1 
ATOM   363  C CD1 2 ILE A 1 50 ? 2.697   -4.180  -7.916  0.50 29.25  ? 50  ILE A CD1 1 
ATOM   364  N N   1 GLY A 1 51 ? 3.555   -9.209  -8.110  0.50 19.33  ? 51  GLY A N   1 
ATOM   365  N N   2 GLY A 1 51 ? 3.745   -9.221  -7.079  0.50 23.50  ? 51  GLY A N   1 
ATOM   366  C CA  1 GLY A 1 51 ? 4.297   -10.451 -8.110  0.50 20.55  ? 51  GLY A CA  1 
ATOM   367  C CA  2 GLY A 1 51 ? 4.363   -10.412 -7.644  0.50 23.53  ? 51  GLY A CA  1 
ATOM   368  C C   1 GLY A 1 51 ? 3.413   -11.683 -8.089  0.50 21.42  ? 51  GLY A C   1 
ATOM   369  C C   2 GLY A 1 51 ? 3.586   -11.717 -7.602  0.50 23.27  ? 51  GLY A C   1 
ATOM   370  O O   1 GLY A 1 51 ? 3.750   -12.685 -8.714  0.50 21.02  ? 51  GLY A O   1 
ATOM   371  O O   2 GLY A 1 51 ? 4.164   -12.790 -7.765  0.50 22.67  ? 51  GLY A O   1 
ATOM   372  N N   . GLY A 1 52 ? 2.280   -11.623 -7.389  1.00 22.89  ? 52  GLY A N   1 
ATOM   373  C CA  . GLY A 1 52 ? 1.422   -12.796 -7.332  1.00 21.73  ? 52  GLY A CA  1 
ATOM   374  C C   . GLY A 1 52 ? 0.709   -12.998 -6.006  1.00 23.36  ? 52  GLY A C   1 
ATOM   375  O O   . GLY A 1 52 ? 0.331   -12.028 -5.342  1.00 21.90  ? 52  GLY A O   1 
ATOM   376  N N   . PHE A 1 53 ? 0.533   -14.263 -5.619  1.00 21.84  ? 53  PHE A N   1 
ATOM   377  C CA  . PHE A 1 53 ? -0.160  -14.618 -4.378  1.00 22.44  ? 53  PHE A CA  1 
ATOM   378  C C   . PHE A 1 53 ? 0.672   -15.401 -3.371  1.00 23.33  ? 53  PHE A C   1 
ATOM   379  O O   . PHE A 1 53 ? 1.641   -16.061 -3.727  1.00 24.03  ? 53  PHE A O   1 
ATOM   380  C CB  . PHE A 1 53 ? -1.402  -15.469 -4.675  1.00 18.98  ? 53  PHE A CB  1 
ATOM   381  C CG  . PHE A 1 53 ? -2.523  -14.720 -5.332  1.00 19.18  ? 53  PHE A CG  1 
ATOM   382  C CD1 . PHE A 1 53 ? -2.421  -14.298 -6.654  1.00 18.69  ? 53  PHE A CD1 1 
ATOM   383  C CD2 . PHE A 1 53 ? -3.678  -14.418 -4.620  1.00 18.21  ? 53  PHE A CD2 1 
ATOM   384  C CE1 . PHE A 1 53 ? -3.465  -13.601 -7.264  1.00 18.08  ? 53  PHE A CE1 1 
ATOM   385  C CE2 . PHE A 1 53 ? -4.728  -13.720 -5.220  1.00 18.19  ? 53  PHE A CE2 1 
ATOM   386  C CZ  . PHE A 1 53 ? -4.614  -13.306 -6.542  1.00 16.44  ? 53  PHE A CZ  1 
ATOM   387  N N   . ILE A 1 54 ? 0.275   -15.314 -2.105  1.00 24.36  ? 54  ILE A N   1 
ATOM   388  C CA  . ILE A 1 54 ? 0.910   -16.077 -1.040  1.00 25.03  ? 54  ILE A CA  1 
ATOM   389  C C   . ILE A 1 54 ? -0.223  -16.608 -0.180  1.00 25.21  ? 54  ILE A C   1 
ATOM   390  O O   . ILE A 1 54 ? -1.302  -16.013 -0.110  1.00 23.38  ? 54  ILE A O   1 
ATOM   391  C CB  . ILE A 1 54 ? 1.845   -15.240 -0.132  1.00 26.13  ? 54  ILE A CB  1 
ATOM   392  C CG1 . ILE A 1 54 ? 1.050   -14.147 0.582   1.00 26.59  ? 54  ILE A CG1 1 
ATOM   393  C CG2 . ILE A 1 54 ? 2.996   -14.681 -0.946  1.00 26.76  ? 54  ILE A CG2 1 
ATOM   394  C CD1 . ILE A 1 54 ? 1.838   -13.462 1.685   1.00 28.48  ? 54  ILE A CD1 1 
ATOM   395  N N   . LYS A 1 55 ? 0.026   -17.735 0.467   1.00 25.18  ? 55  LYS A N   1 
ATOM   396  C CA  . LYS A 1 55 ? -0.965  -18.356 1.326   1.00 26.68  ? 55  LYS A CA  1 
ATOM   397  C C   . LYS A 1 55 ? -0.760  -17.842 2.746   1.00 26.16  ? 55  LYS A C   1 
ATOM   398  O O   . LYS A 1 55 ? 0.366   -17.808 3.246   1.00 27.88  ? 55  LYS A O   1 
ATOM   399  C CB  . LYS A 1 55 ? -0.789  -19.874 1.276   1.00 28.04  ? 55  LYS A CB  1 
ATOM   400  C CG  . LYS A 1 55 ? -1.814  -20.674 2.050   1.00 33.27  ? 55  LYS A CG  1 
ATOM   401  C CD  . LYS A 1 55 ? -1.485  -22.150 1.910   1.00 37.70  ? 55  LYS A CD  1 
ATOM   402  C CE  . LYS A 1 55 ? -2.382  -23.018 2.761   1.00 40.72  ? 55  LYS A CE  1 
ATOM   403  N NZ  . LYS A 1 55 ? -1.891  -24.427 2.751   1.00 45.44  ? 55  LYS A NZ  1 
ATOM   404  N N   . VAL A 1 56 ? -1.843  -17.434 3.392   1.00 23.82  ? 56  VAL A N   1 
ATOM   405  C CA  . VAL A 1 56 ? -1.756  -16.930 4.752   1.00 25.01  ? 56  VAL A CA  1 
ATOM   406  C C   . VAL A 1 56 ? -2.804  -17.588 5.645   1.00 27.64  ? 56  VAL A C   1 
ATOM   407  O O   . VAL A 1 56 ? -3.672  -18.334 5.169   1.00 25.69  ? 56  VAL A O   1 
ATOM   408  C CB  . VAL A 1 56 ? -1.976  -15.400 4.795   1.00 24.28  ? 56  VAL A CB  1 
ATOM   409  C CG1 . VAL A 1 56 ? -0.949  -14.701 3.921   1.00 23.47  ? 56  VAL A CG1 1 
ATOM   410  C CG2 . VAL A 1 56 ? -3.384  -15.062 4.321   1.00 22.91  ? 56  VAL A CG2 1 
ATOM   411  N N   . ARG A 1 57 ? -2.708  -17.316 6.942   1.00 27.62  ? 57  ARG A N   1 
ATOM   412  C CA  . ARG A 1 57 ? -3.658  -17.845 7.915   1.00 29.14  ? 57  ARG A CA  1 
ATOM   413  C C   . ARG A 1 57 ? -4.500  -16.679 8.417   1.00 28.15  ? 57  ARG A C   1 
ATOM   414  O O   . ARG A 1 57 ? -3.962  -15.646 8.818   1.00 29.30  ? 57  ARG A O   1 
ATOM   415  C CB  . ARG A 1 57 ? -2.926  -18.494 9.094   1.00 30.19  ? 57  ARG A CB  1 
ATOM   416  C CG  . ARG A 1 57 ? -2.199  -19.791 8.758   1.00 34.29  ? 57  ARG A CG  1 
ATOM   417  C CD  . ARG A 1 57 ? -1.595  -20.408 10.010  1.00 38.63  ? 57  ARG A CD  1 
ATOM   418  N NE  . ARG A 1 57 ? -0.560  -19.557 10.590  1.00 43.90  ? 57  ARG A NE  1 
ATOM   419  C CZ  . ARG A 1 57 ? -0.077  -19.688 11.823  1.00 48.08  ? 57  ARG A CZ  1 
ATOM   420  N NH1 . ARG A 1 57 ? -0.537  -20.643 12.626  1.00 50.23  ? 57  ARG A NH1 1 
ATOM   421  N NH2 . ARG A 1 57 ? 0.865   -18.859 12.259  1.00 48.31  ? 57  ARG A NH2 1 
ATOM   422  N N   . GLN A 1 58 ? -5.815  -16.841 8.398   1.00 26.92  ? 58  GLN A N   1 
ATOM   423  C CA  . GLN A 1 58 ? -6.708  -15.785 8.847   1.00 30.36  ? 58  GLN A CA  1 
ATOM   424  C C   . GLN A 1 58 ? -7.239  -15.985 10.261  1.00 31.59  ? 58  GLN A C   1 
ATOM   425  O O   . GLN A 1 58 ? -7.913  -16.976 10.544  1.00 30.39  ? 58  GLN A O   1 
ATOM   426  C CB  . GLN A 1 58 ? -7.902  -15.665 7.902   1.00 31.02  ? 58  GLN A CB  1 
ATOM   427  C CG  . GLN A 1 58 ? -8.833  -14.536 8.268   1.00 34.44  ? 58  GLN A CG  1 
ATOM   428  C CD  . GLN A 1 58 ? -10.076 -14.509 7.412   1.00 37.35  ? 58  GLN A CD  1 
ATOM   429  O OE1 . GLN A 1 58 ? -10.008 -14.657 6.192   1.00 40.45  ? 58  GLN A OE1 1 
ATOM   430  N NE2 . GLN A 1 58 ? -11.223 -14.308 8.044   1.00 39.22  ? 58  GLN A NE2 1 
ATOM   431  N N   . TYR A 1 59 ? -6.938  -15.035 11.141  1.00 32.28  ? 59  TYR A N   1 
ATOM   432  C CA  . TYR A 1 59 ? -7.415  -15.081 12.522  1.00 33.98  ? 59  TYR A CA  1 
ATOM   433  C C   . TYR A 1 59 ? -8.384  -13.921 12.693  1.00 35.55  ? 59  TYR A C   1 
ATOM   434  O O   . TYR A 1 59 ? -8.142  -12.823 12.192  1.00 34.93  ? 59  TYR A O   1 
ATOM   435  C CB  . TYR A 1 59 ? -6.263  -14.925 13.518  1.00 34.37  ? 59  TYR A CB  1 
ATOM   436  C CG  . TYR A 1 59 ? -5.251  -16.042 13.491  1.00 34.15  ? 59  TYR A CG  1 
ATOM   437  C CD1 . TYR A 1 59 ? -4.255  -16.087 12.517  1.00 34.73  ? 59  TYR A CD1 1 
ATOM   438  C CD2 . TYR A 1 59 ? -5.283  -17.058 14.449  1.00 36.83  ? 59  TYR A CD2 1 
ATOM   439  C CE1 . TYR A 1 59 ? -3.312  -17.117 12.496  1.00 35.77  ? 59  TYR A CE1 1 
ATOM   440  C CE2 . TYR A 1 59 ? -4.345  -18.093 14.438  1.00 36.48  ? 59  TYR A CE2 1 
ATOM   441  C CZ  . TYR A 1 59 ? -3.364  -18.115 13.462  1.00 37.90  ? 59  TYR A CZ  1 
ATOM   442  O OH  . TYR A 1 59 ? -2.429  -19.127 13.457  1.00 38.55  ? 59  TYR A OH  1 
ATOM   443  N N   . ASP A 1 60 ? -9.477  -14.157 13.404  1.00 37.48  ? 60  ASP A N   1 
ATOM   444  C CA  . ASP A 1 60 ? -10.473 -13.116 13.607  1.00 40.02  ? 60  ASP A CA  1 
ATOM   445  C C   . ASP A 1 60 ? -10.486 -12.579 15.033  1.00 39.66  ? 60  ASP A C   1 
ATOM   446  O O   . ASP A 1 60 ? -9.996  -13.225 15.960  1.00 39.88  ? 60  ASP A O   1 
ATOM   447  C CB  . ASP A 1 60 ? -11.861 -13.658 13.255  1.00 42.12  ? 60  ASP A CB  1 
ATOM   448  C CG  . ASP A 1 60 ? -11.900 -14.301 11.886  1.00 45.95  ? 60  ASP A CG  1 
ATOM   449  O OD1 . ASP A 1 60 ? -11.767 -13.575 10.874  1.00 47.88  ? 60  ASP A OD1 1 
ATOM   450  O OD2 . ASP A 1 60 ? -12.054 -15.539 11.821  1.00 48.59  ? 60  ASP A OD2 1 
ATOM   451  N N   . GLN A 1 61 ? -11.048 -11.383 15.188  1.00 39.19  ? 61  GLN A N   1 
ATOM   452  C CA  . GLN A 1 61 ? -11.183 -10.733 16.486  1.00 39.65  ? 61  GLN A CA  1 
ATOM   453  C C   . GLN A 1 61 ? -9.892  -10.618 17.285  1.00 38.36  ? 61  GLN A C   1 
ATOM   454  O O   . GLN A 1 61 ? -9.900  -10.811 18.497  1.00 38.67  ? 61  GLN A O   1 
ATOM   455  C CB  . GLN A 1 61 ? -12.218 -11.476 17.334  1.00 41.94  ? 61  GLN A CB  1 
ATOM   456  C CG  . GLN A 1 61 ? -13.592 -11.621 16.694  1.00 45.94  ? 61  GLN A CG  1 
ATOM   457  C CD  . GLN A 1 61 ? -14.242 -10.290 16.386  1.00 48.41  ? 61  GLN A CD  1 
ATOM   458  O OE1 . GLN A 1 61 ? -14.259 -9.384  17.221  1.00 49.50  ? 61  GLN A OE1 1 
ATOM   459  N NE2 . GLN A 1 61 ? -14.794 -10.167 15.185  1.00 50.70  ? 61  GLN A NE2 1 
ATOM   460  N N   . ILE A 1 62 ? -8.789  -10.302 16.616  1.00 36.61  ? 62  ILE A N   1 
ATOM   461  C CA  . ILE A 1 62 ? -7.507  -10.164 17.297  1.00 35.15  ? 62  ILE A CA  1 
ATOM   462  C C   . ILE A 1 62 ? -7.327  -8.720  17.766  1.00 35.27  ? 62  ILE A C   1 
ATOM   463  O O   . ILE A 1 62 ? -7.485  -7.784  16.984  1.00 34.12  ? 62  ILE A O   1 
ATOM   464  C CB  . ILE A 1 62 ? -6.336  -10.545 16.354  1.00 35.10  ? 62  ILE A CB  1 
ATOM   465  C CG1 . ILE A 1 62 ? -6.470  -12.010 15.919  1.00 35.54  ? 62  ILE A CG1 1 
ATOM   466  C CG2 . ILE A 1 62 ? -4.997  -10.294 17.035  1.00 34.84  ? 62  ILE A CG2 1 
ATOM   467  C CD1 . ILE A 1 62 ? -6.514  -13.019 17.063  1.00 35.35  ? 62  ILE A CD1 1 
ATOM   468  N N   . PRO A 1 63 ? -7.028  -8.519  19.061  1.00 35.45  ? 63  PRO A N   1 
ATOM   469  C CA  . PRO A 1 63 ? -6.833  -7.165  19.592  1.00 35.28  ? 63  PRO A CA  1 
ATOM   470  C C   . PRO A 1 63 ? -5.453  -6.647  19.198  1.00 35.41  ? 63  PRO A C   1 
ATOM   471  O O   . PRO A 1 63 ? -4.448  -7.332  19.393  1.00 33.11  ? 63  PRO A O   1 
ATOM   472  C CB  . PRO A 1 63 ? -6.955  -7.355  21.105  1.00 35.74  ? 63  PRO A CB  1 
ATOM   473  C CG  . PRO A 1 63 ? -7.774  -8.615  21.242  1.00 35.82  ? 63  PRO A CG  1 
ATOM   474  C CD  . PRO A 1 63 ? -7.185  -9.483  20.165  1.00 36.07  ? 63  PRO A CD  1 
ATOM   475  N N   . VAL A 1 64 ? -5.409  -5.443  18.643  1.00 35.41  ? 64  VAL A N   1 
ATOM   476  C CA  . VAL A 1 64 ? -4.145  -4.853  18.219  1.00 36.80  ? 64  VAL A CA  1 
ATOM   477  C C   . VAL A 1 64 ? -4.106  -3.391  18.635  1.00 37.59  ? 64  VAL A C   1 
ATOM   478  O O   . VAL A 1 64 ? -5.103  -2.684  18.505  1.00 40.03  ? 64  VAL A O   1 
ATOM   479  C CB  . VAL A 1 64 ? -3.978  -4.936  16.672  1.00 36.24  ? 64  VAL A CB  1 
ATOM   480  C CG1 . VAL A 1 64 ? -2.640  -4.336  16.249  1.00 35.90  ? 64  VAL A CG1 1 
ATOM   481  C CG2 . VAL A 1 64 ? -4.071  -6.389  16.213  1.00 36.52  ? 64  VAL A CG2 1 
ATOM   482  N N   . GLU A 1 65 ? -2.973  -2.940  19.158  1.00 37.67  ? 65  GLU A N   1 
ATOM   483  C CA  . GLU A 1 65 ? -2.865  -1.540  19.537  1.00 39.03  ? 65  GLU A CA  1 
ATOM   484  C C   . GLU A 1 65 ? -1.897  -0.833  18.596  1.00 37.26  ? 65  GLU A C   1 
ATOM   485  O O   . GLU A 1 65 ? -0.744  -1.238  18.447  1.00 36.79  ? 65  GLU A O   1 
ATOM   486  C CB  . GLU A 1 65 ? -2.398  -1.371  20.986  1.00 40.79  ? 65  GLU A CB  1 
ATOM   487  C CG  . GLU A 1 65 ? -2.608  0.056   21.479  1.00 43.86  ? 65  GLU A CG  1 
ATOM   488  C CD  . GLU A 1 65 ? -2.266  0.242   22.938  1.00 46.39  ? 65  GLU A CD  1 
ATOM   489  O OE1 . GLU A 1 65 ? -1.068  0.178   23.282  1.00 46.85  ? 65  GLU A OE1 1 
ATOM   490  O OE2 . GLU A 1 65 ? -3.203  0.453   23.741  1.00 47.66  ? 65  GLU A OE2 1 
ATOM   491  N N   . ILE A 1 66 ? -2.392  0.224   17.961  1.00 36.85  ? 66  ILE A N   1 
ATOM   492  C CA  . ILE A 1 66 ? -1.614  1.009   17.013  1.00 36.47  ? 66  ILE A CA  1 
ATOM   493  C C   . ILE A 1 66 ? -1.407  2.422   17.554  1.00 37.82  ? 66  ILE A C   1 
ATOM   494  O O   . ILE A 1 66 ? -2.367  3.186   17.690  1.00 36.66  ? 66  ILE A O   1 
ATOM   495  C CB  . ILE A 1 66 ? -2.345  1.100   15.661  1.00 34.90  ? 66  ILE A CB  1 
ATOM   496  C CG1 . ILE A 1 66 ? -2.687  -0.307  15.167  1.00 33.92  ? 66  ILE A CG1 1 
ATOM   497  C CG2 . ILE A 1 66 ? -1.486  1.843   14.652  1.00 32.80  ? 66  ILE A CG2 1 
ATOM   498  C CD1 . ILE A 1 66 ? -3.701  -0.338  14.047  1.00 32.57  ? 66  ILE A CD1 1 
ATOM   499  N N   . CYS A 1 67 ? -0.157  2.759   17.857  1.00 39.38  ? 67  CYS A N   1 
ATOM   500  C CA  . CYS A 1 67 ? 0.184   4.075   18.387  1.00 42.17  ? 67  CYS A CA  1 
ATOM   501  C C   . CYS A 1 67 ? -0.767  4.516   19.491  1.00 42.12  ? 67  CYS A C   1 
ATOM   502  O O   . CYS A 1 67 ? -1.349  5.597   19.419  1.00 42.58  ? 67  CYS A O   1 
ATOM   503  C CB  . CYS A 1 67 ? 0.184   5.120   17.268  1.00 43.75  ? 67  CYS A CB  1 
ATOM   504  S SG  . CYS A 1 67 ? 1.621   5.044   16.193  1.00 50.17  ? 67  CYS A SG  1 
ATOM   505  N N   . GLY A 1 68 ? -0.926  3.676   20.508  1.00 43.39  ? 68  GLY A N   1 
ATOM   506  C CA  . GLY A 1 68 ? -1.805  4.011   21.616  1.00 43.30  ? 68  GLY A CA  1 
ATOM   507  C C   . GLY A 1 68 ? -3.288  3.905   21.316  1.00 43.49  ? 68  GLY A C   1 
ATOM   508  O O   . GLY A 1 68 ? -4.119  4.305   22.130  1.00 43.50  ? 68  GLY A O   1 
ATOM   509  N N   . HIS A 1 69 ? -3.629  3.374   20.148  1.00 43.35  ? 69  HIS A N   1 
ATOM   510  C CA  . HIS A 1 69 ? -5.025  3.219   19.760  1.00 42.40  ? 69  HIS A CA  1 
ATOM   511  C C   . HIS A 1 69 ? -5.428  1.753   19.757  1.00 42.97  ? 69  HIS A C   1 
ATOM   512  O O   . HIS A 1 69 ? -4.696  0.899   19.259  1.00 43.04  ? 69  HIS A O   1 
ATOM   513  C CB  . HIS A 1 69 ? -5.257  3.817   18.378  1.00 42.41  ? 69  HIS A CB  1 
ATOM   514  C CG  . HIS A 1 69 ? -5.225  5.312   18.356  1.00 42.71  ? 69  HIS A CG  1 
ATOM   515  N ND1 . HIS A 1 69 ? -6.362  6.078   18.240  1.00 42.52  ? 69  HIS A ND1 1 
ATOM   516  C CD2 . HIS A 1 69 ? -4.190  6.181   18.451  1.00 41.75  ? 69  HIS A CD2 1 
ATOM   517  C CE1 . HIS A 1 69 ? -6.031  7.359   18.262  1.00 42.15  ? 69  HIS A CE1 1 
ATOM   518  N NE2 . HIS A 1 69 ? -4.721  7.445   18.390  1.00 42.75  ? 69  HIS A NE2 1 
ATOM   519  N N   . LYS A 1 70 ? -6.597  1.467   20.323  1.00 42.85  ? 70  LYS A N   1 
ATOM   520  C CA  . LYS A 1 70 ? -7.099  0.103   20.389  1.00 42.38  ? 70  LYS A CA  1 
ATOM   521  C C   . LYS A 1 70 ? -7.899  -0.258  19.147  1.00 40.26  ? 70  LYS A C   1 
ATOM   522  O O   . LYS A 1 70 ? -8.756  0.503   18.698  1.00 39.53  ? 70  LYS A O   1 
ATOM   523  C CB  . LYS A 1 70 ? -7.974  -0.091  21.633  1.00 45.04  ? 70  LYS A CB  1 
ATOM   524  C CG  . LYS A 1 70 ? -7.207  -0.068  22.946  1.00 48.71  ? 70  LYS A CG  1 
ATOM   525  C CD  . LYS A 1 70 ? -8.136  -0.318  24.125  1.00 51.62  ? 70  LYS A CD  1 
ATOM   526  C CE  . LYS A 1 70 ? -7.377  -0.277  25.441  1.00 53.81  ? 70  LYS A CE  1 
ATOM   527  N NZ  . LYS A 1 70 ? -8.282  -0.476  26.607  1.00 56.35  ? 70  LYS A NZ  1 
ATOM   528  N N   . ALA A 1 71 ? -7.605  -1.429  18.600  1.00 38.42  ? 71  ALA A N   1 
ATOM   529  C CA  . ALA A 1 71 ? -8.293  -1.914  17.417  1.00 37.52  ? 71  ALA A CA  1 
ATOM   530  C C   . ALA A 1 71 ? -8.420  -3.428  17.494  1.00 35.84  ? 71  ALA A C   1 
ATOM   531  O O   . ALA A 1 71 ? -7.526  -4.116  17.993  1.00 35.56  ? 71  ALA A O   1 
ATOM   532  C CB  . ALA A 1 71 ? -7.524  -1.517  16.167  1.00 38.97  ? 71  ALA A CB  1 
ATOM   533  N N   . ILE A 1 72 ? -9.538  -3.942  17.001  1.00 33.83  ? 72  ILE A N   1 
ATOM   534  C CA  . ILE A 1 72 ? -9.767  -5.380  17.002  1.00 32.89  ? 72  ILE A CA  1 
ATOM   535  C C   . ILE A 1 72 ? -10.389 -5.794  15.677  1.00 30.37  ? 72  ILE A C   1 
ATOM   536  O O   . ILE A 1 72 ? -11.408 -5.253  15.259  1.00 29.44  ? 72  ILE A O   1 
ATOM   537  C CB  . ILE A 1 72 ? -10.701 -5.804  18.165  1.00 33.18  ? 72  ILE A CB  1 
ATOM   538  C CG1 . ILE A 1 72 ? -10.858 -7.328  18.174  1.00 33.30  ? 72  ILE A CG1 1 
ATOM   539  C CG2 . ILE A 1 72 ? -12.057 -5.124  18.027  1.00 32.27  ? 72  ILE A CG2 1 
ATOM   540  C CD1 . ILE A 1 72 ? -11.697 -7.840  19.326  1.00 35.42  ? 72  ILE A CD1 1 
ATOM   541  N N   . GLY A 1 73 ? -9.761  -6.752  15.011  1.00 30.08  ? 73  GLY A N   1 
ATOM   542  C CA  . GLY A 1 73 ? -10.287 -7.204  13.743  1.00 28.71  ? 73  GLY A CA  1 
ATOM   543  C C   . GLY A 1 73 ? -9.552  -8.401  13.189  1.00 29.30  ? 73  GLY A C   1 
ATOM   544  O O   . GLY A 1 73 ? -8.820  -9.098  13.897  1.00 28.86  ? 73  GLY A O   1 
ATOM   545  N N   . THR A 1 74 ? -9.746  -8.637  11.901  1.00 28.27  ? 74  THR A N   1 
ATOM   546  C CA  . THR A 1 74 ? -9.108  -9.760  11.250  1.00 28.52  ? 74  THR A CA  1 
ATOM   547  C C   . THR A 1 74 ? -7.636  -9.485  10.999  1.00 27.68  ? 74  THR A C   1 
ATOM   548  O O   . THR A 1 74 ? -7.238  -8.377  10.635  1.00 29.43  ? 74  THR A O   1 
ATOM   549  C CB  . THR A 1 74 ? -9.809  -10.081 9.918   1.00 30.24  ? 74  THR A CB  1 
ATOM   550  O OG1 . THR A 1 74 ? -11.193 -10.367 10.174  1.00 30.18  ? 74  THR A OG1 1 
ATOM   551  C CG2 . THR A 1 74 ? -9.155  -11.287 9.243   1.00 28.75  ? 74  THR A CG2 1 
ATOM   552  N N   . VAL A 1 75 ? -6.825  -10.510 11.214  1.00 26.98  ? 75  VAL A N   1 
ATOM   553  C CA  . VAL A 1 75 ? -5.395  -10.419 11.005  1.00 25.35  ? 75  VAL A CA  1 
ATOM   554  C C   . VAL A 1 75 ? -4.944  -11.629 10.199  1.00 25.50  ? 75  VAL A C   1 
ATOM   555  O O   . VAL A 1 75 ? -5.275  -12.769 10.535  1.00 25.31  ? 75  VAL A O   1 
ATOM   556  C CB  . VAL A 1 75 ? -4.643  -10.407 12.347  1.00 27.04  ? 75  VAL A CB  1 
ATOM   557  C CG1 . VAL A 1 75 ? -3.166  -10.641 12.116  1.00 26.85  ? 75  VAL A CG1 1 
ATOM   558  C CG2 . VAL A 1 75 ? -4.880  -9.079  13.059  1.00 25.24  ? 75  VAL A CG2 1 
ATOM   559  N N   . LEU A 1 76 ? -4.208  -11.378 9.120   1.00 23.31  ? 76  LEU A N   1 
ATOM   560  C CA  . LEU A 1 76 ? -3.696  -12.461 8.298   1.00 22.99  ? 76  LEU A CA  1 
ATOM   561  C C   . LEU A 1 76 ? -2.229  -12.645 8.658   1.00 23.46  ? 76  LEU A C   1 
ATOM   562  O O   . LEU A 1 76 ? -1.494  -11.667 8.826   1.00 24.12  ? 76  LEU A O   1 
ATOM   563  C CB  . LEU A 1 76 ? -3.838  -12.121 6.810   1.00 22.32  ? 76  LEU A CB  1 
ATOM   564  C CG  . LEU A 1 76 ? -5.229  -11.693 6.330   1.00 22.80  ? 76  LEU A CG  1 
ATOM   565  C CD1 . LEU A 1 76 ? -5.182  -11.456 4.828   1.00 23.21  ? 76  LEU A CD1 1 
ATOM   566  C CD2 . LEU A 1 76 ? -6.274  -12.760 6.671   1.00 21.02  ? 76  LEU A CD2 1 
ATOM   567  N N   . VAL A 1 77 ? -1.808  -13.896 8.807   1.00 23.57  ? 77  VAL A N   1 
ATOM   568  C CA  . VAL A 1 77 ? -0.420  -14.190 9.147   1.00 24.31  ? 77  VAL A CA  1 
ATOM   569  C C   . VAL A 1 77 ? 0.174   -15.063 8.052   1.00 26.14  ? 77  VAL A C   1 
ATOM   570  O O   . VAL A 1 77 ? -0.414  -16.068 7.653   1.00 26.39  ? 77  VAL A O   1 
ATOM   571  C CB  . VAL A 1 77 ? -0.319  -14.913 10.502  1.00 26.77  ? 77  VAL A CB  1 
ATOM   572  C CG1 . VAL A 1 77 ? 1.110   -15.379 10.749  1.00 26.28  ? 77  VAL A CG1 1 
ATOM   573  C CG2 . VAL A 1 77 ? -0.779  -13.980 11.617  1.00 25.15  ? 77  VAL A CG2 1 
ATOM   574  N N   . GLY A 1 78 ? 1.335   -14.660 7.559   1.00 25.29  ? 78  GLY A N   1 
ATOM   575  C CA  . GLY A 1 78 ? 1.980   -15.404 6.500   1.00 27.34  ? 78  GLY A CA  1 
ATOM   576  C C   . GLY A 1 78 ? 3.361   -14.858 6.206   1.00 28.69  ? 78  GLY A C   1 
ATOM   577  O O   . GLY A 1 78 ? 3.812   -13.907 6.847   1.00 27.73  ? 78  GLY A O   1 
ATOM   578  N N   . PRO A 1 79 ? 4.054   -15.431 5.215   1.00 29.70  ? 79  PRO A N   1 
ATOM   579  C CA  . PRO A 1 79 ? 5.399   -14.988 4.855   1.00 31.10  ? 79  PRO A CA  1 
ATOM   580  C C   . PRO A 1 79 ? 5.443   -13.633 4.163   1.00 32.62  ? 79  PRO A C   1 
ATOM   581  O O   . PRO A 1 79 ? 5.712   -13.553 2.965   1.00 33.61  ? 79  PRO A O   1 
ATOM   582  C CB  . PRO A 1 79 ? 5.891   -16.113 3.957   1.00 31.45  ? 79  PRO A CB  1 
ATOM   583  C CG  . PRO A 1 79 ? 4.640   -16.487 3.217   1.00 32.00  ? 79  PRO A CG  1 
ATOM   584  C CD  . PRO A 1 79 ? 3.595   -16.509 4.317   1.00 30.19  ? 79  PRO A CD  1 
ATOM   585  N N   . THR A 1 80 ? 5.165   -12.570 4.912   1.00 33.47  ? 80  THR A N   1 
ATOM   586  C CA  . THR A 1 80 ? 5.211   -11.230 4.342   1.00 34.02  ? 80  THR A CA  1 
ATOM   587  C C   . THR A 1 80 ? 6.567   -10.617 4.678   1.00 35.45  ? 80  THR A C   1 
ATOM   588  O O   . THR A 1 80 ? 7.046   -10.724 5.806   1.00 36.15  ? 80  THR A O   1 
ATOM   589  C CB  . THR A 1 80 ? 4.084   -10.314 4.903   1.00 33.53  ? 80  THR A CB  1 
ATOM   590  O OG1 . THR A 1 80 ? 4.201   -9.002  4.326   1.00 30.95  ? 80  THR A OG1 1 
ATOM   591  C CG2 . THR A 1 80 ? 4.170   -10.216 6.420   1.00 30.43  ? 80  THR A CG2 1 
ATOM   592  N N   . PRO A 1 81 ? 7.211   -9.977  3.693   1.00 36.69  ? 81  PRO A N   1 
ATOM   593  C CA  . PRO A 1 81 ? 8.516   -9.360  3.929   1.00 37.71  ? 81  PRO A CA  1 
ATOM   594  C C   . PRO A 1 81 ? 8.464   -8.239  4.964   1.00 38.53  ? 81  PRO A C   1 
ATOM   595  O O   . PRO A 1 81 ? 9.490   -7.856  5.526   1.00 38.95  ? 81  PRO A O   1 
ATOM   596  C CB  . PRO A 1 81 ? 8.918   -8.871  2.541   1.00 38.52  ? 81  PRO A CB  1 
ATOM   597  C CG  . PRO A 1 81 ? 7.599   -8.574  1.887   1.00 39.95  ? 81  PRO A CG  1 
ATOM   598  C CD  . PRO A 1 81 ? 6.778   -9.775  2.298   1.00 38.68  ? 81  PRO A CD  1 
ATOM   599  N N   . VAL A 1 82 ? 7.263   -7.724  5.221   1.00 37.64  ? 82  VAL A N   1 
ATOM   600  C CA  . VAL A 1 82 ? 7.077   -6.652  6.195   1.00 34.62  ? 82  VAL A CA  1 
ATOM   601  C C   . VAL A 1 82 ? 5.661   -6.669  6.764   1.00 33.28  ? 82  VAL A C   1 
ATOM   602  O O   . VAL A 1 82 ? 4.717   -7.091  6.094   1.00 34.01  ? 82  VAL A O   1 
ATOM   603  C CB  . VAL A 1 82 ? 7.354   -5.264  5.553   1.00 35.94  ? 82  VAL A CB  1 
ATOM   604  C CG1 . VAL A 1 82 ? 6.445   -5.047  4.359   1.00 36.03  ? 82  VAL A CG1 1 
ATOM   605  C CG2 . VAL A 1 82 ? 7.158   -4.164  6.580   1.00 35.79  ? 82  VAL A CG2 1 
ATOM   606  N N   . ASN A 1 83 ? 5.517   -6.222  8.005   1.00 30.88  ? 83  ASN A N   1 
ATOM   607  C CA  . ASN A 1 83 ? 4.209   -6.186  8.642   1.00 28.87  ? 83  ASN A CA  1 
ATOM   608  C C   . ASN A 1 83 ? 3.374   -5.079  8.020   1.00 27.42  ? 83  ASN A C   1 
ATOM   609  O O   . ASN A 1 83 ? 3.839   -3.951  7.850   1.00 25.61  ? 83  ASN A O   1 
ATOM   610  C CB  . ASN A 1 83 ? 4.362   -5.976  10.140  1.00 29.84  ? 83  ASN A CB  1 
ATOM   611  C CG  . ASN A 1 83 ? 5.093   -7.119  10.799  1.00 33.69  ? 83  ASN A CG  1 
ATOM   612  O OD1 . ASN A 1 83 ? 4.732   -8.286  10.617  1.00 33.42  ? 83  ASN A OD1 1 
ATOM   613  N ND2 . ASN A 1 83 ? 6.130   -6.799  11.565  1.00 34.23  ? 83  ASN A ND2 1 
ATOM   614  N N   . ILE A 1 84 ? 2.131   -5.408  7.696   1.00 24.71  ? 84  ILE A N   1 
ATOM   615  C CA  . ILE A 1 84 ? 1.245   -4.471  7.034   1.00 23.30  ? 84  ILE A CA  1 
ATOM   616  C C   . ILE A 1 84 ? -0.075  -4.237  7.742   1.00 22.86  ? 84  ILE A C   1 
ATOM   617  O O   . ILE A 1 84 ? -0.816  -5.183  8.019   1.00 22.23  ? 84  ILE A O   1 
ATOM   618  C CB  . ILE A 1 84 ? 0.935   -4.974  5.609   1.00 24.68  ? 84  ILE A CB  1 
ATOM   619  C CG1 . ILE A 1 84 ? 2.232   -5.085  4.808   1.00 27.33  ? 84  ILE A CG1 1 
ATOM   620  C CG2 . ILE A 1 84 ? -0.057  -4.056  4.927   1.00 25.18  ? 84  ILE A CG2 1 
ATOM   621  C CD1 . ILE A 1 84 ? 2.079   -5.872  3.516   1.00 28.34  ? 84  ILE A CD1 1 
ATOM   622  N N   . ILE A 1 85 ? -0.372  -2.972  8.022   1.00 22.14  ? 85  ILE A N   1 
ATOM   623  C CA  . ILE A 1 85 ? -1.633  -2.617  8.654   1.00 20.98  ? 85  ILE A CA  1 
ATOM   624  C C   . ILE A 1 85 ? -2.518  -2.113  7.521   1.00 21.77  ? 85  ILE A C   1 
ATOM   625  O O   . ILE A 1 85 ? -2.233  -1.072  6.921   1.00 20.50  ? 85  ILE A O   1 
ATOM   626  C CB  . ILE A 1 85 ? -1.460  -1.495  9.698   1.00 22.91  ? 85  ILE A CB  1 
ATOM   627  C CG1 . ILE A 1 85 ? -0.427  -1.914  10.751  1.00 23.81  ? 85  ILE A CG1 1 
ATOM   628  C CG2 . ILE A 1 85 ? -2.803  -1.191  10.364  1.00 21.04  ? 85  ILE A CG2 1 
ATOM   629  C CD1 . ILE A 1 85 ? -0.740  -3.234  11.443  1.00 24.61  ? 85  ILE A CD1 1 
ATOM   630  N N   . GLY A 1 86 ? -3.587  -2.857  7.234   1.00 19.86  ? 86  GLY A N   1 
ATOM   631  C CA  . GLY A 1 86 ? -4.492  -2.500  6.158   1.00 19.88  ? 86  GLY A CA  1 
ATOM   632  C C   . GLY A 1 86 ? -5.694  -1.656  6.539   1.00 19.98  ? 86  GLY A C   1 
ATOM   633  O O   . GLY A 1 86 ? -5.871  -1.280  7.698   1.00 20.93  ? 86  GLY A O   1 
ATOM   634  N N   . ARG A 1 87 ? -6.534  -1.366  5.553   1.00 17.98  ? 87  ARG A N   1 
ATOM   635  C CA  . ARG A 1 87 ? -7.713  -0.541  5.786   1.00 20.76  ? 87  ARG A CA  1 
ATOM   636  C C   . ARG A 1 87 ? -8.691  -1.098  6.809   1.00 22.85  ? 87  ARG A C   1 
ATOM   637  O O   . ARG A 1 87 ? -9.376  -0.326  7.483   1.00 23.85  ? 87  ARG A O   1 
ATOM   638  C CB  . ARG A 1 87 ? -8.441  -0.265  4.465   1.00 20.65  ? 87  ARG A CB  1 
ATOM   639  C CG  . ARG A 1 87 ? -7.612  0.557   3.491   1.00 18.60  ? 87  ARG A CG  1 
ATOM   640  C CD  . ARG A 1 87 ? -8.390  0.941   2.238   1.00 18.96  ? 87  ARG A CD  1 
ATOM   641  N NE  . ARG A 1 87 ? -8.919  -0.210  1.515   1.00 21.26  ? 87  ARG A NE  1 
ATOM   642  C CZ  . ARG A 1 87 ? -10.159 -0.679  1.649   1.00 23.92  ? 87  ARG A CZ  1 
ATOM   643  N NH1 . ARG A 1 87 ? -11.006 -0.097  2.484   1.00 25.12  ? 87  ARG A NH1 1 
ATOM   644  N NH2 . ARG A 1 87 ? -10.563 -1.713  0.928   1.00 21.18  ? 87  ARG A NH2 1 
ATOM   645  N N   . ASN A 1 88 ? -8.753  -2.420  6.952   1.00 24.02  ? 88  ASN A N   1 
ATOM   646  C CA  . ASN A 1 88 ? -9.686  -2.996  7.919   1.00 25.13  ? 88  ASN A CA  1 
ATOM   647  C C   . ASN A 1 88 ? -9.434  -2.432  9.316   1.00 26.17  ? 88  ASN A C   1 
ATOM   648  O O   . ASN A 1 88 ? -10.380 -2.148  10.051  1.00 27.34  ? 88  ASN A O   1 
ATOM   649  C CB  . ASN A 1 88 ? -9.619  -4.537  7.917   1.00 25.30  ? 88  ASN A CB  1 
ATOM   650  C CG  . ASN A 1 88 ? -8.338  -5.084  8.519   1.00 26.14  ? 88  ASN A CG  1 
ATOM   651  O OD1 . ASN A 1 88 ? -7.236  -4.735  8.099   1.00 26.21  ? 88  ASN A OD1 1 
ATOM   652  N ND2 . ASN A 1 88 ? -8.484  -5.968  9.501   1.00 27.86  ? 88  ASN A ND2 1 
ATOM   653  N N   . LEU A 1 89 ? -8.167  -2.232  9.669   1.00 26.57  ? 89  LEU A N   1 
ATOM   654  C CA  . LEU A 1 89 ? -7.832  -1.678  10.980  1.00 26.12  ? 89  LEU A CA  1 
ATOM   655  C C   . LEU A 1 89 ? -7.655  -0.154  10.969  1.00 26.92  ? 89  LEU A C   1 
ATOM   656  O O   . LEU A 1 89 ? -8.013  0.519   11.936  1.00 25.10  ? 89  LEU A O   1 
ATOM   657  C CB  . LEU A 1 89 ? -6.571  -2.341  11.539  1.00 26.34  ? 89  LEU A CB  1 
ATOM   658  C CG  . LEU A 1 89 ? -6.696  -3.832  11.871  1.00 29.74  ? 89  LEU A CG  1 
ATOM   659  C CD1 . LEU A 1 89 ? -5.390  -4.339  12.455  1.00 29.21  ? 89  LEU A CD1 1 
ATOM   660  C CD2 . LEU A 1 89 ? -7.831  -4.053  12.856  1.00 29.33  ? 89  LEU A CD2 1 
ATOM   661  N N   . LEU A 1 90 ? -7.117  0.393   9.881   1.00 25.93  ? 90  LEU A N   1 
ATOM   662  C CA  . LEU A 1 90 ? -6.919  1.843   9.787   1.00 26.22  ? 90  LEU A CA  1 
ATOM   663  C C   . LEU A 1 90 ? -8.216  2.627   9.996   1.00 26.74  ? 90  LEU A C   1 
ATOM   664  O O   . LEU A 1 90 ? -8.220  3.668   10.655  1.00 27.39  ? 90  LEU A O   1 
ATOM   665  C CB  . LEU A 1 90 ? -6.301  2.218   8.432   1.00 25.90  ? 90  LEU A CB  1 
ATOM   666  C CG  . LEU A 1 90 ? -4.856  1.770   8.176   1.00 26.92  ? 90  LEU A CG  1 
ATOM   667  C CD1 . LEU A 1 90 ? -4.464  2.089   6.739   1.00 25.36  ? 90  LEU A CD1 1 
ATOM   668  C CD2 . LEU A 1 90 ? -3.910  2.464   9.159   1.00 25.45  ? 90  LEU A CD2 1 
ATOM   669  N N   . THR A 1 91 ? -9.317  2.135   9.437   1.00 27.49  ? 91  THR A N   1 
ATOM   670  C CA  . THR A 1 91 ? -10.604 2.810   9.591   1.00 27.94  ? 91  THR A CA  1 
ATOM   671  C C   . THR A 1 91 ? -11.024 2.846   11.064  1.00 29.55  ? 91  THR A C   1 
ATOM   672  O O   . THR A 1 91 ? -11.678 3.792   11.509  1.00 29.48  ? 91  THR A O   1 
ATOM   673  C CB  . THR A 1 91 ? -11.718 2.089   8.816   1.00 28.22  ? 91  THR A CB  1 
ATOM   674  O OG1 . THR A 1 91 ? -11.830 0.746   9.298   1.00 27.14  ? 91  THR A OG1 1 
ATOM   675  C CG2 . THR A 1 91 ? -11.419 2.069   7.328   1.00 28.00  ? 91  THR A CG2 1 
ATOM   676  N N   . GLN A 1 92 ? -10.646 1.810   11.811  1.00 29.84  ? 92  GLN A N   1 
ATOM   677  C CA  . GLN A 1 92 ? -10.989 1.705   13.227  1.00 30.73  ? 92  GLN A CA  1 
ATOM   678  C C   . GLN A 1 92 ? -10.343 2.780   14.096  1.00 31.86  ? 92  GLN A C   1 
ATOM   679  O O   . GLN A 1 92 ? -10.895 3.159   15.134  1.00 32.23  ? 92  GLN A O   1 
ATOM   680  C CB  . GLN A 1 92 ? -10.624 0.313   13.762  1.00 31.02  ? 92  GLN A CB  1 
ATOM   681  C CG  . GLN A 1 92 ? -11.670 -0.761  13.457  1.00 31.89  ? 92  GLN A CG  1 
ATOM   682  C CD  . GLN A 1 92 ? -11.267 -2.149  13.937  1.00 32.31  ? 92  GLN A CD  1 
ATOM   683  O OE1 . GLN A 1 92 ? -10.690 -2.306  15.012  1.00 32.99  ? 92  GLN A OE1 1 
ATOM   684  N NE2 . GLN A 1 92 ? -11.585 -3.165  13.141  1.00 32.13  ? 92  GLN A NE2 1 
ATOM   685  N N   . ILE A 1 93 ? -9.176  3.270   13.689  1.00 30.59  ? 93  ILE A N   1 
ATOM   686  C CA  . ILE A 1 93 ? -8.508  4.304   14.466  1.00 29.46  ? 93  ILE A CA  1 
ATOM   687  C C   . ILE A 1 93 ? -8.747  5.701   13.896  1.00 28.96  ? 93  ILE A C   1 
ATOM   688  O O   . ILE A 1 93 ? -8.110  6.667   14.307  1.00 31.16  ? 93  ILE A O   1 
ATOM   689  C CB  . ILE A 1 93 ? -6.992  4.030   14.584  1.00 29.68  ? 93  ILE A CB  1 
ATOM   690  C CG1 . ILE A 1 93 ? -6.342  3.990   13.198  1.00 29.24  ? 93  ILE A CG1 1 
ATOM   691  C CG2 . ILE A 1 93 ? -6.772  2.717   15.309  1.00 28.89  ? 93  ILE A CG2 1 
ATOM   692  C CD1 . ILE A 1 93 ? -4.843  3.810   13.243  1.00 27.36  ? 93  ILE A CD1 1 
ATOM   693  N N   . GLY A 1 94 ? -9.681  5.798   12.955  1.00 28.56  ? 94  GLY A N   1 
ATOM   694  C CA  . GLY A 1 94 ? -10.024 7.077   12.360  1.00 28.04  ? 94  GLY A CA  1 
ATOM   695  C C   . GLY A 1 94 ? -8.994  7.664   11.418  1.00 29.12  ? 94  GLY A C   1 
ATOM   696  O O   . GLY A 1 94 ? -8.973  8.877   11.193  1.00 27.47  ? 94  GLY A O   1 
ATOM   697  N N   . CYS A 1 95 ? -8.152  6.804   10.852  1.00 28.55  ? 95  CYS A N   1 
ATOM   698  C CA  . CYS A 1 95 ? -7.106  7.248   9.943   1.00 28.13  ? 95  CYS A CA  1 
ATOM   699  C C   . CYS A 1 95 ? -7.643  7.700   8.593   1.00 26.67  ? 95  CYS A C   1 
ATOM   700  O O   . CYS A 1 95 ? -8.461  7.017   7.972   1.00 26.32  ? 95  CYS A O   1 
ATOM   701  C CB  . CYS A 1 95 ? -6.080  6.129   9.742   1.00 29.99  ? 95  CYS A CB  1 
ATOM   702  S SG  . CYS A 1 95 ? -4.625  6.640   8.805   1.00 34.21  ? 95  CYS A SG  1 
ATOM   703  N N   . THR A 1 96 ? -7.176  8.862   8.141   1.00 25.94  ? 96  THR A N   1 
ATOM   704  C CA  . THR A 1 96 ? -7.590  9.411   6.852   1.00 25.18  ? 96  THR A CA  1 
ATOM   705  C C   . THR A 1 96 ? -6.384  9.911   6.050   1.00 25.31  ? 96  THR A C   1 
ATOM   706  O O   . THR A 1 96 ? -5.295  10.105  6.594   1.00 24.28  ? 96  THR A O   1 
ATOM   707  C CB  . THR A 1 96 ? -8.552  10.607  7.024   1.00 25.75  ? 96  THR A CB  1 
ATOM   708  O OG1 . THR A 1 96 ? -7.871  11.682  7.687   1.00 26.24  ? 96  THR A OG1 1 
ATOM   709  C CG2 . THR A 1 96 ? -9.769  10.205  7.836   1.00 28.01  ? 96  THR A CG2 1 
ATOM   710  N N   . LEU A 1 97 ? -6.589  10.096  4.749   1.00 25.20  ? 97  LEU A N   1 
ATOM   711  C CA  . LEU A 1 97 ? -5.559  10.623  3.862   1.00 24.55  ? 97  LEU A CA  1 
ATOM   712  C C   . LEU A 1 97 ? -5.932  12.081  3.664   1.00 24.35  ? 97  LEU A C   1 
ATOM   713  O O   . LEU A 1 97 ? -7.102  12.395  3.463   1.00 25.22  ? 97  LEU A O   1 
ATOM   714  C CB  . LEU A 1 97 ? -5.575  9.913   2.507   1.00 23.59  ? 97  LEU A CB  1 
ATOM   715  C CG  . LEU A 1 97 ? -4.865  8.564   2.422   1.00 23.50  ? 97  LEU A CG  1 
ATOM   716  C CD1 . LEU A 1 97 ? -5.160  7.920   1.078   1.00 22.43  ? 97  LEU A CD1 1 
ATOM   717  C CD2 . LEU A 1 97 ? -3.361  8.768   2.617   1.00 23.66  ? 97  LEU A CD2 1 
ATOM   718  N N   . ASN A 1 98 ? -4.951  12.970  3.717   1.00 23.85  ? 98  ASN A N   1 
ATOM   719  C CA  . ASN A 1 98 ? -5.241  14.383  3.559   1.00 25.64  ? 98  ASN A CA  1 
ATOM   720  C C   . ASN A 1 98 ? -4.246  15.147  2.700   1.00 25.46  ? 98  ASN A C   1 
ATOM   721  O O   . ASN A 1 98 ? -3.034  14.945  2.801   1.00 25.82  ? 98  ASN A O   1 
ATOM   722  C CB  . ASN A 1 98 ? -5.323  15.060  4.935   1.00 28.20  ? 98  ASN A CB  1 
ATOM   723  C CG  . ASN A 1 98 ? -6.370  14.434  5.838   1.00 32.04  ? 98  ASN A CG  1 
ATOM   724  O OD1 . ASN A 1 98 ? -6.164  13.356  6.396   1.00 33.96  ? 98  ASN A OD1 1 
ATOM   725  N ND2 . ASN A 1 98 ? -7.509  15.102  5.973   1.00 33.87  ? 98  ASN A ND2 1 
ATOM   726  N N   . PHE A 1 99 ? -4.784  16.017  1.850   1.00 25.74  ? 99  PHE A N   1 
ATOM   727  C CA  . PHE A 1 99 ? -3.989  16.890  0.990   1.00 26.93  ? 99  PHE A CA  1 
ATOM   728  C C   . PHE A 1 99 ? -4.882  17.974  0.386   1.00 27.67  ? 99  PHE A C   1 
ATOM   729  O O   . PHE A 1 99 ? -4.363  18.804  -0.384  1.00 27.17  ? 99  PHE A O   1 
ATOM   730  C CB  . PHE A 1 99 ? -3.282  16.111  -0.128  1.00 26.73  ? 99  PHE A CB  1 
ATOM   731  C CG  . PHE A 1 99 ? -4.209  15.454  -1.115  1.00 28.61  ? 99  PHE A CG  1 
ATOM   732  C CD1 . PHE A 1 99 ? -4.755  14.204  -0.853  1.00 29.36  ? 99  PHE A CD1 1 
ATOM   733  C CD2 . PHE A 1 99 ? -4.491  16.067  -2.335  1.00 29.79  ? 99  PHE A CD2 1 
ATOM   734  C CE1 . PHE A 1 99 ? -5.568  13.568  -1.788  1.00 30.14  ? 99  PHE A CE1 1 
ATOM   735  C CE2 . PHE A 1 99 ? -5.301  15.444  -3.276  1.00 30.47  ? 99  PHE A CE2 1 
ATOM   736  C CZ  . PHE A 1 99 ? -5.839  14.188  -3.003  1.00 32.26  ? 99  PHE A CZ  1 
ATOM   737  O OXT . PHE A 1 99 ? -6.092  17.979  0.695   1.00 27.51  ? 99  PHE A OXT 1 
ATOM   738  N N   . PRO B 1 1  ? -8.531  17.679  -0.152  1.00 38.43  ? 1   PRO B N   1 
ATOM   739  C CA  . PRO B 1 1  ? -9.673  16.861  0.309   1.00 37.72  ? 1   PRO B CA  1 
ATOM   740  C C   . PRO B 1 1  ? -9.228  15.897  1.400   1.00 37.01  ? 1   PRO B C   1 
ATOM   741  O O   . PRO B 1 1  ? -8.034  15.663  1.579   1.00 37.16  ? 1   PRO B O   1 
ATOM   742  C CB  . PRO B 1 1  ? -10.173 16.064  -0.889  1.00 39.35  ? 1   PRO B CB  1 
ATOM   743  C CG  . PRO B 1 1  ? -9.516  16.798  -2.072  1.00 40.11  ? 1   PRO B CG  1 
ATOM   744  C CD  . PRO B 1 1  ? -8.185  17.312  -1.535  1.00 39.70  ? 1   PRO B CD  1 
ATOM   745  N N   . GLN B 1 2  ? -10.192 15.351  2.133   1.00 35.86  ? 2   GLN B N   1 
ATOM   746  C CA  . GLN B 1 2  ? -9.900  14.370  3.169   1.00 36.05  ? 2   GLN B CA  1 
ATOM   747  C C   . GLN B 1 2  ? -10.529 13.062  2.715   1.00 35.67  ? 2   GLN B C   1 
ATOM   748  O O   . GLN B 1 2  ? -11.722 13.016  2.407   1.00 36.18  ? 2   GLN B O   1 
ATOM   749  C CB  . GLN B 1 2  ? -10.492 14.773  4.518   1.00 36.22  ? 2   GLN B CB  1 
ATOM   750  C CG  . GLN B 1 2  ? -10.446 13.631  5.529   1.00 38.16  ? 2   GLN B CG  1 
ATOM   751  C CD  . GLN B 1 2  ? -10.909 14.034  6.913   1.00 39.21  ? 2   GLN B CD  1 
ATOM   752  O OE1 . GLN B 1 2  ? -10.161 14.639  7.680   1.00 38.82  ? 2   GLN B OE1 1 
ATOM   753  N NE2 . GLN B 1 2  ? -12.156 13.703  7.238   1.00 39.53  ? 2   GLN B NE2 1 
ATOM   754  N N   . ILE B 1 3  ? -9.733  11.999  2.684   1.00 33.98  ? 3   ILE B N   1 
ATOM   755  C CA  . ILE B 1 3  ? -10.217 10.699  2.228   1.00 31.38  ? 3   ILE B CA  1 
ATOM   756  C C   . ILE B 1 3  ? -10.277 9.656   3.341   1.00 29.96  ? 3   ILE B C   1 
ATOM   757  O O   . ILE B 1 3  ? -9.290  9.429   4.047   1.00 29.74  ? 3   ILE B O   1 
ATOM   758  C CB  . ILE B 1 3  ? -9.324  10.186  1.074   1.00 30.53  ? 3   ILE B CB  1 
ATOM   759  C CG1 . ILE B 1 3  ? -9.319  11.219  -0.055  1.00 30.59  ? 3   ILE B CG1 1 
ATOM   760  C CG2 . ILE B 1 3  ? -9.829  8.851   0.557   1.00 30.32  ? 3   ILE B CG2 1 
ATOM   761  C CD1 . ILE B 1 3  ? -8.411  10.878  -1.209  1.00 28.82  ? 3   ILE B CD1 1 
ATOM   762  N N   . THR B 1 4  ? -11.443 9.027   3.493   1.00 28.67  ? 4   THR B N   1 
ATOM   763  C CA  . THR B 1 4  ? -11.649 7.999   4.515   1.00 27.93  ? 4   THR B CA  1 
ATOM   764  C C   . THR B 1 4  ? -11.304 6.654   3.902   1.00 27.08  ? 4   THR B C   1 
ATOM   765  O O   . THR B 1 4  ? -11.286 6.520   2.687   1.00 28.66  ? 4   THR B O   1 
ATOM   766  C CB  . THR B 1 4  ? -13.109 7.975   5.015   1.00 28.23  ? 4   THR B CB  1 
ATOM   767  O OG1 . THR B 1 4  ? -13.991 7.742   3.912   1.00 29.15  ? 4   THR B OG1 1 
ATOM   768  C CG2 . THR B 1 4  ? -13.461 9.307   5.678   1.00 28.06  ? 4   THR B CG2 1 
ATOM   769  N N   . LEU B 1 5  ? -11.054 5.649   4.732   1.00 26.81  ? 5   LEU B N   1 
ATOM   770  C CA  . LEU B 1 5  ? -10.634 4.357   4.205   1.00 25.50  ? 5   LEU B CA  1 
ATOM   771  C C   . LEU B 1 5  ? -11.609 3.181   4.254   1.00 25.96  ? 5   LEU B C   1 
ATOM   772  O O   . LEU B 1 5  ? -11.187 2.018   4.264   1.00 24.42  ? 5   LEU B O   1 
ATOM   773  C CB  . LEU B 1 5  ? -9.306  3.991   4.880   1.00 23.88  ? 5   LEU B CB  1 
ATOM   774  C CG  . LEU B 1 5  ? -8.297  5.130   4.667   1.00 24.60  ? 5   LEU B CG  1 
ATOM   775  C CD1 . LEU B 1 5  ? -7.053  4.944   5.521   1.00 21.15  ? 5   LEU B CD1 1 
ATOM   776  C CD2 . LEU B 1 5  ? -7.942  5.188   3.193   1.00 20.73  ? 5   LEU B CD2 1 
ATOM   777  N N   . TRP B 1 6  ? -12.909 3.466   4.265   1.00 27.76  ? 6   TRP B N   1 
ATOM   778  C CA  . TRP B 1 6  ? -13.901 2.393   4.296   1.00 29.26  ? 6   TRP B CA  1 
ATOM   779  C C   . TRP B 1 6  ? -13.963 1.722   2.934   1.00 28.71  ? 6   TRP B C   1 
ATOM   780  O O   . TRP B 1 6  ? -14.403 0.585   2.804   1.00 29.93  ? 6   TRP B O   1 
ATOM   781  C CB  . TRP B 1 6  ? -15.269 2.941   4.686   1.00 32.42  ? 6   TRP B CB  1 
ATOM   782  C CG  . TRP B 1 6  ? -15.245 3.583   6.033   1.00 35.27  ? 6   TRP B CG  1 
ATOM   783  C CD1 . TRP B 1 6  ? -15.159 4.917   6.306   1.00 37.02  ? 6   TRP B CD1 1 
ATOM   784  C CD2 . TRP B 1 6  ? -15.252 2.908   7.300   1.00 37.08  ? 6   TRP B CD2 1 
ATOM   785  N NE1 . TRP B 1 6  ? -15.109 5.118   7.665   1.00 39.34  ? 6   TRP B NE1 1 
ATOM   786  C CE2 . TRP B 1 6  ? -15.159 3.915   8.291   1.00 37.85  ? 6   TRP B CE2 1 
ATOM   787  C CE3 . TRP B 1 6  ? -15.314 1.568   7.679   1.00 38.54  ? 6   TRP B CE3 1 
ATOM   788  C CZ2 . TRP B 1 6  ? -15.142 3.598   9.657   1.00 39.15  ? 6   TRP B CZ2 1 
ATOM   789  C CZ3 . TRP B 1 6  ? -15.294 1.258   9.037   1.00 41.94  ? 6   TRP B CZ3 1 
ATOM   790  C CH2 . TRP B 1 6  ? -15.203 2.275   10.010  1.00 41.82  ? 6   TRP B CH2 1 
ATOM   791  N N   . LYS B 1 7  ? -13.510 2.444   1.920   1.00 28.42  ? 7   LYS B N   1 
ATOM   792  C CA  . LYS B 1 7  ? -13.469 1.939   0.561   1.00 27.09  ? 7   LYS B CA  1 
ATOM   793  C C   . LYS B 1 7  ? -12.049 2.188   0.067   1.00 26.48  ? 7   LYS B C   1 
ATOM   794  O O   . LYS B 1 7  ? -11.301 2.946   0.681   1.00 23.94  ? 7   LYS B O   1 
ATOM   795  C CB  . LYS B 1 7  ? -14.472 2.692   -0.309  1.00 29.96  ? 7   LYS B CB  1 
ATOM   796  N N   . ARG B 1 8  ? -11.670 1.538   -1.024  1.00 25.65  ? 8   ARG B N   1 
ATOM   797  C CA  . ARG B 1 8  ? -10.339 1.734   -1.574  1.00 25.55  ? 8   ARG B CA  1 
ATOM   798  C C   . ARG B 1 8  ? -10.174 3.191   -1.979  1.00 24.51  ? 8   ARG B C   1 
ATOM   799  O O   . ARG B 1 8  ? -11.038 3.760   -2.650  1.00 23.35  ? 8   ARG B O   1 
ATOM   800  C CB  . ARG B 1 8  ? -10.130 0.834   -2.791  1.00 27.07  ? 8   ARG B CB  1 
ATOM   801  C CG  . ARG B 1 8  ? -9.841  -0.608  -2.438  1.00 30.12  ? 8   ARG B CG  1 
ATOM   802  C CD  . ARG B 1 8  ? -9.766  -1.483  -3.675  1.00 34.86  ? 8   ARG B CD  1 
ATOM   803  N NE  . ARG B 1 8  ? -9.449  -2.868  -3.332  1.00 40.26  ? 8   ARG B NE  1 
ATOM   804  C CZ  . ARG B 1 8  ? -9.658  -3.905  -4.140  1.00 44.70  ? 8   ARG B CZ  1 
ATOM   805  N NH1 . ARG B 1 8  ? -10.190 -3.710  -5.341  1.00 46.01  ? 8   ARG B NH1 1 
ATOM   806  N NH2 . ARG B 1 8  ? -9.341  -5.134  -3.747  1.00 44.01  ? 8   ARG B NH2 1 
ATOM   807  N N   . PRO B 1 9  ? -9.069  3.826   -1.556  1.00 22.75  ? 9   PRO B N   1 
ATOM   808  C CA  . PRO B 1 9  ? -8.848  5.231   -1.917  1.00 21.93  ? 9   PRO B CA  1 
ATOM   809  C C   . PRO B 1 9  ? -8.436  5.399   -3.387  1.00 22.63  ? 9   PRO B C   1 
ATOM   810  O O   . PRO B 1 9  ? -7.306  5.781   -3.697  1.00 21.48  ? 9   PRO B O   1 
ATOM   811  C CB  . PRO B 1 9  ? -7.766  5.669   -0.931  1.00 20.74  ? 9   PRO B CB  1 
ATOM   812  C CG  . PRO B 1 9  ? -6.987  4.399   -0.704  1.00 20.09  ? 9   PRO B CG  1 
ATOM   813  C CD  . PRO B 1 9  ? -8.081  3.370   -0.564  1.00 20.95  ? 9   PRO B CD  1 
ATOM   814  N N   . LEU B 1 10 ? -9.370  5.096   -4.286  1.00 23.08  ? 10  LEU B N   1 
ATOM   815  C CA  . LEU B 1 10 ? -9.140  5.222   -5.725  1.00 25.67  ? 10  LEU B CA  1 
ATOM   816  C C   . LEU B 1 10 ? -9.503  6.631   -6.176  1.00 25.63  ? 10  LEU B C   1 
ATOM   817  O O   . LEU B 1 10 ? -10.549 7.163   -5.802  1.00 26.85  ? 10  LEU B O   1 
ATOM   818  C CB  . LEU B 1 10 ? -9.997  4.219   -6.504  1.00 28.24  ? 10  LEU B CB  1 
ATOM   819  C CG  . LEU B 1 10 ? -9.599  2.741   -6.486  1.00 31.10  ? 10  LEU B CG  1 
ATOM   820  C CD1 . LEU B 1 10 ? -10.729 1.908   -7.098  1.00 32.07  ? 10  LEU B CD1 1 
ATOM   821  C CD2 . LEU B 1 10 ? -8.303  2.541   -7.263  1.00 29.03  ? 10  LEU B CD2 1 
ATOM   822  N N   . VAL B 1 11 ? -8.634  7.238   -6.970  1.00 24.16  ? 11  VAL B N   1 
ATOM   823  C CA  . VAL B 1 11 ? -8.888  8.576   -7.466  1.00 24.91  ? 11  VAL B CA  1 
ATOM   824  C C   . VAL B 1 11 ? -8.585  8.600   -8.949  1.00 24.38  ? 11  VAL B C   1 
ATOM   825  O O   . VAL B 1 11 ? -7.977  7.675   -9.486  1.00 23.40  ? 11  VAL B O   1 
ATOM   826  C CB  . VAL B 1 11 ? -8.005  9.633   -6.760  1.00 26.62  ? 11  VAL B CB  1 
ATOM   827  C CG1 . VAL B 1 11 ? -8.218  9.568   -5.255  1.00 26.43  ? 11  VAL B CG1 1 
ATOM   828  C CG2 . VAL B 1 11 ? -6.543  9.409   -7.106  1.00 26.66  ? 11  VAL B CG2 1 
ATOM   829  N N   . THR B 1 12 ? -9.023  9.658   -9.613  1.00 24.47  ? 12  THR B N   1 
ATOM   830  C CA  . THR B 1 12 ? -8.780  9.791   -11.034 1.00 24.52  ? 12  THR B CA  1 
ATOM   831  C C   . THR B 1 12 ? -7.522  10.608  -11.255 1.00 23.85  ? 12  THR B C   1 
ATOM   832  O O   . THR B 1 12 ? -7.332  11.662  -10.643 1.00 22.12  ? 12  THR B O   1 
ATOM   833  C CB  . THR B 1 12 ? -9.953  10.499  -11.743 1.00 25.92  ? 12  THR B CB  1 
ATOM   834  O OG1 . THR B 1 12 ? -11.143 9.717   -11.587 1.00 28.93  ? 12  THR B OG1 1 
ATOM   835  C CG2 . THR B 1 12 ? -9.659  10.660  -13.227 1.00 25.85  ? 12  THR B CG2 1 
ATOM   836  N N   . ILE B 1 13 ? -6.649  10.111  -12.120 1.00 23.27  ? 13  ILE B N   1 
ATOM   837  C CA  . ILE B 1 13 ? -5.437  10.840  -12.432 1.00 24.65  ? 13  ILE B CA  1 
ATOM   838  C C   . ILE B 1 13 ? -5.425  11.125  -13.926 1.00 25.53  ? 13  ILE B C   1 
ATOM   839  O O   . ILE B 1 13 ? -6.063  10.424  -14.717 1.00 24.65  ? 13  ILE B O   1 
ATOM   840  C CB  . ILE B 1 13 ? -4.169  10.047  -12.056 1.00 23.52  ? 13  ILE B CB  1 
ATOM   841  C CG1 . ILE B 1 13 ? -4.050  8.804   -12.932 1.00 24.32  ? 13  ILE B CG1 1 
ATOM   842  C CG2 . ILE B 1 13 ? -4.221  9.668   -10.576 1.00 24.52  ? 13  ILE B CG2 1 
ATOM   843  C CD1 . ILE B 1 13 ? -2.714  8.118   -12.835 1.00 24.42  ? 13  ILE B CD1 1 
ATOM   844  N N   . ARG B 1 14 ? -4.713  12.171  -14.310 1.00 26.08  ? 14  ARG B N   1 
ATOM   845  C CA  . ARG B 1 14 ? -4.618  12.531  -15.711 1.00 27.75  ? 14  ARG B CA  1 
ATOM   846  C C   . ARG B 1 14 ? -3.154  12.422  -16.091 1.00 27.39  ? 14  ARG B C   1 
ATOM   847  O O   . ARG B 1 14 ? -2.301  13.062  -15.489 1.00 26.80  ? 14  ARG B O   1 
ATOM   848  C CB  . ARG B 1 14 ? -5.130  13.956  -15.919 1.00 30.33  ? 14  ARG B CB  1 
ATOM   849  C CG  . ARG B 1 14 ? -5.030  14.473  -17.343 1.00 34.98  ? 14  ARG B CG  1 
ATOM   850  C CD  . ARG B 1 14 ? -5.786  15.795  -17.479 1.00 38.96  ? 14  ARG B CD  1 
ATOM   851  N NE  . ARG B 1 14 ? -5.362  16.565  -18.647 1.00 42.73  ? 14  ARG B NE  1 
ATOM   852  C CZ  . ARG B 1 14 ? -4.211  17.229  -18.727 1.00 45.41  ? 14  ARG B CZ  1 
ATOM   853  N NH1 . ARG B 1 14 ? -3.362  17.227  -17.705 1.00 45.31  ? 14  ARG B NH1 1 
ATOM   854  N NH2 . ARG B 1 14 ? -3.903  17.894  -19.832 1.00 47.72  ? 14  ARG B NH2 1 
ATOM   855  N N   . ILE B 1 15 ? -2.855  11.580  -17.067 1.00 28.18  ? 15  ILE B N   1 
ATOM   856  C CA  . ILE B 1 15 ? -1.480  11.426  -17.496 1.00 31.21  ? 15  ILE B CA  1 
ATOM   857  C C   . ILE B 1 15 ? -1.445  11.333  -19.014 1.00 32.98  ? 15  ILE B C   1 
ATOM   858  O O   . ILE B 1 15 ? -1.904  10.358  -19.599 1.00 32.93  ? 15  ILE B O   1 
ATOM   859  C CB  . ILE B 1 15 ? -0.827  10.183  -16.817 1.00 32.17  ? 15  ILE B CB  1 
ATOM   860  C CG1 . ILE B 1 15 ? 0.619   10.032  -17.280 1.00 32.72  ? 15  ILE B CG1 1 
ATOM   861  C CG2 . ILE B 1 15 ? -1.643  8.927   -17.095 1.00 30.92  ? 15  ILE B CG2 1 
ATOM   862  C CD1 . ILE B 1 15 ? 1.398   9.015   -16.473 1.00 34.71  ? 15  ILE B CD1 1 
ATOM   863  N N   . GLY B 1 16 ? -0.930  12.387  -19.643 1.00 34.44  ? 16  GLY B N   1 
ATOM   864  C CA  . GLY B 1 16 ? -0.846  12.431  -21.092 1.00 35.38  ? 16  GLY B CA  1 
ATOM   865  C C   . GLY B 1 16 ? -2.192  12.510  -21.792 1.00 35.83  ? 16  GLY B C   1 
ATOM   866  O O   . GLY B 1 16 ? -2.402  11.864  -22.818 1.00 36.82  ? 16  GLY B O   1 
ATOM   867  N N   . GLY B 1 17 ? -3.105  13.309  -21.250 1.00 34.97  ? 17  GLY B N   1 
ATOM   868  C CA  . GLY B 1 17 ? -4.416  13.427  -21.856 1.00 35.04  ? 17  GLY B CA  1 
ATOM   869  C C   . GLY B 1 17 ? -5.271  12.193  -21.619 1.00 34.56  ? 17  GLY B C   1 
ATOM   870  O O   . GLY B 1 17 ? -6.410  12.123  -22.085 1.00 34.66  ? 17  GLY B O   1 
ATOM   871  N N   . GLN B 1 18 ? -4.721  11.219  -20.900 1.00 32.27  ? 18  GLN B N   1 
ATOM   872  C CA  . GLN B 1 18 ? -5.436  9.980   -20.587 1.00 31.86  ? 18  GLN B CA  1 
ATOM   873  C C   . GLN B 1 18 ? -5.931  10.010  -19.140 1.00 28.91  ? 18  GLN B C   1 
ATOM   874  O O   . GLN B 1 18 ? -5.197  10.405  -18.240 1.00 29.05  ? 18  GLN B O   1 
ATOM   875  C CB  . GLN B 1 18 ? -4.506  8.778   -20.769 1.00 34.52  ? 18  GLN B CB  1 
ATOM   876  C CG  . GLN B 1 18 ? -4.051  8.553   -22.196 1.00 40.08  ? 18  GLN B CG  1 
ATOM   877  C CD  . GLN B 1 18 ? -5.000  7.653   -22.968 1.00 44.25  ? 18  GLN B CD  1 
ATOM   878  O OE1 . GLN B 1 18 ? -5.267  7.880   -24.149 1.00 44.75  ? 18  GLN B OE1 1 
ATOM   879  N NE2 . GLN B 1 18 ? -5.500  6.612   -22.303 1.00 43.91  ? 18  GLN B NE2 1 
ATOM   880  N N   . LEU B 1 19 ? -7.174  9.593   -18.919 1.00 26.79  ? 19  LEU B N   1 
ATOM   881  C CA  . LEU B 1 19 ? -7.748  9.558   -17.577 1.00 25.72  ? 19  LEU B CA  1 
ATOM   882  C C   . LEU B 1 19 ? -7.731  8.131   -17.069 1.00 25.74  ? 19  LEU B C   1 
ATOM   883  O O   . LEU B 1 19 ? -8.212  7.221   -17.738 1.00 26.50  ? 19  LEU B O   1 
ATOM   884  C CB  . LEU B 1 19 ? -9.190  10.064  -17.576 1.00 25.25  ? 19  LEU B CB  1 
ATOM   885  C CG  . LEU B 1 19 ? -9.432  11.544  -17.883 1.00 27.77  ? 19  LEU B CG  1 
ATOM   886  C CD1 . LEU B 1 19 ? -10.923 11.841  -17.741 1.00 29.97  ? 19  LEU B CD1 1 
ATOM   887  C CD2 . LEU B 1 19 ? -8.617  12.414  -16.930 1.00 26.57  ? 19  LEU B CD2 1 
ATOM   888  N N   . LYS B 1 20 ? -7.179  7.930   -15.884 1.00 25.51  ? 20  LYS B N   1 
ATOM   889  C CA  . LYS B 1 20 ? -7.116  6.596   -15.324 1.00 25.74  ? 20  LYS B CA  1 
ATOM   890  C C   . LYS B 1 20 ? -7.424  6.611   -13.848 1.00 24.60  ? 20  LYS B C   1 
ATOM   891  O O   . LYS B 1 20 ? -7.289  7.636   -13.186 1.00 25.26  ? 20  LYS B O   1 
ATOM   892  C CB  . LYS B 1 20 ? -5.733  5.983   -15.563 1.00 26.98  ? 20  LYS B CB  1 
ATOM   893  C CG  . LYS B 1 20 ? -5.420  5.764   -17.028 1.00 31.91  ? 20  LYS B CG  1 
ATOM   894  C CD  . LYS B 1 20 ? -4.196  4.902   -17.210 1.00 36.45  ? 20  LYS B CD  1 
ATOM   895  C CE  . LYS B 1 20 ? -3.964  4.586   -18.676 1.00 39.75  ? 20  LYS B CE  1 
ATOM   896  N NZ  . LYS B 1 20 ? -2.831  3.629   -18.854 1.00 42.25  ? 20  LYS B NZ  1 
ATOM   897  N N   . GLU B 1 21 ? -7.828  5.454   -13.343 1.00 23.97  ? 21  GLU B N   1 
ATOM   898  C CA  . GLU B 1 21 ? -8.163  5.281   -11.944 1.00 23.42  ? 21  GLU B CA  1 
ATOM   899  C C   . GLU B 1 21 ? -6.917  4.731   -11.239 1.00 22.34  ? 21  GLU B C   1 
ATOM   900  O O   . GLU B 1 21 ? -6.289  3.788   -11.723 1.00 20.07  ? 21  GLU B O   1 
ATOM   901  C CB  . GLU B 1 21 ? -9.322  4.291   -11.838 1.00 28.95  ? 21  GLU B CB  1 
ATOM   902  C CG  . GLU B 1 21 ? -9.978  4.208   -10.482 1.00 35.07  ? 21  GLU B CG  1 
ATOM   903  C CD  . GLU B 1 21 ? -11.150 3.245   -10.479 1.00 39.90  ? 21  GLU B CD  1 
ATOM   904  O OE1 . GLU B 1 21 ? -10.915 2.022   -10.608 1.00 41.79  ? 21  GLU B OE1 1 
ATOM   905  O OE2 . GLU B 1 21 ? -12.305 3.712   -10.358 1.00 42.24  ? 21  GLU B OE2 1 
ATOM   906  N N   . ALA B 1 22 ? -6.552  5.329   -10.111 1.00 19.13  ? 22  ALA B N   1 
ATOM   907  C CA  . ALA B 1 22 ? -5.375  4.876   -9.372  1.00 19.34  ? 22  ALA B CA  1 
ATOM   908  C C   . ALA B 1 22 ? -5.595  4.892   -7.870  1.00 19.04  ? 22  ALA B C   1 
ATOM   909  O O   . ALA B 1 22 ? -6.355  5.700   -7.347  1.00 18.21  ? 22  ALA B O   1 
ATOM   910  C CB  . ALA B 1 22 ? -4.166  5.733   -9.728  1.00 16.48  ? 22  ALA B CB  1 
ATOM   911  N N   . LEU B 1 23 ? -4.901  3.994   -7.185  1.00 18.84  ? 23  LEU B N   1 
ATOM   912  C CA  . LEU B 1 23 ? -4.999  3.851   -5.741  1.00 17.97  ? 23  LEU B CA  1 
ATOM   913  C C   . LEU B 1 23 ? -3.935  4.670   -5.006  1.00 18.49  ? 23  LEU B C   1 
ATOM   914  O O   . LEU B 1 23 ? -2.744  4.543   -5.296  1.00 17.17  ? 23  LEU B O   1 
ATOM   915  C CB  . LEU B 1 23 ? -4.837  2.368   -5.397  1.00 19.66  ? 23  LEU B CB  1 
ATOM   916  C CG  . LEU B 1 23 ? -5.010  1.870   -3.967  1.00 23.11  ? 23  LEU B CG  1 
ATOM   917  C CD1 . LEU B 1 23 ? -6.473  1.977   -3.572  1.00 25.04  ? 23  LEU B CD1 1 
ATOM   918  C CD2 . LEU B 1 23 ? -4.545  0.415   -3.885  1.00 27.78  ? 23  LEU B CD2 1 
ATOM   919  N N   . LEU B 1 24 ? -4.364  5.519   -4.070  1.00 18.02  ? 24  LEU B N   1 
ATOM   920  C CA  . LEU B 1 24 ? -3.429  6.306   -3.265  1.00 18.85  ? 24  LEU B CA  1 
ATOM   921  C C   . LEU B 1 24 ? -2.875  5.258   -2.300  1.00 20.06  ? 24  LEU B C   1 
ATOM   922  O O   . LEU B 1 24 ? -3.576  4.779   -1.411  1.00 18.66  ? 24  LEU B O   1 
ATOM   923  C CB  . LEU B 1 24 ? -4.159  7.407   -2.494  1.00 18.54  ? 24  LEU B CB  1 
ATOM   924  C CG  . LEU B 1 24 ? -4.865  8.483   -3.327  1.00 20.60  ? 24  LEU B CG  1 
ATOM   925  C CD1 . LEU B 1 24 ? -5.371  9.590   -2.394  1.00 19.84  ? 24  LEU B CD1 1 
ATOM   926  C CD2 . LEU B 1 24 ? -3.906  9.068   -4.353  1.00 21.39  ? 24  LEU B CD2 1 
ATOM   927  N N   . ASN B 1 25 ? -1.602  4.932   -2.470  1.00 18.79  ? 25  ASN B N   1 
ATOM   928  C CA  . ASN B 1 25 ? -0.977  3.862   -1.711  1.00 15.81  ? 25  ASN B CA  1 
ATOM   929  C C   . ASN B 1 25 ? 0.243   4.263   -0.874  1.00 16.44  ? 25  ASN B C   1 
ATOM   930  O O   . ASN B 1 25 ? 1.349   4.375   -1.402  1.00 15.11  ? 25  ASN B O   1 
ATOM   931  C CB  . ASN B 1 25 ? -0.595  2.785   -2.730  1.00 15.69  ? 25  ASN B CB  1 
ATOM   932  C CG  . ASN B 1 25 ? -0.078  1.526   -2.102  1.00 16.42  ? 25  ASN B CG  1 
ATOM   933  O OD1 . ASN B 1 25 ? 0.103   1.443   -0.890  1.00 15.65  ? 25  ASN B OD1 1 
ATOM   934  N ND2 . ASN B 1 25 ? 0.168   0.522   -2.935  1.00 17.70  ? 25  ASN B ND2 1 
ATOM   935  N N   . THR B 1 26 ? 0.041   4.468   0.427   1.00 14.34  ? 26  THR B N   1 
ATOM   936  C CA  . THR B 1 26 ? 1.139   4.840   1.315   1.00 15.39  ? 26  THR B CA  1 
ATOM   937  C C   . THR B 1 26 ? 2.095   3.662   1.556   1.00 15.76  ? 26  THR B C   1 
ATOM   938  O O   . THR B 1 26 ? 3.158   3.829   2.151   1.00 15.88  ? 26  THR B O   1 
ATOM   939  C CB  . THR B 1 26 ? 0.620   5.315   2.680   1.00 16.82  ? 26  THR B CB  1 
ATOM   940  O OG1 . THR B 1 26 ? -0.083  4.242   3.320   1.00 15.25  ? 26  THR B OG1 1 
ATOM   941  C CG2 . THR B 1 26 ? -0.320  6.516   2.507   1.00 15.56  ? 26  THR B CG2 1 
ATOM   942  N N   . GLY B 1 27 ? 1.710   2.475   1.092   1.00 14.79  ? 27  GLY B N   1 
ATOM   943  C CA  . GLY B 1 27 ? 2.549   1.307   1.278   1.00 15.07  ? 27  GLY B CA  1 
ATOM   944  C C   . GLY B 1 27 ? 3.444   1.007   0.092   1.00 16.14  ? 27  GLY B C   1 
ATOM   945  O O   . GLY B 1 27 ? 4.034   -0.066  0.013   1.00 16.21  ? 27  GLY B O   1 
ATOM   946  N N   . ALA B 1 28 ? 3.547   1.956   -0.831  1.00 14.96  ? 28  ALA B N   1 
ATOM   947  C CA  . ALA B 1 28 ? 4.385   1.791   -2.016  1.00 15.19  ? 28  ALA B CA  1 
ATOM   948  C C   . ALA B 1 28 ? 5.361   2.956   -2.096  1.00 15.16  ? 28  ALA B C   1 
ATOM   949  O O   . ALA B 1 28 ? 4.966   4.122   -1.956  1.00 13.82  ? 28  ALA B O   1 
ATOM   950  C CB  . ALA B 1 28 ? 3.522   1.755   -3.266  1.00 14.89  ? 28  ALA B CB  1 
ATOM   951  N N   . ASP B 1 29 ? 6.635   2.652   -2.313  1.00 15.55  ? 29  ASP B N   1 
ATOM   952  C CA  . ASP B 1 29 ? 7.636   3.706   -2.413  1.00 15.89  ? 29  ASP B CA  1 
ATOM   953  C C   . ASP B 1 29 ? 7.484   4.441   -3.742  1.00 15.88  ? 29  ASP B C   1 
ATOM   954  O O   . ASP B 1 29 ? 7.650   5.655   -3.808  1.00 14.63  ? 29  ASP B O   1 
ATOM   955  C CB  . ASP B 1 29 ? 9.067   3.138   -2.361  1.00 17.34  ? 29  ASP B CB  1 
ATOM   956  C CG  . ASP B 1 29 ? 9.324   2.266   -1.149  1.00 20.13  ? 29  ASP B CG  1 
ATOM   957  O OD1 . ASP B 1 29 ? 8.696   2.469   -0.089  1.00 22.70  ? 29  ASP B OD1 1 
ATOM   958  O OD2 . ASP B 1 29 ? 10.187  1.377   -1.262  1.00 20.33  ? 29  ASP B OD2 1 
ATOM   959  N N   . ASP B 1 30 ? 7.171   3.677   -4.790  1.00 15.25  ? 30  ASP B N   1 
ATOM   960  C CA  . ASP B 1 30 ? 7.043   4.196   -6.147  1.00 16.52  ? 30  ASP B CA  1 
ATOM   961  C C   . ASP B 1 30 ? 5.635   4.116   -6.722  1.00 15.83  ? 30  ASP B C   1 
ATOM   962  O O   . ASP B 1 30 ? 4.749   3.456   -6.170  1.00 17.45  ? 30  ASP B O   1 
ATOM   963  C CB  . ASP B 1 30 ? 7.989   3.422   -7.071  1.00 19.43  ? 30  ASP B CB  1 
ATOM   964  C CG  . ASP B 1 30 ? 9.361   3.217   -6.457  1.00 19.65  ? 30  ASP B CG  1 
ATOM   965  O OD1 . ASP B 1 30 ? 10.020  4.229   -6.157  1.00 21.94  ? 30  ASP B OD1 1 
ATOM   966  O OD2 . ASP B 1 30 ? 9.773   2.050   -6.265  1.00 24.43  ? 30  ASP B OD2 1 
ATOM   967  N N   . THR B 1 31 ? 5.459   4.798   -7.847  1.00 16.37  ? 31  THR B N   1 
ATOM   968  C CA  . THR B 1 31 ? 4.202   4.854   -8.579  1.00 15.24  ? 31  THR B CA  1 
ATOM   969  C C   . THR B 1 31 ? 4.308   3.843   -9.722  1.00 16.78  ? 31  THR B C   1 
ATOM   970  O O   . THR B 1 31 ? 5.207   3.932   -10.563 1.00 17.41  ? 31  THR B O   1 
ATOM   971  C CB  . THR B 1 31 ? 3.993   6.270   -9.143  1.00 14.65  ? 31  THR B CB  1 
ATOM   972  O OG1 . THR B 1 31 ? 3.787   7.180   -8.052  1.00 17.98  ? 31  THR B OG1 1 
ATOM   973  C CG2 . THR B 1 31 ? 2.809   6.313   -10.091 1.00 15.24  ? 31  THR B CG2 1 
ATOM   974  N N   . VAL B 1 32 ? 3.383   2.890   -9.750  1.00 17.39  ? 32  VAL B N   1 
ATOM   975  C CA  . VAL B 1 32 ? 3.385   1.834   -10.760 1.00 16.99  ? 32  VAL B CA  1 
ATOM   976  C C   . VAL B 1 32 ? 2.052   1.794   -11.495 1.00 17.88  ? 32  VAL B C   1 
ATOM   977  O O   . VAL B 1 32 ? 1.000   1.663   -10.876 1.00 16.98  ? 32  VAL B O   1 
ATOM   978  C CB  . VAL B 1 32 ? 3.635   0.448   -10.108 1.00 18.58  ? 32  VAL B CB  1 
ATOM   979  C CG1 . VAL B 1 32 ? 3.794   -0.626  -11.190 1.00 17.92  ? 32  VAL B CG1 1 
ATOM   980  C CG2 . VAL B 1 32 ? 4.878   0.505   -9.228  1.00 21.09  ? 32  VAL B CG2 1 
ATOM   981  N N   . LEU B 1 33 ? 2.102   1.907   -12.819 1.00 15.94  ? 33  LEU B N   1 
ATOM   982  C CA  . LEU B 1 33 ? 0.891   1.895   -13.631 1.00 18.45  ? 33  LEU B CA  1 
ATOM   983  C C   . LEU B 1 33 ? 0.843   0.683   -14.554 1.00 20.62  ? 33  LEU B C   1 
ATOM   984  O O   . LEU B 1 33 ? 1.881   0.131   -14.935 1.00 17.16  ? 33  LEU B O   1 
ATOM   985  C CB  . LEU B 1 33 ? 0.820   3.156   -14.489 1.00 18.63  ? 33  LEU B CB  1 
ATOM   986  C CG  . LEU B 1 33 ? 0.973   4.524   -13.817 1.00 21.89  ? 33  LEU B CG  1 
ATOM   987  C CD1 . LEU B 1 33 ? 0.927   5.604   -14.885 1.00 24.87  ? 33  LEU B CD1 1 
ATOM   988  C CD2 . LEU B 1 33 ? -0.123  4.739   -12.806 1.00 21.00  ? 33  LEU B CD2 1 
ATOM   989  N N   . GLU B 1 34 ? -0.369  0.285   -14.916 1.00 20.90  ? 34  GLU B N   1 
ATOM   990  C CA  . GLU B 1 34 ? -0.574  -0.834  -15.817 1.00 25.79  ? 34  GLU B CA  1 
ATOM   991  C C   . GLU B 1 34 ? 0.026   -0.477  -17.173 1.00 26.29  ? 34  GLU B C   1 
ATOM   992  O O   . GLU B 1 34 ? 0.160   0.699   -17.514 1.00 25.11  ? 34  GLU B O   1 
ATOM   993  C CB  . GLU B 1 34 ? -2.067  -1.106  -15.993 1.00 28.27  ? 34  GLU B CB  1 
ATOM   994  C CG  . GLU B 1 34 ? -2.844  -1.208  -14.694 1.00 37.07  ? 34  GLU B CG  1 
ATOM   995  C CD  . GLU B 1 34 ? -4.340  -1.291  -14.929 1.00 40.65  ? 34  GLU B CD  1 
ATOM   996  O OE1 . GLU B 1 34 ? -4.844  -0.544  -15.798 1.00 43.52  ? 34  GLU B OE1 1 
ATOM   997  O OE2 . GLU B 1 34 ? -5.012  -2.090  -14.244 1.00 42.89  ? 34  GLU B OE2 1 
ATOM   998  N N   . GLU B 1 35 ? 0.370   -1.500  -17.946 1.00 29.00  ? 35  GLU B N   1 
ATOM   999  C CA  . GLU B 1 35 ? 0.954   -1.312  -19.270 1.00 31.71  ? 35  GLU B CA  1 
ATOM   1000 C C   . GLU B 1 35 ? 0.298   -0.207  -20.093 1.00 30.62  ? 35  GLU B C   1 
ATOM   1001 O O   . GLU B 1 35 ? -0.922  -0.166  -20.250 1.00 30.31  ? 35  GLU B O   1 
ATOM   1002 C CB  . GLU B 1 35 ? 0.897   -2.623  -20.057 1.00 34.53  ? 35  GLU B CB  1 
ATOM   1003 C CG  . GLU B 1 35 ? 1.896   -3.658  -19.581 1.00 40.82  ? 35  GLU B CG  1 
ATOM   1004 C CD  . GLU B 1 35 ? 3.324   -3.244  -19.871 1.00 44.03  ? 35  GLU B CD  1 
ATOM   1005 O OE1 . GLU B 1 35 ? 4.251   -3.937  -19.397 1.00 46.80  ? 35  GLU B OE1 1 
ATOM   1006 O OE2 . GLU B 1 35 ? 3.519   -2.231  -20.580 1.00 45.13  ? 35  GLU B OE2 1 
ATOM   1007 N N   . MET B 1 36 ? 1.133   0.685   -20.609 1.00 31.88  ? 36  MET B N   1 
ATOM   1008 C CA  . MET B 1 36 ? 0.701   1.798   -21.448 1.00 34.07  ? 36  MET B CA  1 
ATOM   1009 C C   . MET B 1 36 ? 1.951   2.398   -22.078 1.00 35.08  ? 36  MET B C   1 
ATOM   1010 O O   . MET B 1 36 ? 3.065   2.159   -21.607 1.00 33.63  ? 36  MET B O   1 
ATOM   1011 C CB  . MET B 1 36 ? -0.016  2.863   -20.615 1.00 35.06  ? 36  MET B CB  1 
ATOM   1012 C CG  . MET B 1 36 ? 0.888   3.669   -19.705 1.00 34.93  ? 36  MET B CG  1 
ATOM   1013 S SD  . MET B 1 36 ? -0.046  4.875   -18.734 1.00 38.21  ? 36  MET B SD  1 
ATOM   1014 C CE  . MET B 1 36 ? -0.163  6.241   -19.895 1.00 39.17  ? 36  MET B CE  1 
ATOM   1015 N N   . ASN B 1 37 ? 1.780   3.166   -23.148 1.00 36.64  ? 37  ASN B N   1 
ATOM   1016 C CA  . ASN B 1 37 ? 2.933   3.780   -23.786 1.00 38.72  ? 37  ASN B CA  1 
ATOM   1017 C C   . ASN B 1 37 ? 3.106   5.221   -23.334 1.00 38.87  ? 37  ASN B C   1 
ATOM   1018 O O   . ASN B 1 37 ? 2.151   5.994   -23.286 1.00 40.20  ? 37  ASN B O   1 
ATOM   1019 C CB  . ASN B 1 37 ? 2.809   3.740   -25.314 1.00 40.92  ? 37  ASN B CB  1 
ATOM   1020 C CG  . ASN B 1 37 ? 2.784   2.329   -25.862 1.00 43.14  ? 37  ASN B CG  1 
ATOM   1021 O OD1 . ASN B 1 37 ? 1.734   1.690   -25.912 1.00 44.99  ? 37  ASN B OD1 1 
ATOM   1022 N ND2 . ASN B 1 37 ? 3.947   1.830   -26.265 1.00 45.21  ? 37  ASN B ND2 1 
ATOM   1023 N N   . LEU B 1 38 ? 4.337   5.569   -22.986 1.00 39.44  ? 38  LEU B N   1 
ATOM   1024 C CA  . LEU B 1 38 ? 4.662   6.922   -22.565 1.00 39.63  ? 38  LEU B CA  1 
ATOM   1025 C C   . LEU B 1 38 ? 5.855   7.369   -23.399 1.00 41.29  ? 38  LEU B C   1 
ATOM   1026 O O   . LEU B 1 38 ? 6.646   6.543   -23.858 1.00 39.95  ? 38  LEU B O   1 
ATOM   1027 C CB  . LEU B 1 38 ? 5.012   6.959   -21.075 1.00 37.52  ? 38  LEU B CB  1 
ATOM   1028 C CG  . LEU B 1 38 ? 3.861   6.683   -20.102 1.00 36.61  ? 38  LEU B CG  1 
ATOM   1029 C CD1 . LEU B 1 38 ? 4.388   6.646   -18.674 1.00 36.67  ? 38  LEU B CD1 1 
ATOM   1030 C CD2 . LEU B 1 38 ? 2.797   7.752   -20.253 1.00 35.91  ? 38  LEU B CD2 1 
ATOM   1031 N N   . PRO B 1 39 ? 5.987   8.685   -23.627 1.00 42.62  ? 39  PRO B N   1 
ATOM   1032 C CA  . PRO B 1 39 ? 7.105   9.208   -24.418 1.00 43.38  ? 39  PRO B CA  1 
ATOM   1033 C C   . PRO B 1 39 ? 8.414   9.162   -23.638 1.00 43.48  ? 39  PRO B C   1 
ATOM   1034 O O   . PRO B 1 39 ? 8.420   8.935   -22.429 1.00 43.72  ? 39  PRO B O   1 
ATOM   1035 C CB  . PRO B 1 39 ? 6.675   10.648  -24.721 1.00 44.24  ? 39  PRO B CB  1 
ATOM   1036 C CG  . PRO B 1 39 ? 5.174   10.615  -24.576 1.00 43.53  ? 39  PRO B CG  1 
ATOM   1037 C CD  . PRO B 1 39 ? 4.994   9.738   -23.370 1.00 42.86  ? 39  PRO B CD  1 
ATOM   1038 N N   . GLY B 1 40 ? 9.521   9.383   -24.334 1.00 43.42  ? 40  GLY B N   1 
ATOM   1039 C CA  . GLY B 1 40 ? 10.810  9.376   -23.673 1.00 42.36  ? 40  GLY B CA  1 
ATOM   1040 C C   . GLY B 1 40 ? 11.439  8.004   -23.588 1.00 41.88  ? 40  GLY B C   1 
ATOM   1041 O O   . GLY B 1 40 ? 10.803  6.987   -23.865 1.00 42.03  ? 40  GLY B O   1 
ATOM   1042 N N   . LYS B 1 41 ? 12.709  7.981   -23.209 1.00 41.22  ? 41  LYS B N   1 
ATOM   1043 C CA  . LYS B 1 41 ? 13.433  6.732   -23.077 1.00 39.88  ? 41  LYS B CA  1 
ATOM   1044 C C   . LYS B 1 41 ? 13.085  6.131   -21.724 1.00 39.95  ? 41  LYS B C   1 
ATOM   1045 O O   . LYS B 1 41 ? 12.782  6.852   -20.772 1.00 39.66  ? 41  LYS B O   1 
ATOM   1046 C CB  . LYS B 1 41 ? 14.933  6.984   -23.168 1.00 38.83  ? 41  LYS B CB  1 
ATOM   1047 N N   . TRP B 1 42 ? 13.109  4.809   -21.643 1.00 37.85  ? 42  TRP B N   1 
ATOM   1048 C CA  . TRP B 1 42 ? 12.818  4.137   -20.393 1.00 37.33  ? 42  TRP B CA  1 
ATOM   1049 C C   . TRP B 1 42 ? 13.893  3.092   -20.149 1.00 36.99  ? 42  TRP B C   1 
ATOM   1050 O O   . TRP B 1 42 ? 14.502  2.578   -21.092 1.00 38.00  ? 42  TRP B O   1 
ATOM   1051 C CB  . TRP B 1 42 ? 11.443  3.466   -20.441 1.00 36.69  ? 42  TRP B CB  1 
ATOM   1052 C CG  . TRP B 1 42 ? 11.274  2.542   -21.596 1.00 37.47  ? 42  TRP B CG  1 
ATOM   1053 C CD1 . TRP B 1 42 ? 10.757  2.845   -22.822 1.00 37.17  ? 42  TRP B CD1 1 
ATOM   1054 C CD2 . TRP B 1 42 ? 11.645  1.163   -21.647 1.00 37.31  ? 42  TRP B CD2 1 
ATOM   1055 N NE1 . TRP B 1 42 ? 10.783  1.737   -23.635 1.00 37.45  ? 42  TRP B NE1 1 
ATOM   1056 C CE2 . TRP B 1 42 ? 11.327  0.687   -22.935 1.00 37.49  ? 42  TRP B CE2 1 
ATOM   1057 C CE3 . TRP B 1 42 ? 12.221  0.274   -20.725 1.00 38.46  ? 42  TRP B CE3 1 
ATOM   1058 C CZ2 . TRP B 1 42 ? 11.558  -0.631  -23.332 1.00 37.99  ? 42  TRP B CZ2 1 
ATOM   1059 C CZ3 . TRP B 1 42 ? 12.452  -1.039  -21.117 1.00 37.84  ? 42  TRP B CZ3 1 
ATOM   1060 C CH2 . TRP B 1 42 ? 12.122  -1.478  -22.410 1.00 38.39  ? 42  TRP B CH2 1 
ATOM   1061 N N   . LYS B 1 43 ? 14.132  2.794   -18.879 1.00 34.67  ? 43  LYS B N   1 
ATOM   1062 C CA  . LYS B 1 43 ? 15.124  1.804   -18.506 1.00 33.16  ? 43  LYS B CA  1 
ATOM   1063 C C   . LYS B 1 43 ? 14.417  0.665   -17.785 1.00 32.69  ? 43  LYS B C   1 
ATOM   1064 O O   . LYS B 1 43 ? 13.459  0.894   -17.041 1.00 30.54  ? 43  LYS B O   1 
ATOM   1065 C CB  . LYS B 1 43 ? 16.175  2.432   -17.597 1.00 34.17  ? 43  LYS B CB  1 
ATOM   1066 N N   . PRO B 1 44 ? 14.871  -0.581  -18.008 1.00 31.23  ? 44  PRO B N   1 
ATOM   1067 C CA  . PRO B 1 44 ? 14.273  -1.753  -17.366 1.00 29.64  ? 44  PRO B CA  1 
ATOM   1068 C C   . PRO B 1 44 ? 14.553  -1.698  -15.876 1.00 29.34  ? 44  PRO B C   1 
ATOM   1069 O O   . PRO B 1 44 ? 15.640  -1.290  -15.458 1.00 28.81  ? 44  PRO B O   1 
ATOM   1070 C CB  . PRO B 1 44 ? 14.996  -2.923  -18.032 1.00 29.66  ? 44  PRO B CB  1 
ATOM   1071 C CG  . PRO B 1 44 ? 15.391  -2.376  -19.365 1.00 30.92  ? 44  PRO B CG  1 
ATOM   1072 C CD  . PRO B 1 44 ? 15.866  -0.992  -19.013 1.00 31.13  ? 44  PRO B CD  1 
ATOM   1073 N N   . LYS B 1 45 ? 13.582  -2.103  -15.072 1.00 27.59  ? 45  LYS B N   1 
ATOM   1074 C CA  . LYS B 1 45 ? 13.763  -2.095  -13.629 1.00 28.10  ? 45  LYS B CA  1 
ATOM   1075 C C   . LYS B 1 45 ? 12.965  -3.216  -12.982 1.00 28.83  ? 45  LYS B C   1 
ATOM   1076 O O   . LYS B 1 45 ? 11.942  -3.640  -13.507 1.00 29.26  ? 45  LYS B O   1 
ATOM   1077 C CB  . LYS B 1 45 ? 13.335  -0.745  -13.052 1.00 27.29  ? 45  LYS B CB  1 
ATOM   1078 N N   . MET B 1 46 ? 13.447  -3.692  -11.843 1.00 30.36  ? 46  MET B N   1 
ATOM   1079 C CA  . MET B 1 46 ? 12.763  -4.742  -11.115 1.00 31.79  ? 46  MET B CA  1 
ATOM   1080 C C   . MET B 1 46 ? 12.328  -4.231  -9.756  1.00 30.92  ? 46  MET B C   1 
ATOM   1081 O O   . MET B 1 46 ? 13.101  -3.586  -9.051  1.00 29.86  ? 46  MET B O   1 
ATOM   1082 C CB  . MET B 1 46 ? 13.666  -5.959  -10.951 1.00 36.23  ? 46  MET B CB  1 
ATOM   1083 C CG  . MET B 1 46 ? 13.817  -6.757  -12.224 1.00 41.85  ? 46  MET B CG  1 
ATOM   1084 S SD  . MET B 1 46 ? 13.821  -8.510  -11.869 1.00 51.86  ? 46  MET B SD  1 
ATOM   1085 C CE  . MET B 1 46 ? 12.043  -8.829  -11.729 1.00 50.76  ? 46  MET B CE  1 
ATOM   1086 N N   . ILE B 1 47 ? 11.077  -4.516  -9.406  1.00 28.81  ? 47  ILE B N   1 
ATOM   1087 C CA  . ILE B 1 47 ? 10.512  -4.098  -8.131  1.00 28.65  ? 47  ILE B CA  1 
ATOM   1088 C C   . ILE B 1 47 ? 9.827   -5.289  -7.458  1.00 28.64  ? 47  ILE B C   1 
ATOM   1089 O O   . ILE B 1 47 ? 9.485   -6.271  -8.113  1.00 29.20  ? 47  ILE B O   1 
ATOM   1090 C CB  . ILE B 1 47 ? 9.464   -2.980  -8.328  1.00 28.70  ? 47  ILE B CB  1 
ATOM   1091 C CG1 . ILE B 1 47 ? 8.325   -3.488  -9.220  1.00 27.37  ? 47  ILE B CG1 1 
ATOM   1092 C CG2 . ILE B 1 47 ? 10.126  -1.745  -8.943  1.00 26.92  ? 47  ILE B CG2 1 
ATOM   1093 C CD1 . ILE B 1 47 ? 7.155   -2.514  -9.354  1.00 26.77  ? 47  ILE B CD1 1 
ATOM   1094 N N   . GLY B 1 48 ? 9.614   -5.193  -6.154  1.00 26.81  ? 48  GLY B N   1 
ATOM   1095 C CA  . GLY B 1 48 ? 8.975   -6.288  -5.453  1.00 28.37  ? 48  GLY B CA  1 
ATOM   1096 C C   . GLY B 1 48 ? 7.786   -5.896  -4.604  1.00 28.81  ? 48  GLY B C   1 
ATOM   1097 O O   . GLY B 1 48 ? 7.594   -4.731  -4.260  1.00 28.47  ? 48  GLY B O   1 
ATOM   1098 N N   . GLY B 1 49 ? 6.980   -6.897  -4.279  1.00 29.66  ? 49  GLY B N   1 
ATOM   1099 C CA  . GLY B 1 49 ? 5.809   -6.705  -3.452  1.00 29.88  ? 49  GLY B CA  1 
ATOM   1100 C C   . GLY B 1 49 ? 5.509   -8.047  -2.813  1.00 31.06  ? 49  GLY B C   1 
ATOM   1101 O O   . GLY B 1 49 ? 6.408   -8.879  -2.660  1.00 30.65  ? 49  GLY B O   1 
ATOM   1102 N N   1 ILE B 1 50 ? 4.261   -8.265  -2.413  0.50 31.15  ? 50  ILE B N   1 
ATOM   1103 N N   2 ILE B 1 50 ? 4.248   -8.267  -2.466  0.50 31.71  ? 50  ILE B N   1 
ATOM   1104 C CA  1 ILE B 1 50 ? 3.874   -9.504  -1.735  0.50 31.61  ? 50  ILE B CA  1 
ATOM   1105 C CA  2 ILE B 1 50 ? 3.854   -9.554  -1.926  0.50 32.82  ? 50  ILE B CA  1 
ATOM   1106 C C   1 ILE B 1 50 ? 4.194   -10.853 -2.381  0.50 30.82  ? 50  ILE B C   1 
ATOM   1107 C C   2 ILE B 1 50 ? 3.834   -10.429 -3.175  0.50 32.23  ? 50  ILE B C   1 
ATOM   1108 O O   1 ILE B 1 50 ? 4.735   -11.737 -1.714  0.50 31.10  ? 50  ILE B O   1 
ATOM   1109 O O   2 ILE B 1 50 ? 3.497   -9.957  -4.262  0.50 32.72  ? 50  ILE B O   1 
ATOM   1110 C CB  1 ILE B 1 50 ? 2.366   -9.483  -1.367  0.50 33.09  ? 50  ILE B CB  1 
ATOM   1111 C CB  2 ILE B 1 50 ? 2.447   -9.508  -1.292  0.50 34.21  ? 50  ILE B CB  1 
ATOM   1112 C CG1 1 ILE B 1 50 ? 2.199   -8.885  0.032   0.50 34.65  ? 50  ILE B CG1 1 
ATOM   1113 C CG1 2 ILE B 1 50 ? 2.540   -8.947  0.129   0.50 35.47  ? 50  ILE B CG1 1 
ATOM   1114 C CG2 1 ILE B 1 50 ? 1.771   -10.889 -1.428  0.50 33.85  ? 50  ILE B CG2 1 
ATOM   1115 C CG2 2 ILE B 1 50 ? 1.826   -10.900 -1.285  0.50 34.95  ? 50  ILE B CG2 1 
ATOM   1116 C CD1 1 ILE B 1 50 ? 0.811   -9.038  0.612   0.50 34.96  ? 50  ILE B CD1 1 
ATOM   1117 C CD1 2 ILE B 1 50 ? 1.218   -8.922  0.872   0.50 36.12  ? 50  ILE B CD1 1 
ATOM   1118 N N   1 GLY B 1 51 ? 3.856   -11.025 -3.656  0.50 30.09  ? 51  GLY B N   1 
ATOM   1119 N N   2 GLY B 1 51 ? 4.211   -11.689 -3.030  0.50 32.49  ? 51  GLY B N   1 
ATOM   1120 C CA  1 GLY B 1 51 ? 4.107   -12.296 -4.317  0.50 30.43  ? 51  GLY B CA  1 
ATOM   1121 C CA  2 GLY B 1 51 ? 4.227   -12.567 -4.180  0.50 31.54  ? 51  GLY B CA  1 
ATOM   1122 C C   1 GLY B 1 51 ? 5.441   -12.406 -5.030  0.50 31.01  ? 51  GLY B C   1 
ATOM   1123 C C   2 GLY B 1 51 ? 5.591   -12.580 -4.841  0.50 31.76  ? 51  GLY B C   1 
ATOM   1124 O O   1 GLY B 1 51 ? 5.645   -13.302 -5.847  0.50 31.56  ? 51  GLY B O   1 
ATOM   1125 O O   2 GLY B 1 51 ? 5.958   -13.574 -5.465  0.50 32.45  ? 51  GLY B O   1 
ATOM   1126 N N   . GLY B 1 52 ? 6.347   -11.493 -4.719  1.00 31.54  ? 52  GLY B N   1 
ATOM   1127 C CA  . GLY B 1 52 ? 7.663   -11.484 -5.333  1.00 31.89  ? 52  GLY B CA  1 
ATOM   1128 C C   . GLY B 1 52 ? 8.012   -10.246 -6.141  1.00 33.40  ? 52  GLY B C   1 
ATOM   1129 O O   . GLY B 1 52 ? 7.478   -9.154  -5.903  1.00 32.50  ? 52  GLY B O   1 
ATOM   1130 N N   . PHE B 1 53 ? 8.910   -10.438 -7.108  1.00 33.57  ? 53  PHE B N   1 
ATOM   1131 C CA  . PHE B 1 53 ? 9.395   -9.371  -7.984  1.00 33.79  ? 53  PHE B CA  1 
ATOM   1132 C C   . PHE B 1 53 ? 8.824   -9.414  -9.392  1.00 32.37  ? 53  PHE B C   1 
ATOM   1133 O O   . PHE B 1 53 ? 8.481   -10.479 -9.905  1.00 32.08  ? 53  PHE B O   1 
ATOM   1134 C CB  . PHE B 1 53 ? 10.925  -9.436  -8.100  1.00 35.42  ? 53  PHE B CB  1 
ATOM   1135 C CG  . PHE B 1 53 ? 11.633  -9.237  -6.800  1.00 38.89  ? 53  PHE B CG  1 
ATOM   1136 C CD1 . PHE B 1 53 ? 11.651  -10.246 -5.840  1.00 41.06  ? 53  PHE B CD1 1 
ATOM   1137 C CD2 . PHE B 1 53 ? 12.267  -8.031  -6.522  1.00 39.75  ? 53  PHE B CD2 1 
ATOM   1138 C CE1 . PHE B 1 53 ? 12.272  -10.050 -4.611  1.00 42.40  ? 53  PHE B CE1 1 
ATOM   1139 C CE2 . PHE B 1 53 ? 12.891  -7.822  -5.294  1.00 41.77  ? 53  PHE B CE2 1 
ATOM   1140 C CZ  . PHE B 1 53 ? 12.901  -8.838  -4.340  1.00 43.00  ? 53  PHE B CZ  1 
ATOM   1141 N N   . ILE B 1 54 ? 8.722   -8.239  -10.011 1.00 30.80  ? 54  ILE B N   1 
ATOM   1142 C CA  . ILE B 1 54 ? 8.248   -8.127  -11.383 1.00 28.33  ? 54  ILE B CA  1 
ATOM   1143 C C   . ILE B 1 54 ? 9.147   -7.131  -12.114 1.00 27.80  ? 54  ILE B C   1 
ATOM   1144 O O   . ILE B 1 54 ? 9.819   -6.303  -11.492 1.00 25.51  ? 54  ILE B O   1 
ATOM   1145 C CB  . ILE B 1 54 ? 6.772   -7.641  -11.471 1.00 29.54  ? 54  ILE B CB  1 
ATOM   1146 C CG1 . ILE B 1 54 ? 6.648   -6.194  -10.994 1.00 29.82  ? 54  ILE B CG1 1 
ATOM   1147 C CG2 . ILE B 1 54 ? 5.875   -8.540  -10.624 1.00 29.94  ? 54  ILE B CG2 1 
ATOM   1148 C CD1 . ILE B 1 54 ? 5.269   -5.601  -11.220 1.00 28.58  ? 54  ILE B CD1 1 
ATOM   1149 N N   . LYS B 1 55 ? 9.165   -7.222  -13.436 1.00 25.44  ? 55  LYS B N   1 
ATOM   1150 C CA  . LYS B 1 55 ? 9.971   -6.323  -14.243 1.00 26.27  ? 55  LYS B CA  1 
ATOM   1151 C C   . LYS B 1 55 ? 9.078   -5.196  -14.753 1.00 24.61  ? 55  LYS B C   1 
ATOM   1152 O O   . LYS B 1 55 ? 7.953   -5.435  -15.193 1.00 24.88  ? 55  LYS B O   1 
ATOM   1153 C CB  . LYS B 1 55 ? 10.600  -7.090  -15.419 1.00 25.59  ? 55  LYS B CB  1 
ATOM   1154 N N   . VAL B 1 56 ? 9.573   -3.968  -14.673 1.00 24.22  ? 56  VAL B N   1 
ATOM   1155 C CA  . VAL B 1 56 ? 8.811   -2.818  -15.134 1.00 23.36  ? 56  VAL B CA  1 
ATOM   1156 C C   . VAL B 1 56 ? 9.681   -1.900  -15.985 1.00 25.03  ? 56  VAL B C   1 
ATOM   1157 O O   . VAL B 1 56 ? 10.886  -2.123  -16.131 1.00 24.92  ? 56  VAL B O   1 
ATOM   1158 C CB  . VAL B 1 56 ? 8.251   -2.000  -13.943 1.00 22.34  ? 56  VAL B CB  1 
ATOM   1159 C CG1 . VAL B 1 56 ? 7.235   -2.829  -13.172 1.00 20.06  ? 56  VAL B CG1 1 
ATOM   1160 C CG2 . VAL B 1 56 ? 9.384   -1.571  -13.026 1.00 22.35  ? 56  VAL B CG2 1 
ATOM   1161 N N   . ARG B 1 57 ? 9.052   -0.875  -16.553 1.00 24.79  ? 57  ARG B N   1 
ATOM   1162 C CA  . ARG B 1 57 ? 9.746   0.113   -17.368 1.00 25.50  ? 57  ARG B CA  1 
ATOM   1163 C C   . ARG B 1 57 ? 9.683   1.439   -16.624 1.00 25.38  ? 57  ARG B C   1 
ATOM   1164 O O   . ARG B 1 57 ? 8.603   1.891   -16.243 1.00 23.45  ? 57  ARG B O   1 
ATOM   1165 C CB  . ARG B 1 57 ? 9.077   0.247   -18.734 1.00 27.24  ? 57  ARG B CB  1 
ATOM   1166 C CG  . ARG B 1 57 ? 9.155   -1.014  -19.582 1.00 30.42  ? 57  ARG B CG  1 
ATOM   1167 C CD  . ARG B 1 57 ? 8.696   -0.732  -20.995 1.00 34.10  ? 57  ARG B CD  1 
ATOM   1168 N NE  . ARG B 1 57 ? 7.369   -0.134  -20.996 1.00 39.65  ? 57  ARG B NE  1 
ATOM   1169 C CZ  . ARG B 1 57 ? 6.774   0.366   -22.073 1.00 43.96  ? 57  ARG B CZ  1 
ATOM   1170 N NH1 . ARG B 1 57 ? 7.394   0.340   -23.249 1.00 46.62  ? 57  ARG B NH1 1 
ATOM   1171 N NH2 . ARG B 1 57 ? 5.561   0.899   -21.974 1.00 44.54  ? 57  ARG B NH2 1 
ATOM   1172 N N   . GLN B 1 58 ? 10.840  2.061   -16.420 1.00 23.92  ? 58  GLN B N   1 
ATOM   1173 C CA  . GLN B 1 58 ? 10.911  3.320   -15.696 1.00 24.47  ? 58  GLN B CA  1 
ATOM   1174 C C   . GLN B 1 58 ? 10.982  4.566   -16.570 1.00 25.03  ? 58  GLN B C   1 
ATOM   1175 O O   . GLN B 1 58 ? 11.905  4.717   -17.362 1.00 26.42  ? 58  GLN B O   1 
ATOM   1176 C CB  . GLN B 1 58 ? 12.119  3.315   -14.757 1.00 24.70  ? 58  GLN B CB  1 
ATOM   1177 C CG  . GLN B 1 58 ? 12.281  4.621   -13.986 1.00 28.94  ? 58  GLN B CG  1 
ATOM   1178 C CD  . GLN B 1 58 ? 13.549  4.678   -13.145 1.00 31.75  ? 58  GLN B CD  1 
ATOM   1179 O OE1 . GLN B 1 58 ? 13.891  3.726   -12.442 1.00 31.05  ? 58  GLN B OE1 1 
ATOM   1180 N NE2 . GLN B 1 58 ? 14.239  5.814   -13.198 1.00 32.51  ? 58  GLN B NE2 1 
ATOM   1181 N N   . TYR B 1 59 ? 10.004  5.453   -16.421 1.00 24.54  ? 59  TYR B N   1 
ATOM   1182 C CA  . TYR B 1 59 ? 9.991   6.710   -17.164 1.00 26.02  ? 59  TYR B CA  1 
ATOM   1183 C C   . TYR B 1 59 ? 10.248  7.821   -16.149 1.00 27.03  ? 59  TYR B C   1 
ATOM   1184 O O   . TYR B 1 59 ? 9.644   7.839   -15.080 1.00 26.73  ? 59  TYR B O   1 
ATOM   1185 C CB  . TYR B 1 59 ? 8.639   6.945   -17.845 1.00 24.71  ? 59  TYR B CB  1 
ATOM   1186 C CG  . TYR B 1 59 ? 8.299   5.950   -18.935 1.00 27.12  ? 59  TYR B CG  1 
ATOM   1187 C CD1 . TYR B 1 59 ? 7.791   4.692   -18.624 1.00 26.57  ? 59  TYR B CD1 1 
ATOM   1188 C CD2 . TYR B 1 59 ? 8.494   6.269   -20.282 1.00 28.84  ? 59  TYR B CD2 1 
ATOM   1189 C CE1 . TYR B 1 59 ? 7.483   3.768   -19.623 1.00 29.06  ? 59  TYR B CE1 1 
ATOM   1190 C CE2 . TYR B 1 59 ? 8.193   5.349   -21.293 1.00 29.50  ? 59  TYR B CE2 1 
ATOM   1191 C CZ  . TYR B 1 59 ? 7.685   4.100   -20.955 1.00 31.62  ? 59  TYR B CZ  1 
ATOM   1192 O OH  . TYR B 1 59 ? 7.397   3.179   -21.943 1.00 33.29  ? 59  TYR B OH  1 
ATOM   1193 N N   . ASP B 1 60 ? 11.144  8.743   -16.476 1.00 28.07  ? 60  ASP B N   1 
ATOM   1194 C CA  . ASP B 1 60 ? 11.462  9.830   -15.558 1.00 30.05  ? 60  ASP B CA  1 
ATOM   1195 C C   . ASP B 1 60 ? 10.815  11.151  -15.961 1.00 28.67  ? 60  ASP B C   1 
ATOM   1196 O O   . ASP B 1 60 ? 10.537  11.380  -17.132 1.00 26.03  ? 60  ASP B O   1 
ATOM   1197 C CB  . ASP B 1 60 ? 12.978  10.020  -15.474 1.00 33.13  ? 60  ASP B CB  1 
ATOM   1198 C CG  . ASP B 1 60 ? 13.695  8.781   -14.968 1.00 37.43  ? 60  ASP B CG  1 
ATOM   1199 O OD1 . ASP B 1 60 ? 13.388  8.330   -13.841 1.00 38.01  ? 60  ASP B OD1 1 
ATOM   1200 O OD2 . ASP B 1 60 ? 14.566  8.259   -15.699 1.00 40.20  ? 60  ASP B OD2 1 
ATOM   1201 N N   . GLN B 1 61 ? 10.580  12.008  -14.971 1.00 28.68  ? 61  GLN B N   1 
ATOM   1202 C CA  . GLN B 1 61 ? 9.998   13.328  -15.196 1.00 30.62  ? 61  GLN B CA  1 
ATOM   1203 C C   . GLN B 1 61 ? 8.690   13.357  -15.974 1.00 29.60  ? 61  GLN B C   1 
ATOM   1204 O O   . GLN B 1 61 ? 8.550   14.112  -16.933 1.00 29.71  ? 61  GLN B O   1 
ATOM   1205 C CB  . GLN B 1 61 ? 11.018  14.230  -15.898 1.00 34.08  ? 61  GLN B CB  1 
ATOM   1206 C CG  . GLN B 1 61 ? 12.153  14.663  -14.996 1.00 40.80  ? 61  GLN B CG  1 
ATOM   1207 C CD  . GLN B 1 61 ? 11.700  15.663  -13.951 1.00 46.31  ? 61  GLN B CD  1 
ATOM   1208 O OE1 . GLN B 1 61 ? 12.387  15.895  -12.955 1.00 51.63  ? 61  GLN B OE1 1 
ATOM   1209 N NE2 . GLN B 1 61 ? 10.541  16.271  -14.178 1.00 48.27  ? 61  GLN B NE2 1 
ATOM   1210 N N   . ILE B 1 62 ? 7.729   12.541  -15.557 1.00 27.75  ? 62  ILE B N   1 
ATOM   1211 C CA  . ILE B 1 62 ? 6.429   12.513  -16.215 1.00 25.25  ? 62  ILE B CA  1 
ATOM   1212 C C   . ILE B 1 62 ? 5.440   13.352  -15.412 1.00 23.87  ? 62  ILE B C   1 
ATOM   1213 O O   . ILE B 1 62 ? 5.346   13.217  -14.194 1.00 22.29  ? 62  ILE B O   1 
ATOM   1214 C CB  . ILE B 1 62 ? 5.875   11.071  -16.324 1.00 24.90  ? 62  ILE B CB  1 
ATOM   1215 C CG1 . ILE B 1 62 ? 6.796   10.223  -17.200 1.00 25.17  ? 62  ILE B CG1 1 
ATOM   1216 C CG2 . ILE B 1 62 ? 4.483   11.086  -16.933 1.00 26.78  ? 62  ILE B CG2 1 
ATOM   1217 C CD1 . ILE B 1 62 ? 6.967   10.770  -18.612 1.00 26.82  ? 62  ILE B CD1 1 
ATOM   1218 N N   . PRO B 1 63 ? 4.703   14.246  -16.081 1.00 23.62  ? 63  PRO B N   1 
ATOM   1219 C CA  . PRO B 1 63 ? 3.734   15.067  -15.348 1.00 23.21  ? 63  PRO B CA  1 
ATOM   1220 C C   . PRO B 1 63 ? 2.490   14.222  -15.095 1.00 23.91  ? 63  PRO B C   1 
ATOM   1221 O O   . PRO B 1 63 ? 2.006   13.544  -16.006 1.00 23.56  ? 63  PRO B O   1 
ATOM   1222 C CB  . PRO B 1 63 ? 3.442   16.218  -16.313 1.00 24.23  ? 63  PRO B CB  1 
ATOM   1223 C CG  . PRO B 1 63 ? 4.648   16.236  -17.236 1.00 25.13  ? 63  PRO B CG  1 
ATOM   1224 C CD  . PRO B 1 63 ? 4.915   14.775  -17.440 1.00 23.96  ? 63  PRO B CD  1 
ATOM   1225 N N   . VAL B 1 64 ? 1.987   14.257  -13.864 1.00 21.67  ? 64  VAL B N   1 
ATOM   1226 C CA  . VAL B 1 64 ? 0.799   13.499  -13.497 1.00 23.02  ? 64  VAL B CA  1 
ATOM   1227 C C   . VAL B 1 64 ? -0.114  14.388  -12.651 1.00 25.25  ? 64  VAL B C   1 
ATOM   1228 O O   . VAL B 1 64 ? 0.331   14.991  -11.670 1.00 26.71  ? 64  VAL B O   1 
ATOM   1229 C CB  . VAL B 1 64 ? 1.164   12.249  -12.668 1.00 22.84  ? 64  VAL B CB  1 
ATOM   1230 C CG1 . VAL B 1 64 ? -0.089  11.460  -12.343 1.00 23.24  ? 64  VAL B CG1 1 
ATOM   1231 C CG2 . VAL B 1 64 ? 2.162   11.381  -13.440 1.00 22.99  ? 64  VAL B CG2 1 
ATOM   1232 N N   . GLU B 1 65 ? -1.383  14.476  -13.033 1.00 23.69  ? 65  GLU B N   1 
ATOM   1233 C CA  . GLU B 1 65 ? -2.337  15.286  -12.290 1.00 24.39  ? 65  GLU B CA  1 
ATOM   1234 C C   . GLU B 1 65 ? -3.191  14.356  -11.435 1.00 22.76  ? 65  GLU B C   1 
ATOM   1235 O O   . GLU B 1 65 ? -3.866  13.462  -11.944 1.00 20.80  ? 65  GLU B O   1 
ATOM   1236 C CB  . GLU B 1 65 ? -3.209  16.095  -13.256 1.00 27.24  ? 65  GLU B CB  1 
ATOM   1237 C CG  . GLU B 1 65 ? -4.045  17.162  -12.586 1.00 34.53  ? 65  GLU B CG  1 
ATOM   1238 C CD  . GLU B 1 65 ? -4.877  17.952  -13.581 1.00 39.32  ? 65  GLU B CD  1 
ATOM   1239 O OE1 . GLU B 1 65 ? -4.282  18.518  -14.524 1.00 40.24  ? 65  GLU B OE1 1 
ATOM   1240 O OE2 . GLU B 1 65 ? -6.121  18.004  -13.418 1.00 40.86  ? 65  GLU B OE2 1 
ATOM   1241 N N   . ILE B 1 66 ? -3.135  14.570  -10.128 1.00 21.85  ? 66  ILE B N   1 
ATOM   1242 C CA  . ILE B 1 66 ? -3.859  13.750  -9.167  1.00 22.80  ? 66  ILE B CA  1 
ATOM   1243 C C   . ILE B 1 66 ? -4.940  14.572  -8.488  1.00 24.88  ? 66  ILE B C   1 
ATOM   1244 O O   . ILE B 1 66 ? -4.647  15.394  -7.621  1.00 23.15  ? 66  ILE B O   1 
ATOM   1245 C CB  . ILE B 1 66 ? -2.890  13.215  -8.093  1.00 22.67  ? 66  ILE B CB  1 
ATOM   1246 C CG1 . ILE B 1 66 ? -1.719  12.500  -8.776  1.00 21.94  ? 66  ILE B CG1 1 
ATOM   1247 C CG2 . ILE B 1 66 ? -3.624  12.295  -7.133  1.00 21.06  ? 66  ILE B CG2 1 
ATOM   1248 C CD1 . ILE B 1 66 ? -0.587  12.145  -7.837  1.00 24.88  ? 66  ILE B CD1 1 
ATOM   1249 N N   . CYS B 1 67 ? -6.191  14.342  -8.877  1.00 27.63  ? 67  CYS B N   1 
ATOM   1250 C CA  . CYS B 1 67 ? -7.308  15.085  -8.303  1.00 30.23  ? 67  CYS B CA  1 
ATOM   1251 C C   . CYS B 1 67 ? -7.063  16.579  -8.420  1.00 29.87  ? 67  CYS B C   1 
ATOM   1252 O O   . CYS B 1 67 ? -7.377  17.335  -7.508  1.00 30.91  ? 67  CYS B O   1 
ATOM   1253 C CB  . CYS B 1 67 ? -7.506  14.721  -6.828  1.00 32.99  ? 67  CYS B CB  1 
ATOM   1254 S SG  . CYS B 1 67 ? -8.479  13.235  -6.544  1.00 43.41  ? 67  CYS B SG  1 
ATOM   1255 N N   . GLY B 1 68 ? -6.479  17.001  -9.536  1.00 29.69  ? 68  GLY B N   1 
ATOM   1256 C CA  . GLY B 1 68 ? -6.226  18.417  -9.728  1.00 30.13  ? 68  GLY B CA  1 
ATOM   1257 C C   . GLY B 1 68 ? -4.854  18.924  -9.315  1.00 30.74  ? 68  GLY B C   1 
ATOM   1258 O O   . GLY B 1 68 ? -4.434  19.987  -9.766  1.00 32.86  ? 68  GLY B O   1 
ATOM   1259 N N   . HIS B 1 69 ? -4.152  18.191  -8.456  1.00 29.24  ? 69  HIS B N   1 
ATOM   1260 C CA  . HIS B 1 69 ? -2.822  18.623  -8.019  1.00 28.12  ? 69  HIS B CA  1 
ATOM   1261 C C   . HIS B 1 69 ? -1.754  18.101  -8.974  1.00 26.59  ? 69  HIS B C   1 
ATOM   1262 O O   . HIS B 1 69 ? -1.757  16.925  -9.340  1.00 26.48  ? 69  HIS B O   1 
ATOM   1263 C CB  . HIS B 1 69 ? -2.535  18.125  -6.602  1.00 28.27  ? 69  HIS B CB  1 
ATOM   1264 C CG  . HIS B 1 69 ? -3.404  18.766  -5.549  1.00 31.34  ? 69  HIS B CG  1 
ATOM   1265 N ND1 . HIS B 1 69 ? -4.769  18.605  -5.531  1.00 31.85  ? 69  HIS B ND1 1 
ATOM   1266 C CD2 . HIS B 1 69 ? -3.082  19.551  -4.507  1.00 31.10  ? 69  HIS B CD2 1 
ATOM   1267 C CE1 . HIS B 1 69 ? -5.260  19.280  -4.497  1.00 32.23  ? 69  HIS B CE1 1 
ATOM   1268 N NE2 . HIS B 1 69 ? -4.273  19.858  -3.862  1.00 32.91  ? 69  HIS B NE2 1 
ATOM   1269 N N   . LYS B 1 70 ? -0.834  18.974  -9.368  1.00 25.45  ? 70  LYS B N   1 
ATOM   1270 C CA  . LYS B 1 70 ? 0.208   18.591  -10.307 1.00 24.00  ? 70  LYS B CA  1 
ATOM   1271 C C   . LYS B 1 70 ? 1.467   18.045  -9.653  1.00 24.41  ? 70  LYS B C   1 
ATOM   1272 O O   . LYS B 1 70 ? 1.936   18.548  -8.636  1.00 24.30  ? 70  LYS B O   1 
ATOM   1273 C CB  . LYS B 1 70 ? 0.564   19.776  -11.206 1.00 23.86  ? 70  LYS B CB  1 
ATOM   1274 N N   . ALA B 1 71 ? 2.000   16.991  -10.257 1.00 22.29  ? 71  ALA B N   1 
ATOM   1275 C CA  . ALA B 1 71 ? 3.218   16.367  -9.790  1.00 21.33  ? 71  ALA B CA  1 
ATOM   1276 C C   . ALA B 1 71 ? 4.022   16.034  -11.041 1.00 21.82  ? 71  ALA B C   1 
ATOM   1277 O O   . ALA B 1 71 ? 3.460   15.882  -12.131 1.00 22.30  ? 71  ALA B O   1 
ATOM   1278 C CB  . ALA B 1 71 ? 2.894   15.090  -9.000  1.00 19.89  ? 71  ALA B CB  1 
ATOM   1279 N N   . ILE B 1 72 ? 5.338   15.946  -10.888 1.00 21.01  ? 72  ILE B N   1 
ATOM   1280 C CA  . ILE B 1 72 ? 6.220   15.599  -11.996 1.00 20.16  ? 72  ILE B CA  1 
ATOM   1281 C C   . ILE B 1 72 ? 7.302   14.710  -11.413 1.00 20.02  ? 72  ILE B C   1 
ATOM   1282 O O   . ILE B 1 72 ? 8.093   15.148  -10.575 1.00 20.33  ? 72  ILE B O   1 
ATOM   1283 C CB  . ILE B 1 72 ? 6.902   16.837  -12.623 1.00 20.39  ? 72  ILE B CB  1 
ATOM   1284 C CG1 . ILE B 1 72 ? 5.854   17.858  -13.068 1.00 20.90  ? 72  ILE B CG1 1 
ATOM   1285 C CG2 . ILE B 1 72 ? 7.738   16.405  -13.825 1.00 19.87  ? 72  ILE B CG2 1 
ATOM   1286 C CD1 . ILE B 1 72 ? 6.450   19.180  -13.527 1.00 23.01  ? 72  ILE B CD1 1 
ATOM   1287 N N   . GLY B 1 73 ? 7.336   13.459  -11.856 1.00 17.74  ? 73  GLY B N   1 
ATOM   1288 C CA  . GLY B 1 73 ? 8.327   12.545  -11.338 1.00 17.62  ? 73  GLY B CA  1 
ATOM   1289 C C   . GLY B 1 73 ? 8.393   11.223  -12.068 1.00 18.21  ? 73  GLY B C   1 
ATOM   1290 O O   . GLY B 1 73 ? 7.911   11.085  -13.200 1.00 18.11  ? 73  GLY B O   1 
ATOM   1291 N N   . THR B 1 74 ? 8.994   10.245  -11.400 1.00 17.45  ? 74  THR B N   1 
ATOM   1292 C CA  . THR B 1 74 ? 9.169   8.914   -11.953 1.00 18.36  ? 74  THR B CA  1 
ATOM   1293 C C   . THR B 1 74 ? 7.895   8.088   -11.912 1.00 18.10  ? 74  THR B C   1 
ATOM   1294 O O   . THR B 1 74 ? 7.189   8.050   -10.903 1.00 16.73  ? 74  THR B O   1 
ATOM   1295 C CB  . THR B 1 74 ? 10.272  8.117   -11.185 1.00 19.77  ? 74  THR B CB  1 
ATOM   1296 O OG1 . THR B 1 74 ? 11.497  8.862   -11.178 1.00 18.50  ? 74  THR B OG1 1 
ATOM   1297 C CG2 . THR B 1 74 ? 10.516  6.768   -11.853 1.00 18.55  ? 74  THR B CG2 1 
ATOM   1298 N N   . VAL B 1 75 ? 7.614   7.422   -13.023 1.00 16.66  ? 75  VAL B N   1 
ATOM   1299 C CA  . VAL B 1 75 ? 6.453   6.550   -13.118 1.00 19.19  ? 75  VAL B CA  1 
ATOM   1300 C C   . VAL B 1 75 ? 6.959   5.214   -13.649 1.00 19.00  ? 75  VAL B C   1 
ATOM   1301 O O   . VAL B 1 75 ? 7.693   5.177   -14.636 1.00 19.90  ? 75  VAL B O   1 
ATOM   1302 C CB  . VAL B 1 75 ? 5.395   7.112   -14.093 1.00 21.38  ? 75  VAL B CB  1 
ATOM   1303 C CG1 . VAL B 1 75 ? 4.301   6.072   -14.325 1.00 22.16  ? 75  VAL B CG1 1 
ATOM   1304 C CG2 . VAL B 1 75 ? 4.802   8.400   -13.532 1.00 17.35  ? 75  VAL B CG2 1 
ATOM   1305 N N   . LEU B 1 76 ? 6.607   4.124   -12.976 1.00 17.13  ? 76  LEU B N   1 
ATOM   1306 C CA  . LEU B 1 76 ? 7.020   2.803   -13.431 1.00 17.09  ? 76  LEU B CA  1 
ATOM   1307 C C   . LEU B 1 76 ? 5.810   2.174   -14.115 1.00 18.70  ? 76  LEU B C   1 
ATOM   1308 O O   . LEU B 1 76 ? 4.678   2.359   -13.676 1.00 19.24  ? 76  LEU B O   1 
ATOM   1309 C CB  . LEU B 1 76 ? 7.461   1.944   -12.247 1.00 15.67  ? 76  LEU B CB  1 
ATOM   1310 C CG  . LEU B 1 76 ? 8.463   2.614   -11.302 1.00 17.45  ? 76  LEU B CG  1 
ATOM   1311 C CD1 . LEU B 1 76 ? 8.734   1.697   -10.113 1.00 16.49  ? 76  LEU B CD1 1 
ATOM   1312 C CD2 . LEU B 1 76 ? 9.755   2.919   -12.061 1.00 17.05  ? 76  LEU B CD2 1 
ATOM   1313 N N   . VAL B 1 77 ? 6.044   1.454   -15.202 1.00 17.41  ? 77  VAL B N   1 
ATOM   1314 C CA  . VAL B 1 77 ? 4.959   0.823   -15.927 1.00 19.41  ? 77  VAL B CA  1 
ATOM   1315 C C   . VAL B 1 77 ? 5.222   -0.670  -16.045 1.00 20.51  ? 77  VAL B C   1 
ATOM   1316 O O   . VAL B 1 77 ? 6.345   -1.096  -16.315 1.00 20.42  ? 77  VAL B O   1 
ATOM   1317 C CB  . VAL B 1 77 ? 4.790   1.465   -17.321 1.00 21.19  ? 77  VAL B CB  1 
ATOM   1318 C CG1 . VAL B 1 77 ? 3.803   0.665   -18.163 1.00 22.99  ? 77  VAL B CG1 1 
ATOM   1319 C CG2 . VAL B 1 77 ? 4.282   2.899   -17.155 1.00 20.26  ? 77  VAL B CG2 1 
ATOM   1320 N N   . GLY B 1 78 ? 4.185   -1.464  -15.813 1.00 20.00  ? 78  GLY B N   1 
ATOM   1321 C CA  . GLY B 1 78 ? 4.348   -2.900  -15.877 1.00 21.42  ? 78  GLY B CA  1 
ATOM   1322 C C   . GLY B 1 78 ? 3.094   -3.651  -15.477 1.00 22.57  ? 78  GLY B C   1 
ATOM   1323 O O   . GLY B 1 78 ? 2.028   -3.052  -15.314 1.00 22.60  ? 78  GLY B O   1 
ATOM   1324 N N   . PRO B 1 79 ? 3.202   -4.977  -15.294 1.00 23.87  ? 79  PRO B N   1 
ATOM   1325 C CA  . PRO B 1 79 ? 2.087   -5.852  -14.916 1.00 23.58  ? 79  PRO B CA  1 
ATOM   1326 C C   . PRO B 1 79 ? 1.595   -5.754  -13.476 1.00 24.25  ? 79  PRO B C   1 
ATOM   1327 O O   . PRO B 1 79 ? 1.558   -6.747  -12.759 1.00 23.57  ? 79  PRO B O   1 
ATOM   1328 C CB  . PRO B 1 79 ? 2.620   -7.242  -15.251 1.00 24.35  ? 79  PRO B CB  1 
ATOM   1329 C CG  . PRO B 1 79 ? 4.075   -7.114  -14.912 1.00 24.72  ? 79  PRO B CG  1 
ATOM   1330 C CD  . PRO B 1 79 ? 4.440   -5.757  -15.491 1.00 23.28  ? 79  PRO B CD  1 
ATOM   1331 N N   . THR B 1 80 ? 1.216   -4.556  -13.049 1.00 23.41  ? 80  THR B N   1 
ATOM   1332 C CA  . THR B 1 80 ? 0.696   -4.394  -11.702 1.00 21.42  ? 80  THR B CA  1 
ATOM   1333 C C   . THR B 1 80 ? -0.799  -4.717  -11.746 1.00 21.03  ? 80  THR B C   1 
ATOM   1334 O O   . THR B 1 80 ? -1.472  -4.410  -12.718 1.00 22.25  ? 80  THR B O   1 
ATOM   1335 C CB  . THR B 1 80 ? 0.886   -2.949  -11.199 1.00 19.77  ? 80  THR B CB  1 
ATOM   1336 O OG1 . THR B 1 80 ? 0.230   -2.803  -9.936  1.00 18.89  ? 80  THR B OG1 1 
ATOM   1337 C CG2 . THR B 1 80 ? 0.308   -1.938  -12.207 1.00 16.54  ? 80  THR B CG2 1 
ATOM   1338 N N   . PRO B 1 81 ? -1.334  -5.368  -10.704 1.00 20.86  ? 81  PRO B N   1 
ATOM   1339 C CA  . PRO B 1 81 ? -2.771  -5.672  -10.751 1.00 20.77  ? 81  PRO B CA  1 
ATOM   1340 C C   . PRO B 1 81 ? -3.691  -4.449  -10.665 1.00 22.42  ? 81  PRO B C   1 
ATOM   1341 O O   . PRO B 1 81 ? -4.864  -4.520  -11.053 1.00 23.60  ? 81  PRO B O   1 
ATOM   1342 C CB  . PRO B 1 81 ? -2.964  -6.651  -9.587  1.00 20.22  ? 81  PRO B CB  1 
ATOM   1343 C CG  . PRO B 1 81 ? -1.816  -6.366  -8.671  1.00 18.86  ? 81  PRO B CG  1 
ATOM   1344 C CD  . PRO B 1 81 ? -0.669  -6.077  -9.597  1.00 20.16  ? 81  PRO B CD  1 
ATOM   1345 N N   . VAL B 1 82 ? -3.156  -3.333  -10.171 1.00 20.56  ? 82  VAL B N   1 
ATOM   1346 C CA  . VAL B 1 82 ? -3.917  -2.089  -10.037 1.00 20.34  ? 82  VAL B CA  1 
ATOM   1347 C C   . VAL B 1 82 ? -2.987  -0.878  -10.133 1.00 20.19  ? 82  VAL B C   1 
ATOM   1348 O O   . VAL B 1 82 ? -1.833  -0.943  -9.710  1.00 17.83  ? 82  VAL B O   1 
ATOM   1349 C CB  . VAL B 1 82 ? -4.640  -2.020  -8.674  1.00 22.96  ? 82  VAL B CB  1 
ATOM   1350 C CG1 . VAL B 1 82 ? -3.618  -2.068  -7.544  1.00 25.30  ? 82  VAL B CG1 1 
ATOM   1351 C CG2 . VAL B 1 82 ? -5.450  -0.743  -8.574  1.00 26.95  ? 82  VAL B CG2 1 
ATOM   1352 N N   . ASN B 1 83 ? -3.483  0.221   -10.691 1.00 18.11  ? 83  ASN B N   1 
ATOM   1353 C CA  . ASN B 1 83 ? -2.672  1.429   -10.790 1.00 19.67  ? 83  ASN B CA  1 
ATOM   1354 C C   . ASN B 1 83 ? -2.472  1.972   -9.379  1.00 19.65  ? 83  ASN B C   1 
ATOM   1355 O O   . ASN B 1 83 ? -3.440  2.133   -8.627  1.00 18.96  ? 83  ASN B O   1 
ATOM   1356 C CB  . ASN B 1 83 ? -3.369  2.492   -11.649 1.00 19.47  ? 83  ASN B CB  1 
ATOM   1357 C CG  . ASN B 1 83 ? -3.449  2.107   -13.107 1.00 20.39  ? 83  ASN B CG  1 
ATOM   1358 O OD1 . ASN B 1 83 ? -2.499  1.563   -13.665 1.00 21.50  ? 83  ASN B OD1 1 
ATOM   1359 N ND2 . ASN B 1 83 ? -4.580  2.402   -13.740 1.00 18.98  ? 83  ASN B ND2 1 
ATOM   1360 N N   . ILE B 1 84 ? -1.226  2.244   -9.003  1.00 18.93  ? 84  ILE B N   1 
ATOM   1361 C CA  . ILE B 1 84 ? -0.984  2.780   -7.673  1.00 18.62  ? 84  ILE B CA  1 
ATOM   1362 C C   . ILE B 1 84 ? -0.103  4.015   -7.687  1.00 18.95  ? 84  ILE B C   1 
ATOM   1363 O O   . ILE B 1 84 ? 0.892   4.088   -8.414  1.00 18.35  ? 84  ILE B O   1 
ATOM   1364 C CB  . ILE B 1 84 ? -0.330  1.734   -6.730  1.00 22.03  ? 84  ILE B CB  1 
ATOM   1365 C CG1 . ILE B 1 84 ? 1.008   1.281   -7.308  1.00 23.22  ? 84  ILE B CG1 1 
ATOM   1366 C CG2 . ILE B 1 84 ? -1.278  0.533   -6.516  1.00 19.98  ? 84  ILE B CG2 1 
ATOM   1367 C CD1 . ILE B 1 84 ? 1.701   0.216   -6.481  1.00 26.91  ? 84  ILE B CD1 1 
ATOM   1368 N N   . ILE B 1 85 ? -0.495  4.997   -6.883  1.00 17.49  ? 85  ILE B N   1 
ATOM   1369 C CA  . ILE B 1 85 ? 0.265   6.225   -6.743  1.00 16.88  ? 85  ILE B CA  1 
ATOM   1370 C C   . ILE B 1 85 ? 1.051   6.004   -5.451  1.00 16.76  ? 85  ILE B C   1 
ATOM   1371 O O   . ILE B 1 85 ? 0.457   5.846   -4.382  1.00 17.68  ? 85  ILE B O   1 
ATOM   1372 C CB  . ILE B 1 85 ? -0.659  7.461   -6.570  1.00 16.80  ? 85  ILE B CB  1 
ATOM   1373 C CG1 . ILE B 1 85 ? -1.586  7.615   -7.786  1.00 18.32  ? 85  ILE B CG1 1 
ATOM   1374 C CG2 . ILE B 1 85 ? 0.187   8.715   -6.376  1.00 16.04  ? 85  ILE B CG2 1 
ATOM   1375 C CD1 . ILE B 1 85 ? -0.857  7.772   -9.127  1.00 16.50  ? 85  ILE B CD1 1 
ATOM   1376 N N   . GLY B 1 86 ? 2.374   5.973   -5.559  1.00 15.11  ? 86  GLY B N   1 
ATOM   1377 C CA  . GLY B 1 86 ? 3.212   5.763   -4.393  1.00 15.96  ? 86  GLY B CA  1 
ATOM   1378 C C   . GLY B 1 86 ? 3.702   7.039   -3.724  1.00 15.41  ? 86  GLY B C   1 
ATOM   1379 O O   . GLY B 1 86 ? 3.363   8.145   -4.146  1.00 14.10  ? 86  GLY B O   1 
ATOM   1380 N N   . ARG B 1 87 ? 4.519   6.876   -2.688  1.00 13.48  ? 87  ARG B N   1 
ATOM   1381 C CA  . ARG B 1 87 ? 5.041   8.004   -1.928  1.00 14.98  ? 87  ARG B CA  1 
ATOM   1382 C C   . ARG B 1 87 ? 5.834   9.041   -2.725  1.00 15.47  ? 87  ARG B C   1 
ATOM   1383 O O   . ARG B 1 87 ? 5.869   10.212  -2.337  1.00 17.03  ? 87  ARG B O   1 
ATOM   1384 C CB  . ARG B 1 87 ? 5.891   7.496   -0.746  1.00 14.46  ? 87  ARG B CB  1 
ATOM   1385 C CG  . ARG B 1 87 ? 5.076   6.699   0.292   1.00 15.39  ? 87  ARG B CG  1 
ATOM   1386 C CD  . ARG B 1 87 ? 5.882   6.292   1.537   1.00 13.75  ? 87  ARG B CD  1 
ATOM   1387 N NE  . ARG B 1 87 ? 7.044   5.456   1.237   1.00 14.39  ? 87  ARG B NE  1 
ATOM   1388 C CZ  . ARG B 1 87 ? 8.289   5.911   1.101   1.00 17.33  ? 87  ARG B CZ  1 
ATOM   1389 N NH1 . ARG B 1 87 ? 8.553   7.206   1.245   1.00 16.66  ? 87  ARG B NH1 1 
ATOM   1390 N NH2 . ARG B 1 87 ? 9.271   5.069   0.799   1.00 17.86  ? 87  ARG B NH2 1 
ATOM   1391 N N   . ASN B 1 88 ? 6.478   8.641   -3.818  1.00 15.04  ? 88  ASN B N   1 
ATOM   1392 C CA  . ASN B 1 88 ? 7.253   9.616   -4.592  1.00 15.24  ? 88  ASN B CA  1 
ATOM   1393 C C   . ASN B 1 88 ? 6.376   10.756  -5.104  1.00 16.00  ? 88  ASN B C   1 
ATOM   1394 O O   . ASN B 1 88 ? 6.823   11.907  -5.176  1.00 17.61  ? 88  ASN B O   1 
ATOM   1395 C CB  . ASN B 1 88 ? 7.995   8.943   -5.764  1.00 14.91  ? 88  ASN B CB  1 
ATOM   1396 C CG  . ASN B 1 88 ? 7.064   8.419   -6.837  1.00 15.31  ? 88  ASN B CG  1 
ATOM   1397 O OD1 . ASN B 1 88 ? 6.091   7.729   -6.546  1.00 17.92  ? 88  ASN B OD1 1 
ATOM   1398 N ND2 . ASN B 1 88 ? 7.372   8.731   -8.095  1.00 13.75  ? 88  ASN B ND2 1 
ATOM   1399 N N   . LEU B 1 89 ? 5.128   10.450  -5.447  1.00 14.55  ? 89  LEU B N   1 
ATOM   1400 C CA  . LEU B 1 89 ? 4.220   11.482  -5.934  1.00 14.59  ? 89  LEU B CA  1 
ATOM   1401 C C   . LEU B 1 89 ? 3.299   11.996  -4.822  1.00 16.53  ? 89  LEU B C   1 
ATOM   1402 O O   . LEU B 1 89 ? 2.877   13.150  -4.848  1.00 18.12  ? 89  LEU B O   1 
ATOM   1403 C CB  . LEU B 1 89 ? 3.388   10.965  -7.114  1.00 15.05  ? 89  LEU B CB  1 
ATOM   1404 C CG  . LEU B 1 89 ? 4.171   10.519  -8.359  1.00 17.28  ? 89  LEU B CG  1 
ATOM   1405 C CD1 . LEU B 1 89 ? 3.199   10.150  -9.484  1.00 17.70  ? 89  LEU B CD1 1 
ATOM   1406 C CD2 . LEU B 1 89 ? 5.113   11.641  -8.815  1.00 16.04  ? 89  LEU B CD2 1 
ATOM   1407 N N   . LEU B 1 90 ? 2.991   11.155  -3.841  1.00 15.30  ? 90  LEU B N   1 
ATOM   1408 C CA  . LEU B 1 90 ? 2.127   11.595  -2.753  1.00 15.11  ? 90  LEU B CA  1 
ATOM   1409 C C   . LEU B 1 90 ? 2.755   12.748  -1.983  1.00 15.92  ? 90  LEU B C   1 
ATOM   1410 O O   . LEU B 1 90 ? 2.049   13.679  -1.580  1.00 16.62  ? 90  LEU B O   1 
ATOM   1411 C CB  . LEU B 1 90 ? 1.822   10.442  -1.795  1.00 14.02  ? 90  LEU B CB  1 
ATOM   1412 C CG  . LEU B 1 90 ? 0.973   9.311   -2.381  1.00 14.79  ? 90  LEU B CG  1 
ATOM   1413 C CD1 . LEU B 1 90 ? 0.885   8.162   -1.385  1.00 14.21  ? 90  LEU B CD1 1 
ATOM   1414 C CD2 . LEU B 1 90 ? -0.408  9.834   -2.727  1.00 17.74  ? 90  LEU B CD2 1 
ATOM   1415 N N   . THR B 1 91 ? 4.073   12.693  -1.785  1.00 15.04  ? 91  THR B N   1 
ATOM   1416 C CA  . THR B 1 91 ? 4.776   13.750  -1.066  1.00 14.92  ? 91  THR B CA  1 
ATOM   1417 C C   . THR B 1 91 ? 4.721   15.043  -1.869  1.00 16.20  ? 91  THR B C   1 
ATOM   1418 O O   . THR B 1 91 ? 4.636   16.128  -1.308  1.00 16.12  ? 91  THR B O   1 
ATOM   1419 C CB  . THR B 1 91 ? 6.264   13.389  -0.813  1.00 16.72  ? 91  THR B CB  1 
ATOM   1420 O OG1 . THR B 1 91 ? 6.900   13.055  -2.057  1.00 14.86  ? 91  THR B OG1 1 
ATOM   1421 C CG2 . THR B 1 91 ? 6.375   12.216  0.141   1.00 14.38  ? 91  THR B CG2 1 
ATOM   1422 N N   . GLN B 1 92 ? 4.755   14.927  -3.191  1.00 15.35  ? 92  GLN B N   1 
ATOM   1423 C CA  . GLN B 1 92 ? 4.711   16.113  -4.040  1.00 16.96  ? 92  GLN B CA  1 
ATOM   1424 C C   . GLN B 1 92 ? 3.394   16.885  -3.944  1.00 19.44  ? 92  GLN B C   1 
ATOM   1425 O O   . GLN B 1 92 ? 3.384   18.111  -4.074  1.00 20.40  ? 92  GLN B O   1 
ATOM   1426 C CB  . GLN B 1 92 ? 4.979   15.736  -5.499  1.00 16.42  ? 92  GLN B CB  1 
ATOM   1427 C CG  . GLN B 1 92 ? 6.441   15.451  -5.798  1.00 16.65  ? 92  GLN B CG  1 
ATOM   1428 C CD  . GLN B 1 92 ? 6.730   15.432  -7.284  1.00 18.86  ? 92  GLN B CD  1 
ATOM   1429 O OE1 . GLN B 1 92 ? 6.139   16.196  -8.052  1.00 20.31  ? 92  GLN B OE1 1 
ATOM   1430 N NE2 . GLN B 1 92 ? 7.648   14.564  -7.700  1.00 19.50  ? 92  GLN B NE2 1 
ATOM   1431 N N   . ILE B 1 93 ? 2.283   16.189  -3.720  1.00 18.07  ? 93  ILE B N   1 
ATOM   1432 C CA  . ILE B 1 93 ? 1.006   16.889  -3.625  1.00 19.63  ? 93  ILE B CA  1 
ATOM   1433 C C   . ILE B 1 93 ? 0.620   17.231  -2.185  1.00 20.76  ? 93  ILE B C   1 
ATOM   1434 O O   . ILE B 1 93 ? -0.507  17.653  -1.930  1.00 23.70  ? 93  ILE B O   1 
ATOM   1435 C CB  . ILE B 1 93 ? -0.143  16.091  -4.273  1.00 19.21  ? 93  ILE B CB  1 
ATOM   1436 C CG1 . ILE B 1 93 ? -0.361  14.771  -3.537  1.00 19.46  ? 93  ILE B CG1 1 
ATOM   1437 C CG2 . ILE B 1 93 ? 0.171   15.825  -5.741  1.00 21.93  ? 93  ILE B CG2 1 
ATOM   1438 C CD1 . ILE B 1 93 ? -1.573  13.994  -4.059  1.00 19.47  ? 93  ILE B CD1 1 
ATOM   1439 N N   . GLY B 1 94 ? 1.553   17.039  -1.254  1.00 21.05  ? 94  GLY B N   1 
ATOM   1440 C CA  . GLY B 1 94 ? 1.307   17.360  0.147   1.00 20.94  ? 94  GLY B CA  1 
ATOM   1441 C C   . GLY B 1 94 ? 0.408   16.407  0.919   1.00 22.80  ? 94  GLY B C   1 
ATOM   1442 O O   . GLY B 1 94 ? -0.235  16.798  1.890   1.00 22.09  ? 94  GLY B O   1 
ATOM   1443 N N   . CYS B 1 95 ? 0.376   15.146  0.509   1.00 21.67  ? 95  CYS B N   1 
ATOM   1444 C CA  . CYS B 1 95 ? -0.469  14.163  1.177   1.00 22.77  ? 95  CYS B CA  1 
ATOM   1445 C C   . CYS B 1 95 ? 0.126   13.631  2.486   1.00 22.78  ? 95  CYS B C   1 
ATOM   1446 O O   . CYS B 1 95 ? 1.327   13.350  2.572   1.00 21.58  ? 95  CYS B O   1 
ATOM   1447 C CB  . CYS B 1 95 ? -0.737  12.997  0.226   1.00 23.98  ? 95  CYS B CB  1 
ATOM   1448 S SG  . CYS B 1 95 ? -1.918  11.784  0.839   1.00 27.80  ? 95  CYS B SG  1 
ATOM   1449 N N   . THR B 1 96 ? -0.718  13.519  3.511   1.00 21.40  ? 96  THR B N   1 
ATOM   1450 C CA  . THR B 1 96 ? -0.297  12.985  4.803   1.00 21.12  ? 96  THR B CA  1 
ATOM   1451 C C   . THR B 1 96 ? -1.372  12.041  5.329   1.00 21.90  ? 96  THR B C   1 
ATOM   1452 O O   . THR B 1 96 ? -2.510  12.054  4.857   1.00 21.73  ? 96  THR B O   1 
ATOM   1453 C CB  . THR B 1 96 ? -0.102  14.084  5.890   1.00 21.82  ? 96  THR B CB  1 
ATOM   1454 O OG1 . THR B 1 96 ? -1.329  14.804  6.068   1.00 20.30  ? 96  THR B OG1 1 
ATOM   1455 C CG2 . THR B 1 96 ? 1.027   15.045  5.511   1.00 21.27  ? 96  THR B CG2 1 
ATOM   1456 N N   . LEU B 1 97 ? -0.991  11.215  6.297   1.00 21.63  ? 97  LEU B N   1 
ATOM   1457 C CA  . LEU B 1 97 ? -1.905  10.289  6.956   1.00 24.14  ? 97  LEU B CA  1 
ATOM   1458 C C   . LEU B 1 97 ? -2.229  10.970  8.275   1.00 25.07  ? 97  LEU B C   1 
ATOM   1459 O O   . LEU B 1 97 ? -1.334  11.518  8.923   1.00 26.52  ? 97  LEU B O   1 
ATOM   1460 C CB  . LEU B 1 97 ? -1.218  8.954   7.256   1.00 24.08  ? 97  LEU B CB  1 
ATOM   1461 C CG  . LEU B 1 97 ? -1.194  7.873   6.180   1.00 25.58  ? 97  LEU B CG  1 
ATOM   1462 C CD1 . LEU B 1 97 ? -0.175  6.801   6.566   1.00 25.61  ? 97  LEU B CD1 1 
ATOM   1463 C CD2 . LEU B 1 97 ? -2.591  7.274   6.033   1.00 26.34  ? 97  LEU B CD2 1 
ATOM   1464 N N   . ASN B 1 98 ? -3.491  10.935  8.678   1.00 25.81  ? 98  ASN B N   1 
ATOM   1465 C CA  . ASN B 1 98 ? -3.897  11.575  9.922   1.00 27.67  ? 98  ASN B CA  1 
ATOM   1466 C C   . ASN B 1 98 ? -4.882  10.746  10.732  1.00 28.62  ? 98  ASN B C   1 
ATOM   1467 O O   . ASN B 1 98 ? -5.784  10.118  10.177  1.00 25.95  ? 98  ASN B O   1 
ATOM   1468 C CB  . ASN B 1 98 ? -4.546  12.931  9.620   1.00 30.53  ? 98  ASN B CB  1 
ATOM   1469 C CG  . ASN B 1 98 ? -3.587  13.906  8.970   1.00 33.52  ? 98  ASN B CG  1 
ATOM   1470 O OD1 . ASN B 1 98 ? -2.709  14.459  9.626   1.00 36.65  ? 98  ASN B OD1 1 
ATOM   1471 N ND2 . ASN B 1 98 ? -3.746  14.114  7.669   1.00 35.30  ? 98  ASN B ND2 1 
ATOM   1472 N N   . PHE B 1 99 ? -4.700  10.754  12.048  1.00 29.98  ? 99  PHE B N   1 
ATOM   1473 C CA  . PHE B 1 99 ? -5.606  10.061  12.957  1.00 33.59  ? 99  PHE B CA  1 
ATOM   1474 C C   . PHE B 1 99 ? -5.400  10.570  14.383  1.00 34.99  ? 99  PHE B C   1 
ATOM   1475 O O   . PHE B 1 99 ? -4.402  11.290  14.608  1.00 35.09  ? 99  PHE B O   1 
ATOM   1476 C CB  . PHE B 1 99 ? -5.407  8.536   12.903  1.00 33.85  ? 99  PHE B CB  1 
ATOM   1477 C CG  . PHE B 1 99 ? -4.071  8.070   13.401  1.00 34.51  ? 99  PHE B CG  1 
ATOM   1478 C CD1 . PHE B 1 99 ? -2.927  8.239   12.635  1.00 37.39  ? 99  PHE B CD1 1 
ATOM   1479 C CD2 . PHE B 1 99 ? -3.964  7.421   14.624  1.00 36.62  ? 99  PHE B CD2 1 
ATOM   1480 C CE1 . PHE B 1 99 ? -1.691  7.767   13.079  1.00 38.05  ? 99  PHE B CE1 1 
ATOM   1481 C CE2 . PHE B 1 99 ? -2.733  6.944   15.079  1.00 37.45  ? 99  PHE B CE2 1 
ATOM   1482 C CZ  . PHE B 1 99 ? -1.595  7.116   14.302  1.00 37.99  ? 99  PHE B CZ  1 
ATOM   1483 O OXT . PHE B 1 99 ? -6.232  10.239  15.254  1.00 36.70  ? 99  PHE B OXT 1 
ATOM   1484 N N   . ALA C 2 2  ? -9.018  -10.136 -1.650  1.00 48.48  ? 2   ALA P N   1 
ATOM   1485 C CA  . ALA C 2 2  ? -8.398  -9.000  -0.917  1.00 47.46  ? 2   ALA P CA  1 
ATOM   1486 C C   . ALA C 2 2  ? -6.982  -8.794  -1.422  1.00 45.99  ? 2   ALA P C   1 
ATOM   1487 O O   . ALA C 2 2  ? -6.138  -9.696  -1.369  1.00 46.05  ? 2   ALA P O   1 
ATOM   1488 C CB  . ALA C 2 2  ? -8.390  -9.295  0.578   1.00 47.70  ? 2   ALA P CB  1 
ATOM   1489 N N   . THR C 2 3  ? -6.725  -7.592  -1.923  1.00 43.19  ? 3   THR P N   1 
ATOM   1490 C CA  . THR C 2 3  ? -5.417  -7.284  -2.452  1.00 40.20  ? 3   THR P CA  1 
ATOM   1491 C C   . THR C 2 3  ? -4.531  -6.315  -1.651  1.00 37.45  ? 3   THR P C   1 
ATOM   1492 O O   . THR C 2 3  ? -4.937  -5.209  -1.248  1.00 36.18  ? 3   THR P O   1 
ATOM   1493 C CB  . THR C 2 3  ? -5.579  -6.859  -3.908  1.00 41.72  ? 3   THR P CB  1 
ATOM   1494 O OG1 . THR C 2 3  ? -6.604  -5.860  -4.027  1.00 44.76  ? 3   THR P OG1 1 
ATOM   1495 C CG2 . THR C 2 3  ? -5.968  -8.084  -4.732  1.00 42.21  ? 3   THR P CG2 1 
ATOM   1496 N N   . ILE C 2 4  ? -3.298  -6.774  -1.404  1.00 33.29  ? 4   ILE P N   1 
ATOM   1497 C CA  . ILE C 2 4  ? -2.332  -6.024  -0.630  1.00 31.70  ? 4   ILE P CA  1 
ATOM   1498 C C   . ILE C 2 4  ? -1.270  -5.439  -1.578  1.00 30.73  ? 4   ILE P C   1 
ATOM   1499 O O   . ILE C 2 4  ? -0.364  -6.146  -2.038  1.00 30.22  ? 4   ILE P O   1 
ATOM   1500 C CB  . ILE C 2 4  ? -1.665  -6.964  0.354   1.00 29.48  ? 4   ILE P CB  1 
ATOM   1501 C CG1 . ILE C 2 4  ? -2.713  -7.918  0.935   1.00 29.50  ? 4   ILE P CG1 1 
ATOM   1502 C CG2 . ILE C 2 4  ? -0.924  -6.185  1.431   1.00 31.63  ? 4   ILE P CG2 1 
ATOM   1503 C CD1 . ILE C 2 4  ? -3.855  -7.215  1.657   1.00 26.06  ? 4   ILE P CD1 1 
ATOM   1504 N N   . MET C 2 5  ? -1.400  -4.150  -1.874  1.00 28.35  ? 5   MET P N   1 
ATOM   1505 C CA  . MET C 2 5  ? -0.498  -3.477  -2.805  1.00 29.08  ? 5   MET P CA  1 
ATOM   1506 C C   . MET C 2 5  ? 0.770   -2.872  -2.210  1.00 29.69  ? 5   MET P C   1 
ATOM   1507 O O   . MET C 2 5  ? 1.178   -1.771  -2.579  1.00 29.96  ? 5   MET P O   1 
ATOM   1508 C CB  . MET C 2 5  ? -1.270  -2.405  -3.585  1.00 28.95  ? 5   MET P CB  1 
ATOM   1509 C CG  . MET C 2 5  ? -2.418  -2.965  -4.405  1.00 30.96  ? 5   MET P CG  1 
ATOM   1510 S SD  . MET C 2 5  ? -1.917  -4.368  -5.434  1.00 33.67  ? 5   MET P SD  1 
ATOM   1511 C CE  . MET C 2 5  ? -0.711  -3.563  -6.487  1.00 32.96  ? 5   MET P CE  1 
ATOM   1512 N N   . MET C 2 6  ? 1.396   -3.583  -1.284  1.00 29.77  ? 6   MET P N   1 
ATOM   1513 C CA  . MET C 2 6  ? 2.642   -3.092  -0.724  1.00 31.55  ? 6   MET P CA  1 
ATOM   1514 C C   . MET C 2 6  ? 3.660   -3.169  -1.870  1.00 31.81  ? 6   MET P C   1 
ATOM   1515 O O   . MET C 2 6  ? 3.671   -4.125  -2.645  1.00 31.26  ? 6   MET P O   1 
ATOM   1516 C CB  . MET C 2 6  ? 3.074   -3.961  0.456   1.00 33.36  ? 6   MET P CB  1 
ATOM   1517 C CG  . MET C 2 6  ? 4.411   -3.580  1.071   1.00 35.20  ? 6   MET P CG  1 
ATOM   1518 S SD  . MET C 2 6  ? 5.769   -4.440  0.258   1.00 42.45  ? 6   MET P SD  1 
ATOM   1519 C CE  . MET C 2 6  ? 5.526   -6.071  0.898   1.00 39.25  ? 6   MET P CE  1 
ATOM   1520 N N   . GLN C 2 7  ? 4.497   -2.150  -1.997  1.00 31.30  ? 7   GLN P N   1 
ATOM   1521 C CA  . GLN C 2 7  ? 5.487   -2.134  -3.064  1.00 34.24  ? 7   GLN P CA  1 
ATOM   1522 C C   . GLN C 2 7  ? 6.799   -1.523  -2.589  1.00 36.15  ? 7   GLN P C   1 
ATOM   1523 O O   . GLN C 2 7  ? 6.827   -0.419  -2.048  1.00 34.87  ? 7   GLN P O   1 
ATOM   1524 C CB  . GLN C 2 7  ? 4.937   -1.369  -4.278  1.00 32.57  ? 7   GLN P CB  1 
ATOM   1525 C CG  . GLN C 2 7  ? 5.890   -1.241  -5.463  1.00 32.35  ? 7   GLN P CG  1 
ATOM   1526 C CD  . GLN C 2 7  ? 6.808   -0.028  -5.360  1.00 32.54  ? 7   GLN P CD  1 
ATOM   1527 O OE1 . GLN C 2 7  ? 6.376   1.058   -4.980  1.00 35.57  ? 7   GLN P OE1 1 
ATOM   1528 N NE2 . GLN C 2 7  ? 8.072   -0.203  -5.718  1.00 33.74  ? 7   GLN P NE2 1 
ATOM   1529 N N   1 ARG C 2 8  ? 7.880   -2.258  -2.795  0.50 37.71  ? 8   ARG P N   1 
ATOM   1530 N N   2 ARG C 2 8  ? 7.881   -2.255  -2.789  0.50 37.72  ? 8   ARG P N   1 
ATOM   1531 C CA  1 ARG C 2 8  ? 9.207   -1.814  -2.397  0.50 40.49  ? 8   ARG P CA  1 
ATOM   1532 C CA  2 ARG C 2 8  ? 9.201   -1.799  -2.389  0.50 40.48  ? 8   ARG P CA  1 
ATOM   1533 C C   1 ARG C 2 8  ? 10.056  -1.502  -3.624  0.50 41.27  ? 8   ARG P C   1 
ATOM   1534 C C   2 ARG C 2 8  ? 10.048  -1.496  -3.623  0.50 41.19  ? 8   ARG P C   1 
ATOM   1535 O O   1 ARG C 2 8  ? 10.122  -2.300  -4.559  0.50 39.96  ? 8   ARG P O   1 
ATOM   1536 O O   2 ARG C 2 8  ? 10.114  -2.299  -4.557  0.50 39.80  ? 8   ARG P O   1 
ATOM   1537 C CB  1 ARG C 2 8  ? 9.877   -2.890  -1.539  0.50 43.01  ? 8   ARG P CB  1 
ATOM   1538 C CB  2 ARG C 2 8  ? 9.875   -2.875  -1.541  0.50 43.10  ? 8   ARG P CB  1 
ATOM   1539 C CG  1 ARG C 2 8  ? 9.688   -2.688  -0.041  0.50 47.50  ? 8   ARG P CG  1 
ATOM   1540 C CG  2 ARG C 2 8  ? 9.980   -2.585  -0.062  0.50 47.82  ? 8   ARG P CG  1 
ATOM   1541 C CD  1 ARG C 2 8  ? 9.478   -3.997  0.699   0.50 51.38  ? 8   ARG P CD  1 
ATOM   1542 C CD  2 ARG C 2 8  ? 11.447  -2.414  0.246   0.50 51.79  ? 8   ARG P CD  1 
ATOM   1543 N NE  1 ARG C 2 8  ? 10.314  -5.081  0.190   0.50 55.65  ? 8   ARG P NE  1 
ATOM   1544 N NE  2 ARG C 2 8  ? 11.854  -3.006  1.510   0.50 55.36  ? 8   ARG P NE  1 
ATOM   1545 C CZ  1 ARG C 2 8  ? 10.528  -6.216  0.845   0.50 57.59  ? 8   ARG P CZ  1 
ATOM   1546 C CZ  2 ARG C 2 8  ? 13.115  -3.054  1.926   0.50 57.38  ? 8   ARG P CZ  1 
ATOM   1547 N NH1 1 ARG C 2 8  ? 9.969   -6.398  2.031   0.50 59.03  ? 8   ARG P NH1 1 
ATOM   1548 N NH1 2 ARG C 2 8  ? 14.083  -2.531  1.185   0.50 58.09  ? 8   ARG P NH1 1 
ATOM   1549 N NH2 1 ARG C 2 8  ? 11.288  -7.168  0.315   0.50 58.72  ? 8   ARG P NH2 1 
ATOM   1550 N NH2 2 ARG C 2 8  ? 13.417  -3.688  3.050   0.50 58.92  ? 8   ARG P NH2 1 
ATOM   1551 N N   . GLY C 2 9  ? 10.690  -0.340  -3.613  1.00 41.81  ? 9   GLY P N   1 
ATOM   1552 C CA  . GLY C 2 9  ? 11.530  0.066   -4.731  1.00 44.70  ? 9   GLY P CA  1 
ATOM   1553 C C   . GLY C 2 9  ? 12.699  -0.867  -4.983  1.00 47.01  ? 9   GLY P C   1 
ATOM   1554 O O   . GLY C 2 9  ? 13.285  -0.797  -6.089  1.00 47.59  ? 9   GLY P O   1 
HETATM 1555 C C   . ACT D 3 .  ? 12.049  4.896   3.350   1.00 63.85  ? 506 ACT A C   1 
HETATM 1556 O O   . ACT D 3 .  ? 12.041  4.257   4.639   1.00 62.03  ? 506 ACT A O   1 
HETATM 1557 O OXT . ACT D 3 .  ? 13.104  4.815   2.540   1.00 66.25  ? 506 ACT A OXT 1 
HETATM 1558 C CH3 . ACT D 3 .  ? 10.986  5.834   2.993   1.00 63.87  ? 506 ACT A CH3 1 
HETATM 1559 C C   . ACT E 3 .  ? -13.878 -0.940  -3.376  1.00 78.52  ? 501 ACT B C   1 
HETATM 1560 O O   . ACT E 3 .  ? -14.137 -2.276  -3.826  1.00 78.71  ? 501 ACT B O   1 
HETATM 1561 O OXT . ACT E 3 .  ? -13.506 -0.807  -2.103  1.00 78.22  ? 501 ACT B OXT 1 
HETATM 1562 C CH3 . ACT E 3 .  ? -13.667 0.189   -4.372  1.00 78.28  ? 501 ACT B CH3 1 
HETATM 1563 C C   . ACT F 3 .  ? 0.072   16.659  -20.492 1.00 78.72  ? 503 ACT B C   1 
HETATM 1564 O O   . ACT F 3 .  ? -0.010  15.636  -21.490 1.00 79.18  ? 503 ACT B O   1 
HETATM 1565 O OXT . ACT F 3 .  ? -0.835  17.632  -20.570 1.00 78.82  ? 503 ACT B OXT 1 
HETATM 1566 C CH3 . ACT F 3 .  ? 0.864   16.435  -19.216 1.00 78.76  ? 503 ACT B CH3 1 
HETATM 1567 C C   . ACT G 3 .  ? -1.523  22.350  -7.534  1.00 65.71  ? 504 ACT B C   1 
HETATM 1568 O O   . ACT G 3 .  ? -1.018  22.754  -8.812  1.00 65.69  ? 504 ACT B O   1 
HETATM 1569 O OXT . ACT G 3 .  ? -1.351  21.066  -7.230  1.00 66.59  ? 504 ACT B OXT 1 
HETATM 1570 C CH3 . ACT G 3 .  ? -1.804  23.370  -6.448  1.00 65.86  ? 504 ACT B CH3 1 
HETATM 1571 C C   . ACT H 3 .  ? 10.662  10.802  -8.197  1.00 44.59  ? 505 ACT B C   1 
HETATM 1572 O O   . ACT H 3 .  ? 11.853  10.216  -8.736  1.00 46.61  ? 505 ACT B O   1 
HETATM 1573 O OXT . ACT H 3 .  ? 10.798  11.954  -7.552  1.00 46.31  ? 505 ACT B OXT 1 
HETATM 1574 C CH3 . ACT H 3 .  ? 9.329   10.387  -8.689  1.00 42.87  ? 505 ACT B CH3 1 
HETATM 1575 O O   . HOH I 4 .  ? -6.881  -0.440  -0.413  1.00 16.95  ? 507 HOH A O   1 
HETATM 1576 O O   . HOH I 4 .  ? -7.005  -8.549  7.673   1.00 27.84  ? 508 HOH A O   1 
HETATM 1577 O O   . HOH I 4 .  ? -6.240  -2.531  -1.805  1.00 24.43  ? 509 HOH A O   1 
HETATM 1578 O O   . HOH I 4 .  ? 8.170   11.288  6.706   1.00 30.12  ? 510 HOH A O   1 
HETATM 1579 O O   . HOH I 4 .  ? 2.956   -18.802 0.219   1.00 31.89  ? 511 HOH A O   1 
HETATM 1580 O O   . HOH I 4 .  ? 0.636   -16.304 -7.796  1.00 31.03  ? 512 HOH A O   1 
HETATM 1581 O O   . HOH I 4 .  ? 6.495   8.343   7.135   1.00 29.40  ? 513 HOH A O   1 
HETATM 1582 O O   . HOH I 4 .  ? -4.807  -22.012 20.490  1.00 42.88  ? 514 HOH A O   1 
HETATM 1583 O O   . HOH I 4 .  ? 9.440   1.204   14.208  1.00 68.85  ? 515 HOH A O   1 
HETATM 1584 O O   . HOH I 4 .  ? 8.910   9.000   7.378   1.00 92.56  ? 516 HOH A O   1 
HETATM 1585 O O   . HOH I 4 .  ? -12.451 -10.361 12.832  1.00 36.79  ? 517 HOH A O   1 
HETATM 1586 O O   . HOH I 4 .  ? -13.324 -2.352  1.647   1.00 56.57  ? 518 HOH A O   1 
HETATM 1587 O O   . HOH I 4 .  ? -8.323  -17.060 -0.660  1.00 30.17  ? 519 HOH A O   1 
HETATM 1588 O O   . HOH I 4 .  ? 5.121   -7.957  27.754  1.00 50.74  ? 520 HOH A O   1 
HETATM 1589 O O   . HOH I 4 .  ? -10.848 -3.588  4.147   1.00 39.45  ? 521 HOH A O   1 
HETATM 1590 O O   . HOH I 4 .  ? 7.624   -9.705  11.941  1.00 50.09  ? 522 HOH A O   1 
HETATM 1591 O O   . HOH I 4 .  ? 0.096   -22.439 -1.800  1.00 53.77  ? 523 HOH A O   1 
HETATM 1592 O O   . HOH I 4 .  ? -9.020  5.640   17.857  1.00 36.38  ? 524 HOH A O   1 
HETATM 1593 O O   . HOH I 4 .  ? -10.878 6.080   7.711   1.00 32.36  ? 525 HOH A O   1 
HETATM 1594 O O   . HOH I 4 .  ? -8.446  11.802  10.174  1.00 45.55  ? 526 HOH A O   1 
HETATM 1595 O O   . HOH I 4 .  ? -1.983  17.077  4.239   1.00 38.26  ? 527 HOH A O   1 
HETATM 1596 O O   . HOH I 4 .  ? 2.128   -8.873  -11.304 1.00 36.44  ? 528 HOH A O   1 
HETATM 1597 O O   . HOH I 4 .  ? 3.166   -26.558 16.460  1.00 56.77  ? 529 HOH A O   1 
HETATM 1598 O O   . HOH I 4 .  ? -11.546 -6.700  10.390  1.00 32.78  ? 530 HOH A O   1 
HETATM 1599 O O   . HOH I 4 .  ? 1.654   -24.179 15.072  1.00 55.44  ? 531 HOH A O   1 
HETATM 1600 O O   . HOH I 4 .  ? -0.442  -3.498  24.150  1.00 49.93  ? 532 HOH A O   1 
HETATM 1601 O O   . HOH I 4 .  ? 8.141   -14.949 11.603  1.00 50.38  ? 533 HOH A O   1 
HETATM 1602 O O   . HOH I 4 .  ? 2.670   -15.427 -9.820  1.00 45.81  ? 534 HOH A O   1 
HETATM 1603 O O   . HOH I 4 .  ? 6.478   4.566   16.059  1.00 54.99  ? 535 HOH A O   1 
HETATM 1604 O O   . HOH I 4 .  ? 0.592   -25.487 13.065  1.00 55.09  ? 536 HOH A O   1 
HETATM 1605 O O   . HOH J 4 .  ? 6.915   0.683   0.908   1.00 16.40  ? 506 HOH B O   1 
HETATM 1606 O O   . HOH J 4 .  ? 7.855   5.786   -9.274  1.00 20.64  ? 507 HOH B O   1 
HETATM 1607 O O   . HOH J 4 .  ? 5.977   3.083   1.786   1.00 17.31  ? 508 HOH B O   1 
HETATM 1608 O O   . HOH J 4 .  ? 3.965   13.476  2.933   1.00 24.97  ? 509 HOH B O   1 
HETATM 1609 O O   . HOH J 4 .  ? -2.265  -5.087  -15.193 1.00 35.45  ? 510 HOH B O   1 
HETATM 1610 O O   . HOH J 4 .  ? 12.579  8.673   -18.953 1.00 45.82  ? 511 HOH B O   1 
HETATM 1611 O O   . HOH J 4 .  ? -7.581  2.850   -15.375 1.00 46.10  ? 512 HOH B O   1 
HETATM 1612 O O   . HOH J 4 .  ? 1.864   13.257  -18.693 1.00 34.42  ? 513 HOH B O   1 
HETATM 1613 O O   . HOH J 4 .  ? 6.492   -2.867  -18.766 1.00 42.98  ? 514 HOH B O   1 
HETATM 1614 O O   . HOH J 4 .  ? 18.482  5.096   -12.736 1.00 75.97  ? 515 HOH B O   1 
HETATM 1615 O O   . HOH J 4 .  ? -5.339  1.767   -16.473 1.00 31.81  ? 516 HOH B O   1 
HETATM 1616 O O   . HOH J 4 .  ? -11.418 5.749   0.255   1.00 27.82  ? 517 HOH B O   1 
HETATM 1617 O O   . HOH J 4 .  ? 11.710  11.461  -12.720 1.00 27.60  ? 518 HOH B O   1 
HETATM 1618 O O   . HOH J 4 .  ? 7.582   -9.427  -14.846 1.00 39.68  ? 519 HOH B O   1 
HETATM 1619 O O   . HOH J 4 .  ? -13.596 9.858   1.429   1.00 45.84  ? 520 HOH B O   1 
HETATM 1620 O O   . HOH J 4 .  ? -11.643 11.160  -8.066  1.00 55.93  ? 521 HOH B O   1 
HETATM 1621 O O   . HOH J 4 .  ? 1.585   19.883  -6.196  1.00 42.53  ? 522 HOH B O   1 
HETATM 1622 O O   . HOH J 4 .  ? 17.587  -2.164  -13.958 1.00 49.89  ? 523 HOH B O   1 
HETATM 1623 O O   . HOH J 4 .  ? -6.822  15.244  -11.904 1.00 39.66  ? 524 HOH B O   1 
HETATM 1624 O O   . HOH J 4 .  ? 16.363  -3.247  -11.492 1.00 40.22  ? 525 HOH B O   1 
HETATM 1625 O O   . HOH J 4 .  ? -0.943  15.282  -16.896 1.00 42.41  ? 526 HOH B O   1 
HETATM 1626 O O   . HOH J 4 .  ? -13.970 5.477   2.492   1.00 43.66  ? 527 HOH B O   1 
HETATM 1627 O O   . HOH J 4 .  ? 12.057  5.505   -1.467  1.00 46.03  ? 528 HOH B O   1 
HETATM 1628 O O   . HOH J 4 .  ? 9.676   7.233   -2.555  1.00 37.75  ? 529 HOH B O   1 
HETATM 1629 O O   . HOH J 4 .  ? 12.080  4.443   -4.714  1.00 34.57  ? 530 HOH B O   1 
HETATM 1630 O O   . HOH J 4 .  ? -0.383  -4.254  -17.522 1.00 29.52  ? 531 HOH B O   1 
HETATM 1631 O O   . HOH J 4 .  ? -10.971 -7.038  -6.165  1.00 73.57  ? 532 HOH B O   1 
HETATM 1632 O O   . HOH J 4 .  ? 12.174  3.251   -27.910 1.00 56.01  ? 533 HOH B O   1 
HETATM 1633 O O   . HOH J 4 .  ? 16.481  7.828   -19.081 1.00 55.78  ? 534 HOH B O   1 
HETATM 1634 O O   . HOH J 4 .  ? 7.114   -7.020  -17.217 1.00 51.44  ? 535 HOH B O   1 
HETATM 1635 O O   . HOH J 4 .  ? 15.469  6.611   -9.810  1.00 56.69  ? 536 HOH B O   1 
HETATM 1636 O O   . HOH J 4 .  ? 9.208   12.730  -5.901  1.00 29.14  ? 537 HOH B O   1 
HETATM 1637 O O   . HOH J 4 .  ? -2.088  14.961  -19.179 1.00 45.33  ? 538 HOH B O   1 
HETATM 1638 O O   . HOH J 4 .  ? 9.888   6.085   -7.703  1.00 37.53  ? 539 HOH B O   1 
HETATM 1639 O O   . HOH J 4 .  ? 8.820   9.466   -27.131 1.00 43.73  ? 540 HOH B O   1 
HETATM 1640 O O   . HOH J 4 .  ? -1.185  9.658   -21.694 1.00 112.36 ? 541 HOH B O   1 
HETATM 1641 O O   . HOH J 4 .  ? 0.272   -7.347  -18.257 1.00 48.14  ? 542 HOH B O   1 
HETATM 1642 O O   . HOH J 4 .  ? 6.700   -13.075 -0.997  1.00 45.67  ? 543 HOH B O   1 
HETATM 1643 O O   . HOH J 4 .  ? -2.322  1.525   -17.195 1.00 61.97  ? 544 HOH B O   1 
HETATM 1644 O O   . HOH J 4 .  ? -3.163  4.421   -22.131 1.00 61.17  ? 545 HOH B O   1 
HETATM 1645 O O   . HOH J 4 .  ? 7.804   -1.435  2.631   1.00 47.92  ? 546 HOH B O   1 
HETATM 1646 O O   . HOH K 4 .  ? 2.233   -6.243  -3.312  1.00 21.98  ? 11  HOH P O   1 
HETATM 1647 O O   . HOH K 4 .  ? 12.943  -4.829  -2.222  1.00 66.39  ? 12  HOH P O   1 
# 
loop_
_pdbx_poly_seq_scheme.asym_id 
_pdbx_poly_seq_scheme.entity_id 
_pdbx_poly_seq_scheme.seq_id 
_pdbx_poly_seq_scheme.mon_id 
_pdbx_poly_seq_scheme.ndb_seq_num 
_pdbx_poly_seq_scheme.pdb_seq_num 
_pdbx_poly_seq_scheme.auth_seq_num 
_pdbx_poly_seq_scheme.pdb_mon_id 
_pdbx_poly_seq_scheme.auth_mon_id 
_pdbx_poly_seq_scheme.pdb_strand_id 
_pdbx_poly_seq_scheme.pdb_ins_code 
_pdbx_poly_seq_scheme.hetero 
A 1 1  PRO 1  1  1  PRO PRO A . n 
A 1 2  GLN 2  2  2  GLN GLN A . n 
A 1 3  ILE 3  3  3  ILE ILE A . n 
A 1 4  THR 4  4  4  THR THR A . n 
A 1 5  LEU 5  5  5  LEU LEU A . n 
A 1 6  TRP 6  6  6  TRP TRP A . n 
A 1 7  LYS 7  7  7  LYS ALA A . n 
A 1 8  ARG 8  8  8  ARG ARG A . n 
A 1 9  PRO 9  9  9  PRO PRO A . n 
A 1 10 LEU 10 10 10 LEU LEU A . n 
A 1 11 VAL 11 11 11 VAL VAL A . n 
A 1 12 THR 12 12 12 THR THR A . n 
A 1 13 ILE 13 13 13 ILE ILE A . n 
A 1 14 ARG 14 14 14 ARG ALA A . n 
A 1 15 ILE 15 15 15 ILE ILE A . n 
A 1 16 GLY 16 16 16 GLY GLY A . n 
A 1 17 GLY 17 17 17 GLY GLY A . n 
A 1 18 GLN 18 18 18 GLN GLN A . n 
A 1 19 LEU 19 19 19 LEU ALA A . n 
A 1 20 LYS 20 20 20 LYS ALA A . n 
A 1 21 GLU 21 21 21 GLU ALA A . n 
A 1 22 ALA 22 22 22 ALA ALA A . n 
A 1 23 LEU 23 23 23 LEU LEU A . n 
A 1 24 LEU 24 24 24 LEU LEU A . n 
A 1 25 ASN 25 25 25 ASN ASN A . n 
A 1 26 THR 26 26 26 THR THR A . n 
A 1 27 GLY 27 27 27 GLY GLY A . n 
A 1 28 ALA 28 28 28 ALA ALA A . n 
A 1 29 ASP 29 29 29 ASP ASP A . n 
A 1 30 ASP 30 30 30 ASP ASP A . n 
A 1 31 THR 31 31 31 THR THR A . n 
A 1 32 VAL 32 32 32 VAL VAL A . n 
A 1 33 LEU 33 33 33 LEU LEU A . n 
A 1 34 GLU 34 34 34 GLU GLU A . n 
A 1 35 GLU 35 35 35 GLU ALA A . n 
A 1 36 MET 36 36 36 MET MET A . n 
A 1 37 ASN 37 37 37 ASN ASN A . n 
A 1 38 LEU 38 38 38 LEU LEU A . n 
A 1 39 PRO 39 39 39 PRO PRO A . n 
A 1 40 GLY 40 40 40 GLY GLY A . n 
A 1 41 LYS 41 41 41 LYS ALA A . n 
A 1 42 TRP 42 42 42 TRP TRP A . n 
A 1 43 LYS 43 43 43 LYS ALA A . n 
A 1 44 PRO 44 44 44 PRO PRO A . n 
A 1 45 LYS 45 45 45 LYS LYS A . n 
A 1 46 MET 46 46 46 MET MET A . n 
A 1 47 ILE 47 47 47 ILE ILE A . n 
A 1 48 GLY 48 48 48 GLY GLY A . n 
A 1 49 GLY 49 49 49 GLY GLY A . n 
A 1 50 ILE 50 50 50 ILE ILE A . n 
A 1 51 GLY 51 51 51 GLY GLY A . n 
A 1 52 GLY 52 52 52 GLY GLY A . n 
A 1 53 PHE 53 53 53 PHE PHE A . n 
A 1 54 ILE 54 54 54 ILE ILE A . n 
A 1 55 LYS 55 55 55 LYS LYS A . n 
A 1 56 VAL 56 56 56 VAL VAL A . n 
A 1 57 ARG 57 57 57 ARG ARG A . n 
A 1 58 GLN 58 58 58 GLN GLN A . n 
A 1 59 TYR 59 59 59 TYR TYR A . n 
A 1 60 ASP 60 60 60 ASP ASP A . n 
A 1 61 GLN 61 61 61 GLN GLN A . n 
A 1 62 ILE 62 62 62 ILE ILE A . n 
A 1 63 PRO 63 63 63 PRO PRO A . n 
A 1 64 VAL 64 64 64 VAL VAL A . n 
A 1 65 GLU 65 65 65 GLU GLU A . n 
A 1 66 ILE 66 66 66 ILE ILE A . n 
A 1 67 CYS 67 67 67 CYS CYS A . n 
A 1 68 GLY 68 68 68 GLY GLY A . n 
A 1 69 HIS 69 69 69 HIS HIS A . n 
A 1 70 LYS 70 70 70 LYS LYS A . n 
A 1 71 ALA 71 71 71 ALA ALA A . n 
A 1 72 ILE 72 72 72 ILE ILE A . n 
A 1 73 GLY 73 73 73 GLY GLY A . n 
A 1 74 THR 74 74 74 THR THR A . n 
A 1 75 VAL 75 75 75 VAL VAL A . n 
A 1 76 LEU 76 76 76 LEU LEU A . n 
A 1 77 VAL 77 77 77 VAL VAL A . n 
A 1 78 GLY 78 78 78 GLY GLY A . n 
A 1 79 PRO 79 79 79 PRO PRO A . n 
A 1 80 THR 80 80 80 THR THR A . n 
A 1 81 PRO 81 81 81 PRO PRO A . n 
A 1 82 VAL 82 82 82 VAL VAL A . n 
A 1 83 ASN 83 83 83 ASN ASN A . n 
A 1 84 ILE 84 84 84 ILE ILE A . n 
A 1 85 ILE 85 85 85 ILE ILE A . n 
A 1 86 GLY 86 86 86 GLY GLY A . n 
A 1 87 ARG 87 87 87 ARG ARG A . n 
A 1 88 ASN 88 88 88 ASN ASN A . n 
A 1 89 LEU 89 89 89 LEU LEU A . n 
A 1 90 LEU 90 90 90 LEU LEU A . n 
A 1 91 THR 91 91 91 THR THR A . n 
A 1 92 GLN 92 92 92 GLN GLN A . n 
A 1 93 ILE 93 93 93 ILE ILE A . n 
A 1 94 GLY 94 94 94 GLY GLY A . n 
A 1 95 CYS 95 95 95 CYS CYS A . n 
A 1 96 THR 96 96 96 THR THR A . n 
A 1 97 LEU 97 97 97 LEU LEU A . n 
A 1 98 ASN 98 98 98 ASN ASN A . n 
A 1 99 PHE 99 99 99 PHE PHE A . n 
B 1 1  PRO 1  1  1  PRO PRO B . n 
B 1 2  GLN 2  2  2  GLN GLN B . n 
B 1 3  ILE 3  3  3  ILE ILE B . n 
B 1 4  THR 4  4  4  THR THR B . n 
B 1 5  LEU 5  5  5  LEU LEU B . n 
B 1 6  TRP 6  6  6  TRP TRP B . n 
B 1 7  LYS 7  7  7  LYS ALA B . n 
B 1 8  ARG 8  8  8  ARG ARG B . n 
B 1 9  PRO 9  9  9  PRO PRO B . n 
B 1 10 LEU 10 10 10 LEU LEU B . n 
B 1 11 VAL 11 11 11 VAL VAL B . n 
B 1 12 THR 12 12 12 THR THR B . n 
B 1 13 ILE 13 13 13 ILE ILE B . n 
B 1 14 ARG 14 14 14 ARG ARG B . n 
B 1 15 ILE 15 15 15 ILE ILE B . n 
B 1 16 GLY 16 16 16 GLY GLY B . n 
B 1 17 GLY 17 17 17 GLY GLY B . n 
B 1 18 GLN 18 18 18 GLN GLN B . n 
B 1 19 LEU 19 19 19 LEU LEU B . n 
B 1 20 LYS 20 20 20 LYS LYS B . n 
B 1 21 GLU 21 21 21 GLU GLU B . n 
B 1 22 ALA 22 22 22 ALA ALA B . n 
B 1 23 LEU 23 23 23 LEU LEU B . n 
B 1 24 LEU 24 24 24 LEU LEU B . n 
B 1 25 ASN 25 25 25 ASN ASN B . n 
B 1 26 THR 26 26 26 THR THR B . n 
B 1 27 GLY 27 27 27 GLY GLY B . n 
B 1 28 ALA 28 28 28 ALA ALA B . n 
B 1 29 ASP 29 29 29 ASP ASP B . n 
B 1 30 ASP 30 30 30 ASP ASP B . n 
B 1 31 THR 31 31 31 THR THR B . n 
B 1 32 VAL 32 32 32 VAL VAL B . n 
B 1 33 LEU 33 33 33 LEU LEU B . n 
B 1 34 GLU 34 34 34 GLU GLU B . n 
B 1 35 GLU 35 35 35 GLU GLU B . n 
B 1 36 MET 36 36 36 MET MET B . n 
B 1 37 ASN 37 37 37 ASN ASN B . n 
B 1 38 LEU 38 38 38 LEU LEU B . n 
B 1 39 PRO 39 39 39 PRO PRO B . n 
B 1 40 GLY 40 40 40 GLY GLY B . n 
B 1 41 LYS 41 41 41 LYS ALA B . n 
B 1 42 TRP 42 42 42 TRP TRP B . n 
B 1 43 LYS 43 43 43 LYS ALA B . n 
B 1 44 PRO 44 44 44 PRO PRO B . n 
B 1 45 LYS 45 45 45 LYS ALA B . n 
B 1 46 MET 46 46 46 MET MET B . n 
B 1 47 ILE 47 47 47 ILE ILE B . n 
B 1 48 GLY 48 48 48 GLY GLY B . n 
B 1 49 GLY 49 49 49 GLY GLY B . n 
B 1 50 ILE 50 50 50 ILE ILE B . n 
B 1 51 GLY 51 51 51 GLY GLY B . n 
B 1 52 GLY 52 52 52 GLY GLY B . n 
B 1 53 PHE 53 53 53 PHE PHE B . n 
B 1 54 ILE 54 54 54 ILE ILE B . n 
B 1 55 LYS 55 55 55 LYS ALA B . n 
B 1 56 VAL 56 56 56 VAL VAL B . n 
B 1 57 ARG 57 57 57 ARG ARG B . n 
B 1 58 GLN 58 58 58 GLN GLN B . n 
B 1 59 TYR 59 59 59 TYR TYR B . n 
B 1 60 ASP 60 60 60 ASP ASP B . n 
B 1 61 GLN 61 61 61 GLN GLN B . n 
B 1 62 ILE 62 62 62 ILE ILE B . n 
B 1 63 PRO 63 63 63 PRO PRO B . n 
B 1 64 VAL 64 64 64 VAL VAL B . n 
B 1 65 GLU 65 65 65 GLU GLU B . n 
B 1 66 ILE 66 66 66 ILE ILE B . n 
B 1 67 CYS 67 67 67 CYS CYS B . n 
B 1 68 GLY 68 68 68 GLY GLY B . n 
B 1 69 HIS 69 69 69 HIS HIS B . n 
B 1 70 LYS 70 70 70 LYS ALA B . n 
B 1 71 ALA 71 71 71 ALA ALA B . n 
B 1 72 ILE 72 72 72 ILE ILE B . n 
B 1 73 GLY 73 73 73 GLY GLY B . n 
B 1 74 THR 74 74 74 THR THR B . n 
B 1 75 VAL 75 75 75 VAL VAL B . n 
B 1 76 LEU 76 76 76 LEU LEU B . n 
B 1 77 VAL 77 77 77 VAL VAL B . n 
B 1 78 GLY 78 78 78 GLY GLY B . n 
B 1 79 PRO 79 79 79 PRO PRO B . n 
B 1 80 THR 80 80 80 THR THR B . n 
B 1 81 PRO 81 81 81 PRO PRO B . n 
B 1 82 VAL 82 82 82 VAL VAL B . n 
B 1 83 ASN 83 83 83 ASN ASN B . n 
B 1 84 ILE 84 84 84 ILE ILE B . n 
B 1 85 ILE 85 85 85 ILE ILE B . n 
B 1 86 GLY 86 86 86 GLY GLY B . n 
B 1 87 ARG 87 87 87 ARG ARG B . n 
B 1 88 ASN 88 88 88 ASN ASN B . n 
B 1 89 LEU 89 89 89 LEU LEU B . n 
B 1 90 LEU 90 90 90 LEU LEU B . n 
B 1 91 THR 91 91 91 THR THR B . n 
B 1 92 GLN 92 92 92 GLN GLN B . n 
B 1 93 ILE 93 93 93 ILE ILE B . n 
B 1 94 GLY 94 94 94 GLY GLY B . n 
B 1 95 CYS 95 95 95 CYS CYS B . n 
B 1 96 THR 96 96 96 THR THR B . n 
B 1 97 LEU 97 97 97 LEU LEU B . n 
B 1 98 ASN 98 98 98 ASN ASN B . n 
B 1 99 PHE 99 99 99 PHE PHE B . n 
C 2 1  PRO 1  1  ?  ?   ?   P . n 
C 2 2  ALA 2  2  2  ALA ALA P . n 
C 2 3  THR 3  3  3  THR THR P . n 
C 2 4  ILE 4  4  4  ILE ILE P . n 
C 2 5  MET 5  5  5  MET MET P . n 
C 2 6  MET 6  6  6  MET MET P . n 
C 2 7  GLN 7  7  7  GLN GLN P . n 
C 2 8  ARG 8  8  8  ARG ARG P . n 
C 2 9  GLY 9  9  9  GLY GLY P . n 
C 2 10 ASN 10 10 ?  ?   ?   P . n 
# 
loop_
_pdbx_nonpoly_scheme.asym_id 
_pdbx_nonpoly_scheme.entity_id 
_pdbx_nonpoly_scheme.mon_id 
_pdbx_nonpoly_scheme.ndb_seq_num 
_pdbx_nonpoly_scheme.pdb_seq_num 
_pdbx_nonpoly_scheme.auth_seq_num 
_pdbx_nonpoly_scheme.pdb_mon_id 
_pdbx_nonpoly_scheme.auth_mon_id 
_pdbx_nonpoly_scheme.pdb_strand_id 
_pdbx_nonpoly_scheme.pdb_ins_code 
D 3 ACT 1  506 506 ACT ACT A . 
E 3 ACT 1  501 501 ACT ACT B . 
F 3 ACT 1  503 503 ACT ACT B . 
G 3 ACT 1  504 504 ACT ACT B . 
H 3 ACT 1  505 505 ACT ACT B . 
I 4 HOH 1  507 4   HOH WAT A . 
I 4 HOH 2  508 10  HOH WAT A . 
I 4 HOH 3  509 11  HOH WAT A . 
I 4 HOH 4  510 14  HOH WAT A . 
I 4 HOH 5  511 15  HOH WAT A . 
I 4 HOH 6  512 17  HOH WAT A . 
I 4 HOH 7  513 18  HOH WAT A . 
I 4 HOH 8  514 20  HOH WAT A . 
I 4 HOH 9  515 30  HOH WAT A . 
I 4 HOH 10 516 36  HOH WAT A . 
I 4 HOH 11 517 60  HOH WAT A . 
I 4 HOH 12 518 70  HOH WAT A . 
I 4 HOH 13 519 75  HOH WAT A . 
I 4 HOH 14 520 85  HOH WAT A . 
I 4 HOH 15 521 86  HOH WAT A . 
I 4 HOH 16 522 87  HOH WAT A . 
I 4 HOH 17 523 88  HOH WAT A . 
I 4 HOH 18 524 89  HOH WAT A . 
I 4 HOH 19 525 90  HOH WAT A . 
I 4 HOH 20 526 91  HOH WAT A . 
I 4 HOH 21 527 92  HOH WAT A . 
I 4 HOH 22 528 97  HOH WAT A . 
I 4 HOH 23 529 101 HOH WAT A . 
I 4 HOH 24 530 102 HOH WAT A . 
I 4 HOH 25 531 103 HOH WAT A . 
I 4 HOH 26 532 111 HOH WAT A . 
I 4 HOH 27 533 112 HOH WAT A . 
I 4 HOH 28 534 114 HOH WAT A . 
I 4 HOH 29 535 117 HOH WAT A . 
I 4 HOH 30 536 118 HOH WAT A . 
J 4 HOH 1  506 1   HOH WAT B . 
J 4 HOH 2  507 2   HOH WAT B . 
J 4 HOH 3  508 5   HOH WAT B . 
J 4 HOH 4  509 8   HOH WAT B . 
J 4 HOH 5  510 13  HOH WAT B . 
J 4 HOH 6  511 16  HOH WAT B . 
J 4 HOH 7  512 19  HOH WAT B . 
J 4 HOH 8  513 21  HOH WAT B . 
J 4 HOH 9  514 31  HOH WAT B . 
J 4 HOH 10 515 34  HOH WAT B . 
J 4 HOH 11 516 39  HOH WAT B . 
J 4 HOH 12 517 45  HOH WAT B . 
J 4 HOH 13 518 50  HOH WAT B . 
J 4 HOH 14 519 53  HOH WAT B . 
J 4 HOH 15 520 54  HOH WAT B . 
J 4 HOH 16 521 55  HOH WAT B . 
J 4 HOH 17 522 56  HOH WAT B . 
J 4 HOH 18 523 61  HOH WAT B . 
J 4 HOH 19 524 64  HOH WAT B . 
J 4 HOH 20 525 65  HOH WAT B . 
J 4 HOH 21 526 80  HOH WAT B . 
J 4 HOH 22 527 81  HOH WAT B . 
J 4 HOH 23 528 82  HOH WAT B . 
J 4 HOH 24 529 83  HOH WAT B . 
J 4 HOH 25 530 84  HOH WAT B . 
J 4 HOH 26 531 93  HOH WAT B . 
J 4 HOH 27 532 94  HOH WAT B . 
J 4 HOH 28 533 95  HOH WAT B . 
J 4 HOH 29 534 96  HOH WAT B . 
J 4 HOH 30 535 98  HOH WAT B . 
J 4 HOH 31 536 99  HOH WAT B . 
J 4 HOH 32 537 100 HOH WAT B . 
J 4 HOH 33 538 104 HOH WAT B . 
J 4 HOH 34 539 105 HOH WAT B . 
J 4 HOH 35 540 106 HOH WAT B . 
J 4 HOH 36 541 109 HOH WAT B . 
J 4 HOH 37 542 110 HOH WAT B . 
J 4 HOH 38 543 113 HOH WAT B . 
J 4 HOH 39 544 115 HOH WAT B . 
J 4 HOH 40 545 116 HOH WAT B . 
J 4 HOH 41 546 119 HOH WAT B . 
K 4 HOH 1  11  3   HOH WAT P . 
K 4 HOH 2  12  108 HOH WAT P . 
# 
_pdbx_struct_assembly.id                   1 
_pdbx_struct_assembly.details              author_and_software_defined_assembly 
_pdbx_struct_assembly.method_details       PISA 
_pdbx_struct_assembly.oligomeric_details   trimeric 
_pdbx_struct_assembly.oligomeric_count     3 
# 
_pdbx_struct_assembly_gen.assembly_id       1 
_pdbx_struct_assembly_gen.oper_expression   1 
_pdbx_struct_assembly_gen.asym_id_list      A,B,C,D,E,F,G,H,I,J,K 
# 
loop_
_pdbx_struct_assembly_prop.biol_id 
_pdbx_struct_assembly_prop.type 
_pdbx_struct_assembly_prop.value 
_pdbx_struct_assembly_prop.details 
1 'ABSA (A^2)' 6240 ? 
1 MORE         -37  ? 
1 'SSA (A^2)'  9050 ? 
# 
_pdbx_struct_oper_list.id                   1 
_pdbx_struct_oper_list.type                 'identity operation' 
_pdbx_struct_oper_list.name                 1_555 
_pdbx_struct_oper_list.symmetry_operation   x,y,z 
_pdbx_struct_oper_list.matrix[1][1]         1.0000000000 
_pdbx_struct_oper_list.matrix[1][2]         0.0000000000 
_pdbx_struct_oper_list.matrix[1][3]         0.0000000000 
_pdbx_struct_oper_list.vector[1]            0.0000000000 
_pdbx_struct_oper_list.matrix[2][1]         0.0000000000 
_pdbx_struct_oper_list.matrix[2][2]         1.0000000000 
_pdbx_struct_oper_list.matrix[2][3]         0.0000000000 
_pdbx_struct_oper_list.vector[2]            0.0000000000 
_pdbx_struct_oper_list.matrix[3][1]         0.0000000000 
_pdbx_struct_oper_list.matrix[3][2]         0.0000000000 
_pdbx_struct_oper_list.matrix[3][3]         1.0000000000 
_pdbx_struct_oper_list.vector[3]            0.0000000000 
# 
loop_
_pdbx_audit_revision_history.ordinal 
_pdbx_audit_revision_history.data_content_type 
_pdbx_audit_revision_history.major_revision 
_pdbx_audit_revision_history.minor_revision 
_pdbx_audit_revision_history.revision_date 
1 'Structure model' 1 0 2002-03-06 
2 'Structure model' 1 1 2008-04-27 
3 'Structure model' 1 2 2011-07-13 
4 'Structure model' 1 3 2021-10-27 
5 'Structure model' 1 4 2023-08-16 
# 
_pdbx_audit_revision_details.ordinal             1 
_pdbx_audit_revision_details.revision_ordinal    1 
_pdbx_audit_revision_details.data_content_type   'Structure model' 
_pdbx_audit_revision_details.provider            repository 
_pdbx_audit_revision_details.type                'Initial release' 
_pdbx_audit_revision_details.description         ? 
_pdbx_audit_revision_details.details             ? 
# 
loop_
_pdbx_audit_revision_group.ordinal 
_pdbx_audit_revision_group.revision_ordinal 
_pdbx_audit_revision_group.data_content_type 
_pdbx_audit_revision_group.group 
1 2 'Structure model' 'Version format compliance' 
2 3 'Structure model' 'Version format compliance' 
3 4 'Structure model' 'Database references'       
4 4 'Structure model' 'Derived calculations'      
5 5 'Structure model' 'Data collection'           
6 5 'Structure model' 'Refinement description'    
# 
loop_
_pdbx_audit_revision_category.ordinal 
_pdbx_audit_revision_category.revision_ordinal 
_pdbx_audit_revision_category.data_content_type 
_pdbx_audit_revision_category.category 
1 4 'Structure model' database_2                    
2 4 'Structure model' struct_ref_seq_dif            
3 4 'Structure model' struct_site                   
4 5 'Structure model' chem_comp_atom                
5 5 'Structure model' chem_comp_bond                
6 5 'Structure model' pdbx_initial_refinement_model 
# 
loop_
_pdbx_audit_revision_item.ordinal 
_pdbx_audit_revision_item.revision_ordinal 
_pdbx_audit_revision_item.data_content_type 
_pdbx_audit_revision_item.item 
1 4 'Structure model' '_database_2.pdbx_DOI'                
2 4 'Structure model' '_database_2.pdbx_database_accession' 
3 4 'Structure model' '_struct_ref_seq_dif.details'         
4 4 'Structure model' '_struct_site.pdbx_auth_asym_id'      
5 4 'Structure model' '_struct_site.pdbx_auth_comp_id'      
6 4 'Structure model' '_struct_site.pdbx_auth_seq_id'       
# 
loop_
_software.name 
_software.classification 
_software.version 
_software.citation_id 
_software.pdbx_ordinal 
CNS       refinement       . ? 1 
DENZO     'data reduction' . ? 2 
SCALEPACK 'data scaling'   . ? 3 
CNS       phasing          . ? 4 
# 
loop_
_pdbx_validate_torsion.id 
_pdbx_validate_torsion.PDB_model_num 
_pdbx_validate_torsion.auth_comp_id 
_pdbx_validate_torsion.auth_asym_id 
_pdbx_validate_torsion.auth_seq_id 
_pdbx_validate_torsion.PDB_ins_code 
_pdbx_validate_torsion.label_alt_id 
_pdbx_validate_torsion.phi 
_pdbx_validate_torsion.psi 
1 1 MET A 36 ? ? -170.81 148.71 
2 1 MET P 5  ? ? -88.51  40.85  
# 
loop_
_pdbx_unobs_or_zero_occ_atoms.id 
_pdbx_unobs_or_zero_occ_atoms.PDB_model_num 
_pdbx_unobs_or_zero_occ_atoms.polymer_flag 
_pdbx_unobs_or_zero_occ_atoms.occupancy_flag 
_pdbx_unobs_or_zero_occ_atoms.auth_asym_id 
_pdbx_unobs_or_zero_occ_atoms.auth_comp_id 
_pdbx_unobs_or_zero_occ_atoms.auth_seq_id 
_pdbx_unobs_or_zero_occ_atoms.PDB_ins_code 
_pdbx_unobs_or_zero_occ_atoms.auth_atom_id 
_pdbx_unobs_or_zero_occ_atoms.label_alt_id 
_pdbx_unobs_or_zero_occ_atoms.label_asym_id 
_pdbx_unobs_or_zero_occ_atoms.label_comp_id 
_pdbx_unobs_or_zero_occ_atoms.label_seq_id 
_pdbx_unobs_or_zero_occ_atoms.label_atom_id 
1  1 Y 1 A LYS 7  ? CG  ? A LYS 7  CG  
2  1 Y 1 A LYS 7  ? CD  ? A LYS 7  CD  
3  1 Y 1 A LYS 7  ? CE  ? A LYS 7  CE  
4  1 Y 1 A LYS 7  ? NZ  ? A LYS 7  NZ  
5  1 Y 1 A ARG 14 ? CG  ? A ARG 14 CG  
6  1 Y 1 A ARG 14 ? CD  ? A ARG 14 CD  
7  1 Y 1 A ARG 14 ? NE  ? A ARG 14 NE  
8  1 Y 1 A ARG 14 ? CZ  ? A ARG 14 CZ  
9  1 Y 1 A ARG 14 ? NH1 ? A ARG 14 NH1 
10 1 Y 1 A ARG 14 ? NH2 ? A ARG 14 NH2 
11 1 Y 1 A LEU 19 ? CG  ? A LEU 19 CG  
12 1 Y 1 A LEU 19 ? CD1 ? A LEU 19 CD1 
13 1 Y 1 A LEU 19 ? CD2 ? A LEU 19 CD2 
14 1 Y 1 A LYS 20 ? CG  ? A LYS 20 CG  
15 1 Y 1 A LYS 20 ? CD  ? A LYS 20 CD  
16 1 Y 1 A LYS 20 ? CE  ? A LYS 20 CE  
17 1 Y 1 A LYS 20 ? NZ  ? A LYS 20 NZ  
18 1 Y 1 A GLU 21 ? CG  ? A GLU 21 CG  
19 1 Y 1 A GLU 21 ? CD  ? A GLU 21 CD  
20 1 Y 1 A GLU 21 ? OE1 ? A GLU 21 OE1 
21 1 Y 1 A GLU 21 ? OE2 ? A GLU 21 OE2 
22 1 Y 1 A GLU 35 ? CG  ? A GLU 35 CG  
23 1 Y 1 A GLU 35 ? CD  ? A GLU 35 CD  
24 1 Y 1 A GLU 35 ? OE1 ? A GLU 35 OE1 
25 1 Y 1 A GLU 35 ? OE2 ? A GLU 35 OE2 
26 1 Y 1 A LYS 41 ? CG  ? A LYS 41 CG  
27 1 Y 1 A LYS 41 ? CD  ? A LYS 41 CD  
28 1 Y 1 A LYS 41 ? CE  ? A LYS 41 CE  
29 1 Y 1 A LYS 41 ? NZ  ? A LYS 41 NZ  
30 1 Y 1 A LYS 43 ? CG  ? A LYS 43 CG  
31 1 Y 1 A LYS 43 ? CD  ? A LYS 43 CD  
32 1 Y 1 A LYS 43 ? CE  ? A LYS 43 CE  
33 1 Y 1 A LYS 43 ? NZ  ? A LYS 43 NZ  
34 1 Y 1 B LYS 7  ? CG  ? B LYS 7  CG  
35 1 Y 1 B LYS 7  ? CD  ? B LYS 7  CD  
36 1 Y 1 B LYS 7  ? CE  ? B LYS 7  CE  
37 1 Y 1 B LYS 7  ? NZ  ? B LYS 7  NZ  
38 1 Y 1 B LYS 41 ? CG  ? B LYS 41 CG  
39 1 Y 1 B LYS 41 ? CD  ? B LYS 41 CD  
40 1 Y 1 B LYS 41 ? CE  ? B LYS 41 CE  
41 1 Y 1 B LYS 41 ? NZ  ? B LYS 41 NZ  
42 1 Y 1 B LYS 43 ? CG  ? B LYS 43 CG  
43 1 Y 1 B LYS 43 ? CD  ? B LYS 43 CD  
44 1 Y 1 B LYS 43 ? CE  ? B LYS 43 CE  
45 1 Y 1 B LYS 43 ? NZ  ? B LYS 43 NZ  
46 1 Y 1 B LYS 45 ? CG  ? B LYS 45 CG  
47 1 Y 1 B LYS 45 ? CD  ? B LYS 45 CD  
48 1 Y 1 B LYS 45 ? CE  ? B LYS 45 CE  
49 1 Y 1 B LYS 45 ? NZ  ? B LYS 45 NZ  
50 1 Y 1 B LYS 55 ? CG  ? B LYS 55 CG  
51 1 Y 1 B LYS 55 ? CD  ? B LYS 55 CD  
52 1 Y 1 B LYS 55 ? CE  ? B LYS 55 CE  
53 1 Y 1 B LYS 55 ? NZ  ? B LYS 55 NZ  
54 1 Y 1 B LYS 70 ? CG  ? B LYS 70 CG  
55 1 Y 1 B LYS 70 ? CD  ? B LYS 70 CD  
56 1 Y 1 B LYS 70 ? CE  ? B LYS 70 CE  
57 1 Y 1 B LYS 70 ? NZ  ? B LYS 70 NZ  
# 
loop_
_pdbx_unobs_or_zero_occ_residues.id 
_pdbx_unobs_or_zero_occ_residues.PDB_model_num 
_pdbx_unobs_or_zero_occ_residues.polymer_flag 
_pdbx_unobs_or_zero_occ_residues.occupancy_flag 
_pdbx_unobs_or_zero_occ_residues.auth_asym_id 
_pdbx_unobs_or_zero_occ_residues.auth_comp_id 
_pdbx_unobs_or_zero_occ_residues.auth_seq_id 
_pdbx_unobs_or_zero_occ_residues.PDB_ins_code 
_pdbx_unobs_or_zero_occ_residues.label_asym_id 
_pdbx_unobs_or_zero_occ_residues.label_comp_id 
_pdbx_unobs_or_zero_occ_residues.label_seq_id 
1 1 Y 1 P PRO 1  ? C PRO 1  
2 1 Y 1 P ASN 10 ? C ASN 10 
# 
loop_
_chem_comp_atom.comp_id 
_chem_comp_atom.atom_id 
_chem_comp_atom.type_symbol 
_chem_comp_atom.pdbx_aromatic_flag 
_chem_comp_atom.pdbx_stereo_config 
_chem_comp_atom.pdbx_ordinal 
ACT C    C N N 1   
ACT O    O N N 2   
ACT OXT  O N N 3   
ACT CH3  C N N 4   
ACT H1   H N N 5   
ACT H2   H N N 6   
ACT H3   H N N 7   
ALA N    N N N 8   
ALA CA   C N S 9   
ALA C    C N N 10  
ALA O    O N N 11  
ALA CB   C N N 12  
ALA OXT  O N N 13  
ALA H    H N N 14  
ALA H2   H N N 15  
ALA HA   H N N 16  
ALA HB1  H N N 17  
ALA HB2  H N N 18  
ALA HB3  H N N 19  
ALA HXT  H N N 20  
ARG N    N N N 21  
ARG CA   C N S 22  
ARG C    C N N 23  
ARG O    O N N 24  
ARG CB   C N N 25  
ARG CG   C N N 26  
ARG CD   C N N 27  
ARG NE   N N N 28  
ARG CZ   C N N 29  
ARG NH1  N N N 30  
ARG NH2  N N N 31  
ARG OXT  O N N 32  
ARG H    H N N 33  
ARG H2   H N N 34  
ARG HA   H N N 35  
ARG HB2  H N N 36  
ARG HB3  H N N 37  
ARG HG2  H N N 38  
ARG HG3  H N N 39  
ARG HD2  H N N 40  
ARG HD3  H N N 41  
ARG HE   H N N 42  
ARG HH11 H N N 43  
ARG HH12 H N N 44  
ARG HH21 H N N 45  
ARG HH22 H N N 46  
ARG HXT  H N N 47  
ASN N    N N N 48  
ASN CA   C N S 49  
ASN C    C N N 50  
ASN O    O N N 51  
ASN CB   C N N 52  
ASN CG   C N N 53  
ASN OD1  O N N 54  
ASN ND2  N N N 55  
ASN OXT  O N N 56  
ASN H    H N N 57  
ASN H2   H N N 58  
ASN HA   H N N 59  
ASN HB2  H N N 60  
ASN HB3  H N N 61  
ASN HD21 H N N 62  
ASN HD22 H N N 63  
ASN HXT  H N N 64  
ASP N    N N N 65  
ASP CA   C N S 66  
ASP C    C N N 67  
ASP O    O N N 68  
ASP CB   C N N 69  
ASP CG   C N N 70  
ASP OD1  O N N 71  
ASP OD2  O N N 72  
ASP OXT  O N N 73  
ASP H    H N N 74  
ASP H2   H N N 75  
ASP HA   H N N 76  
ASP HB2  H N N 77  
ASP HB3  H N N 78  
ASP HD2  H N N 79  
ASP HXT  H N N 80  
CYS N    N N N 81  
CYS CA   C N R 82  
CYS C    C N N 83  
CYS O    O N N 84  
CYS CB   C N N 85  
CYS SG   S N N 86  
CYS OXT  O N N 87  
CYS H    H N N 88  
CYS H2   H N N 89  
CYS HA   H N N 90  
CYS HB2  H N N 91  
CYS HB3  H N N 92  
CYS HG   H N N 93  
CYS HXT  H N N 94  
GLN N    N N N 95  
GLN CA   C N S 96  
GLN C    C N N 97  
GLN O    O N N 98  
GLN CB   C N N 99  
GLN CG   C N N 100 
GLN CD   C N N 101 
GLN OE1  O N N 102 
GLN NE2  N N N 103 
GLN OXT  O N N 104 
GLN H    H N N 105 
GLN H2   H N N 106 
GLN HA   H N N 107 
GLN HB2  H N N 108 
GLN HB3  H N N 109 
GLN HG2  H N N 110 
GLN HG3  H N N 111 
GLN HE21 H N N 112 
GLN HE22 H N N 113 
GLN HXT  H N N 114 
GLU N    N N N 115 
GLU CA   C N S 116 
GLU C    C N N 117 
GLU O    O N N 118 
GLU CB   C N N 119 
GLU CG   C N N 120 
GLU CD   C N N 121 
GLU OE1  O N N 122 
GLU OE2  O N N 123 
GLU OXT  O N N 124 
GLU H    H N N 125 
GLU H2   H N N 126 
GLU HA   H N N 127 
GLU HB2  H N N 128 
GLU HB3  H N N 129 
GLU HG2  H N N 130 
GLU HG3  H N N 131 
GLU HE2  H N N 132 
GLU HXT  H N N 133 
GLY N    N N N 134 
GLY CA   C N N 135 
GLY C    C N N 136 
GLY O    O N N 137 
GLY OXT  O N N 138 
GLY H    H N N 139 
GLY H2   H N N 140 
GLY HA2  H N N 141 
GLY HA3  H N N 142 
GLY HXT  H N N 143 
HIS N    N N N 144 
HIS CA   C N S 145 
HIS C    C N N 146 
HIS O    O N N 147 
HIS CB   C N N 148 
HIS CG   C Y N 149 
HIS ND1  N Y N 150 
HIS CD2  C Y N 151 
HIS CE1  C Y N 152 
HIS NE2  N Y N 153 
HIS OXT  O N N 154 
HIS H    H N N 155 
HIS H2   H N N 156 
HIS HA   H N N 157 
HIS HB2  H N N 158 
HIS HB3  H N N 159 
HIS HD1  H N N 160 
HIS HD2  H N N 161 
HIS HE1  H N N 162 
HIS HE2  H N N 163 
HIS HXT  H N N 164 
HOH O    O N N 165 
HOH H1   H N N 166 
HOH H2   H N N 167 
ILE N    N N N 168 
ILE CA   C N S 169 
ILE C    C N N 170 
ILE O    O N N 171 
ILE CB   C N S 172 
ILE CG1  C N N 173 
ILE CG2  C N N 174 
ILE CD1  C N N 175 
ILE OXT  O N N 176 
ILE H    H N N 177 
ILE H2   H N N 178 
ILE HA   H N N 179 
ILE HB   H N N 180 
ILE HG12 H N N 181 
ILE HG13 H N N 182 
ILE HG21 H N N 183 
ILE HG22 H N N 184 
ILE HG23 H N N 185 
ILE HD11 H N N 186 
ILE HD12 H N N 187 
ILE HD13 H N N 188 
ILE HXT  H N N 189 
LEU N    N N N 190 
LEU CA   C N S 191 
LEU C    C N N 192 
LEU O    O N N 193 
LEU CB   C N N 194 
LEU CG   C N N 195 
LEU CD1  C N N 196 
LEU CD2  C N N 197 
LEU OXT  O N N 198 
LEU H    H N N 199 
LEU H2   H N N 200 
LEU HA   H N N 201 
LEU HB2  H N N 202 
LEU HB3  H N N 203 
LEU HG   H N N 204 
LEU HD11 H N N 205 
LEU HD12 H N N 206 
LEU HD13 H N N 207 
LEU HD21 H N N 208 
LEU HD22 H N N 209 
LEU HD23 H N N 210 
LEU HXT  H N N 211 
LYS N    N N N 212 
LYS CA   C N S 213 
LYS C    C N N 214 
LYS O    O N N 215 
LYS CB   C N N 216 
LYS CG   C N N 217 
LYS CD   C N N 218 
LYS CE   C N N 219 
LYS NZ   N N N 220 
LYS OXT  O N N 221 
LYS H    H N N 222 
LYS H2   H N N 223 
LYS HA   H N N 224 
LYS HB2  H N N 225 
LYS HB3  H N N 226 
LYS HG2  H N N 227 
LYS HG3  H N N 228 
LYS HD2  H N N 229 
LYS HD3  H N N 230 
LYS HE2  H N N 231 
LYS HE3  H N N 232 
LYS HZ1  H N N 233 
LYS HZ2  H N N 234 
LYS HZ3  H N N 235 
LYS HXT  H N N 236 
MET N    N N N 237 
MET CA   C N S 238 
MET C    C N N 239 
MET O    O N N 240 
MET CB   C N N 241 
MET CG   C N N 242 
MET SD   S N N 243 
MET CE   C N N 244 
MET OXT  O N N 245 
MET H    H N N 246 
MET H2   H N N 247 
MET HA   H N N 248 
MET HB2  H N N 249 
MET HB3  H N N 250 
MET HG2  H N N 251 
MET HG3  H N N 252 
MET HE1  H N N 253 
MET HE2  H N N 254 
MET HE3  H N N 255 
MET HXT  H N N 256 
PHE N    N N N 257 
PHE CA   C N S 258 
PHE C    C N N 259 
PHE O    O N N 260 
PHE CB   C N N 261 
PHE CG   C Y N 262 
PHE CD1  C Y N 263 
PHE CD2  C Y N 264 
PHE CE1  C Y N 265 
PHE CE2  C Y N 266 
PHE CZ   C Y N 267 
PHE OXT  O N N 268 
PHE H    H N N 269 
PHE H2   H N N 270 
PHE HA   H N N 271 
PHE HB2  H N N 272 
PHE HB3  H N N 273 
PHE HD1  H N N 274 
PHE HD2  H N N 275 
PHE HE1  H N N 276 
PHE HE2  H N N 277 
PHE HZ   H N N 278 
PHE HXT  H N N 279 
PRO N    N N N 280 
PRO CA   C N S 281 
PRO C    C N N 282 
PRO O    O N N 283 
PRO CB   C N N 284 
PRO CG   C N N 285 
PRO CD   C N N 286 
PRO OXT  O N N 287 
PRO H    H N N 288 
PRO HA   H N N 289 
PRO HB2  H N N 290 
PRO HB3  H N N 291 
PRO HG2  H N N 292 
PRO HG3  H N N 293 
PRO HD2  H N N 294 
PRO HD3  H N N 295 
PRO HXT  H N N 296 
THR N    N N N 297 
THR CA   C N S 298 
THR C    C N N 299 
THR O    O N N 300 
THR CB   C N R 301 
THR OG1  O N N 302 
THR CG2  C N N 303 
THR OXT  O N N 304 
THR H    H N N 305 
THR H2   H N N 306 
THR HA   H N N 307 
THR HB   H N N 308 
THR HG1  H N N 309 
THR HG21 H N N 310 
THR HG22 H N N 311 
THR HG23 H N N 312 
THR HXT  H N N 313 
TRP N    N N N 314 
TRP CA   C N S 315 
TRP C    C N N 316 
TRP O    O N N 317 
TRP CB   C N N 318 
TRP CG   C Y N 319 
TRP CD1  C Y N 320 
TRP CD2  C Y N 321 
TRP NE1  N Y N 322 
TRP CE2  C Y N 323 
TRP CE3  C Y N 324 
TRP CZ2  C Y N 325 
TRP CZ3  C Y N 326 
TRP CH2  C Y N 327 
TRP OXT  O N N 328 
TRP H    H N N 329 
TRP H2   H N N 330 
TRP HA   H N N 331 
TRP HB2  H N N 332 
TRP HB3  H N N 333 
TRP HD1  H N N 334 
TRP HE1  H N N 335 
TRP HE3  H N N 336 
TRP HZ2  H N N 337 
TRP HZ3  H N N 338 
TRP HH2  H N N 339 
TRP HXT  H N N 340 
TYR N    N N N 341 
TYR CA   C N S 342 
TYR C    C N N 343 
TYR O    O N N 344 
TYR CB   C N N 345 
TYR CG   C Y N 346 
TYR CD1  C Y N 347 
TYR CD2  C Y N 348 
TYR CE1  C Y N 349 
TYR CE2  C Y N 350 
TYR CZ   C Y N 351 
TYR OH   O N N 352 
TYR OXT  O N N 353 
TYR H    H N N 354 
TYR H2   H N N 355 
TYR HA   H N N 356 
TYR HB2  H N N 357 
TYR HB3  H N N 358 
TYR HD1  H N N 359 
TYR HD2  H N N 360 
TYR HE1  H N N 361 
TYR HE2  H N N 362 
TYR HH   H N N 363 
TYR HXT  H N N 364 
VAL N    N N N 365 
VAL CA   C N S 366 
VAL C    C N N 367 
VAL O    O N N 368 
VAL CB   C N N 369 
VAL CG1  C N N 370 
VAL CG2  C N N 371 
VAL OXT  O N N 372 
VAL H    H N N 373 
VAL H2   H N N 374 
VAL HA   H N N 375 
VAL HB   H N N 376 
VAL HG11 H N N 377 
VAL HG12 H N N 378 
VAL HG13 H N N 379 
VAL HG21 H N N 380 
VAL HG22 H N N 381 
VAL HG23 H N N 382 
VAL HXT  H N N 383 
# 
loop_
_chem_comp_bond.comp_id 
_chem_comp_bond.atom_id_1 
_chem_comp_bond.atom_id_2 
_chem_comp_bond.value_order 
_chem_comp_bond.pdbx_aromatic_flag 
_chem_comp_bond.pdbx_stereo_config 
_chem_comp_bond.pdbx_ordinal 
ACT C   O    doub N N 1   
ACT C   OXT  sing N N 2   
ACT C   CH3  sing N N 3   
ACT CH3 H1   sing N N 4   
ACT CH3 H2   sing N N 5   
ACT CH3 H3   sing N N 6   
ALA N   CA   sing N N 7   
ALA N   H    sing N N 8   
ALA N   H2   sing N N 9   
ALA CA  C    sing N N 10  
ALA CA  CB   sing N N 11  
ALA CA  HA   sing N N 12  
ALA C   O    doub N N 13  
ALA C   OXT  sing N N 14  
ALA CB  HB1  sing N N 15  
ALA CB  HB2  sing N N 16  
ALA CB  HB3  sing N N 17  
ALA OXT HXT  sing N N 18  
ARG N   CA   sing N N 19  
ARG N   H    sing N N 20  
ARG N   H2   sing N N 21  
ARG CA  C    sing N N 22  
ARG CA  CB   sing N N 23  
ARG CA  HA   sing N N 24  
ARG C   O    doub N N 25  
ARG C   OXT  sing N N 26  
ARG CB  CG   sing N N 27  
ARG CB  HB2  sing N N 28  
ARG CB  HB3  sing N N 29  
ARG CG  CD   sing N N 30  
ARG CG  HG2  sing N N 31  
ARG CG  HG3  sing N N 32  
ARG CD  NE   sing N N 33  
ARG CD  HD2  sing N N 34  
ARG CD  HD3  sing N N 35  
ARG NE  CZ   sing N N 36  
ARG NE  HE   sing N N 37  
ARG CZ  NH1  sing N N 38  
ARG CZ  NH2  doub N N 39  
ARG NH1 HH11 sing N N 40  
ARG NH1 HH12 sing N N 41  
ARG NH2 HH21 sing N N 42  
ARG NH2 HH22 sing N N 43  
ARG OXT HXT  sing N N 44  
ASN N   CA   sing N N 45  
ASN N   H    sing N N 46  
ASN N   H2   sing N N 47  
ASN CA  C    sing N N 48  
ASN CA  CB   sing N N 49  
ASN CA  HA   sing N N 50  
ASN C   O    doub N N 51  
ASN C   OXT  sing N N 52  
ASN CB  CG   sing N N 53  
ASN CB  HB2  sing N N 54  
ASN CB  HB3  sing N N 55  
ASN CG  OD1  doub N N 56  
ASN CG  ND2  sing N N 57  
ASN ND2 HD21 sing N N 58  
ASN ND2 HD22 sing N N 59  
ASN OXT HXT  sing N N 60  
ASP N   CA   sing N N 61  
ASP N   H    sing N N 62  
ASP N   H2   sing N N 63  
ASP CA  C    sing N N 64  
ASP CA  CB   sing N N 65  
ASP CA  HA   sing N N 66  
ASP C   O    doub N N 67  
ASP C   OXT  sing N N 68  
ASP CB  CG   sing N N 69  
ASP CB  HB2  sing N N 70  
ASP CB  HB3  sing N N 71  
ASP CG  OD1  doub N N 72  
ASP CG  OD2  sing N N 73  
ASP OD2 HD2  sing N N 74  
ASP OXT HXT  sing N N 75  
CYS N   CA   sing N N 76  
CYS N   H    sing N N 77  
CYS N   H2   sing N N 78  
CYS CA  C    sing N N 79  
CYS CA  CB   sing N N 80  
CYS CA  HA   sing N N 81  
CYS C   O    doub N N 82  
CYS C   OXT  sing N N 83  
CYS CB  SG   sing N N 84  
CYS CB  HB2  sing N N 85  
CYS CB  HB3  sing N N 86  
CYS SG  HG   sing N N 87  
CYS OXT HXT  sing N N 88  
GLN N   CA   sing N N 89  
GLN N   H    sing N N 90  
GLN N   H2   sing N N 91  
GLN CA  C    sing N N 92  
GLN CA  CB   sing N N 93  
GLN CA  HA   sing N N 94  
GLN C   O    doub N N 95  
GLN C   OXT  sing N N 96  
GLN CB  CG   sing N N 97  
GLN CB  HB2  sing N N 98  
GLN CB  HB3  sing N N 99  
GLN CG  CD   sing N N 100 
GLN CG  HG2  sing N N 101 
GLN CG  HG3  sing N N 102 
GLN CD  OE1  doub N N 103 
GLN CD  NE2  sing N N 104 
GLN NE2 HE21 sing N N 105 
GLN NE2 HE22 sing N N 106 
GLN OXT HXT  sing N N 107 
GLU N   CA   sing N N 108 
GLU N   H    sing N N 109 
GLU N   H2   sing N N 110 
GLU CA  C    sing N N 111 
GLU CA  CB   sing N N 112 
GLU CA  HA   sing N N 113 
GLU C   O    doub N N 114 
GLU C   OXT  sing N N 115 
GLU CB  CG   sing N N 116 
GLU CB  HB2  sing N N 117 
GLU CB  HB3  sing N N 118 
GLU CG  CD   sing N N 119 
GLU CG  HG2  sing N N 120 
GLU CG  HG3  sing N N 121 
GLU CD  OE1  doub N N 122 
GLU CD  OE2  sing N N 123 
GLU OE2 HE2  sing N N 124 
GLU OXT HXT  sing N N 125 
GLY N   CA   sing N N 126 
GLY N   H    sing N N 127 
GLY N   H2   sing N N 128 
GLY CA  C    sing N N 129 
GLY CA  HA2  sing N N 130 
GLY CA  HA3  sing N N 131 
GLY C   O    doub N N 132 
GLY C   OXT  sing N N 133 
GLY OXT HXT  sing N N 134 
HIS N   CA   sing N N 135 
HIS N   H    sing N N 136 
HIS N   H2   sing N N 137 
HIS CA  C    sing N N 138 
HIS CA  CB   sing N N 139 
HIS CA  HA   sing N N 140 
HIS C   O    doub N N 141 
HIS C   OXT  sing N N 142 
HIS CB  CG   sing N N 143 
HIS CB  HB2  sing N N 144 
HIS CB  HB3  sing N N 145 
HIS CG  ND1  sing Y N 146 
HIS CG  CD2  doub Y N 147 
HIS ND1 CE1  doub Y N 148 
HIS ND1 HD1  sing N N 149 
HIS CD2 NE2  sing Y N 150 
HIS CD2 HD2  sing N N 151 
HIS CE1 NE2  sing Y N 152 
HIS CE1 HE1  sing N N 153 
HIS NE2 HE2  sing N N 154 
HIS OXT HXT  sing N N 155 
HOH O   H1   sing N N 156 
HOH O   H2   sing N N 157 
ILE N   CA   sing N N 158 
ILE N   H    sing N N 159 
ILE N   H2   sing N N 160 
ILE CA  C    sing N N 161 
ILE CA  CB   sing N N 162 
ILE CA  HA   sing N N 163 
ILE C   O    doub N N 164 
ILE C   OXT  sing N N 165 
ILE CB  CG1  sing N N 166 
ILE CB  CG2  sing N N 167 
ILE CB  HB   sing N N 168 
ILE CG1 CD1  sing N N 169 
ILE CG1 HG12 sing N N 170 
ILE CG1 HG13 sing N N 171 
ILE CG2 HG21 sing N N 172 
ILE CG2 HG22 sing N N 173 
ILE CG2 HG23 sing N N 174 
ILE CD1 HD11 sing N N 175 
ILE CD1 HD12 sing N N 176 
ILE CD1 HD13 sing N N 177 
ILE OXT HXT  sing N N 178 
LEU N   CA   sing N N 179 
LEU N   H    sing N N 180 
LEU N   H2   sing N N 181 
LEU CA  C    sing N N 182 
LEU CA  CB   sing N N 183 
LEU CA  HA   sing N N 184 
LEU C   O    doub N N 185 
LEU C   OXT  sing N N 186 
LEU CB  CG   sing N N 187 
LEU CB  HB2  sing N N 188 
LEU CB  HB3  sing N N 189 
LEU CG  CD1  sing N N 190 
LEU CG  CD2  sing N N 191 
LEU CG  HG   sing N N 192 
LEU CD1 HD11 sing N N 193 
LEU CD1 HD12 sing N N 194 
LEU CD1 HD13 sing N N 195 
LEU CD2 HD21 sing N N 196 
LEU CD2 HD22 sing N N 197 
LEU CD2 HD23 sing N N 198 
LEU OXT HXT  sing N N 199 
LYS N   CA   sing N N 200 
LYS N   H    sing N N 201 
LYS N   H2   sing N N 202 
LYS CA  C    sing N N 203 
LYS CA  CB   sing N N 204 
LYS CA  HA   sing N N 205 
LYS C   O    doub N N 206 
LYS C   OXT  sing N N 207 
LYS CB  CG   sing N N 208 
LYS CB  HB2  sing N N 209 
LYS CB  HB3  sing N N 210 
LYS CG  CD   sing N N 211 
LYS CG  HG2  sing N N 212 
LYS CG  HG3  sing N N 213 
LYS CD  CE   sing N N 214 
LYS CD  HD2  sing N N 215 
LYS CD  HD3  sing N N 216 
LYS CE  NZ   sing N N 217 
LYS CE  HE2  sing N N 218 
LYS CE  HE3  sing N N 219 
LYS NZ  HZ1  sing N N 220 
LYS NZ  HZ2  sing N N 221 
LYS NZ  HZ3  sing N N 222 
LYS OXT HXT  sing N N 223 
MET N   CA   sing N N 224 
MET N   H    sing N N 225 
MET N   H2   sing N N 226 
MET CA  C    sing N N 227 
MET CA  CB   sing N N 228 
MET CA  HA   sing N N 229 
MET C   O    doub N N 230 
MET C   OXT  sing N N 231 
MET CB  CG   sing N N 232 
MET CB  HB2  sing N N 233 
MET CB  HB3  sing N N 234 
MET CG  SD   sing N N 235 
MET CG  HG2  sing N N 236 
MET CG  HG3  sing N N 237 
MET SD  CE   sing N N 238 
MET CE  HE1  sing N N 239 
MET CE  HE2  sing N N 240 
MET CE  HE3  sing N N 241 
MET OXT HXT  sing N N 242 
PHE N   CA   sing N N 243 
PHE N   H    sing N N 244 
PHE N   H2   sing N N 245 
PHE CA  C    sing N N 246 
PHE CA  CB   sing N N 247 
PHE CA  HA   sing N N 248 
PHE C   O    doub N N 249 
PHE C   OXT  sing N N 250 
PHE CB  CG   sing N N 251 
PHE CB  HB2  sing N N 252 
PHE CB  HB3  sing N N 253 
PHE CG  CD1  doub Y N 254 
PHE CG  CD2  sing Y N 255 
PHE CD1 CE1  sing Y N 256 
PHE CD1 HD1  sing N N 257 
PHE CD2 CE2  doub Y N 258 
PHE CD2 HD2  sing N N 259 
PHE CE1 CZ   doub Y N 260 
PHE CE1 HE1  sing N N 261 
PHE CE2 CZ   sing Y N 262 
PHE CE2 HE2  sing N N 263 
PHE CZ  HZ   sing N N 264 
PHE OXT HXT  sing N N 265 
PRO N   CA   sing N N 266 
PRO N   CD   sing N N 267 
PRO N   H    sing N N 268 
PRO CA  C    sing N N 269 
PRO CA  CB   sing N N 270 
PRO CA  HA   sing N N 271 
PRO C   O    doub N N 272 
PRO C   OXT  sing N N 273 
PRO CB  CG   sing N N 274 
PRO CB  HB2  sing N N 275 
PRO CB  HB3  sing N N 276 
PRO CG  CD   sing N N 277 
PRO CG  HG2  sing N N 278 
PRO CG  HG3  sing N N 279 
PRO CD  HD2  sing N N 280 
PRO CD  HD3  sing N N 281 
PRO OXT HXT  sing N N 282 
THR N   CA   sing N N 283 
THR N   H    sing N N 284 
THR N   H2   sing N N 285 
THR CA  C    sing N N 286 
THR CA  CB   sing N N 287 
THR CA  HA   sing N N 288 
THR C   O    doub N N 289 
THR C   OXT  sing N N 290 
THR CB  OG1  sing N N 291 
THR CB  CG2  sing N N 292 
THR CB  HB   sing N N 293 
THR OG1 HG1  sing N N 294 
THR CG2 HG21 sing N N 295 
THR CG2 HG22 sing N N 296 
THR CG2 HG23 sing N N 297 
THR OXT HXT  sing N N 298 
TRP N   CA   sing N N 299 
TRP N   H    sing N N 300 
TRP N   H2   sing N N 301 
TRP CA  C    sing N N 302 
TRP CA  CB   sing N N 303 
TRP CA  HA   sing N N 304 
TRP C   O    doub N N 305 
TRP C   OXT  sing N N 306 
TRP CB  CG   sing N N 307 
TRP CB  HB2  sing N N 308 
TRP CB  HB3  sing N N 309 
TRP CG  CD1  doub Y N 310 
TRP CG  CD2  sing Y N 311 
TRP CD1 NE1  sing Y N 312 
TRP CD1 HD1  sing N N 313 
TRP CD2 CE2  doub Y N 314 
TRP CD2 CE3  sing Y N 315 
TRP NE1 CE2  sing Y N 316 
TRP NE1 HE1  sing N N 317 
TRP CE2 CZ2  sing Y N 318 
TRP CE3 CZ3  doub Y N 319 
TRP CE3 HE3  sing N N 320 
TRP CZ2 CH2  doub Y N 321 
TRP CZ2 HZ2  sing N N 322 
TRP CZ3 CH2  sing Y N 323 
TRP CZ3 HZ3  sing N N 324 
TRP CH2 HH2  sing N N 325 
TRP OXT HXT  sing N N 326 
TYR N   CA   sing N N 327 
TYR N   H    sing N N 328 
TYR N   H2   sing N N 329 
TYR CA  C    sing N N 330 
TYR CA  CB   sing N N 331 
TYR CA  HA   sing N N 332 
TYR C   O    doub N N 333 
TYR C   OXT  sing N N 334 
TYR CB  CG   sing N N 335 
TYR CB  HB2  sing N N 336 
TYR CB  HB3  sing N N 337 
TYR CG  CD1  doub Y N 338 
TYR CG  CD2  sing Y N 339 
TYR CD1 CE1  sing Y N 340 
TYR CD1 HD1  sing N N 341 
TYR CD2 CE2  doub Y N 342 
TYR CD2 HD2  sing N N 343 
TYR CE1 CZ   doub Y N 344 
TYR CE1 HE1  sing N N 345 
TYR CE2 CZ   sing Y N 346 
TYR CE2 HE2  sing N N 347 
TYR CZ  OH   sing N N 348 
TYR OH  HH   sing N N 349 
TYR OXT HXT  sing N N 350 
VAL N   CA   sing N N 351 
VAL N   H    sing N N 352 
VAL N   H2   sing N N 353 
VAL CA  C    sing N N 354 
VAL CA  CB   sing N N 355 
VAL CA  HA   sing N N 356 
VAL C   O    doub N N 357 
VAL C   OXT  sing N N 358 
VAL CB  CG1  sing N N 359 
VAL CB  CG2  sing N N 360 
VAL CB  HB   sing N N 361 
VAL CG1 HG11 sing N N 362 
VAL CG1 HG12 sing N N 363 
VAL CG1 HG13 sing N N 364 
VAL CG2 HG21 sing N N 365 
VAL CG2 HG22 sing N N 366 
VAL CG2 HG23 sing N N 367 
VAL OXT HXT  sing N N 368 
# 
loop_
_pdbx_entity_nonpoly.entity_id 
_pdbx_entity_nonpoly.name 
_pdbx_entity_nonpoly.comp_id 
3 'ACETATE ION' ACT 
4 water         HOH 
# 
_pdbx_initial_refinement_model.id               1 
_pdbx_initial_refinement_model.entity_id_list   ? 
_pdbx_initial_refinement_model.type             'experimental model' 
_pdbx_initial_refinement_model.source_name      PDB 
_pdbx_initial_refinement_model.accession_code   1F7A 
_pdbx_initial_refinement_model.details          'PDB ENTRY 1F7A' 
# 
